data_3ONK
# 
_entry.id   3ONK 
# 
_audit_conform.dict_name       mmcif_pdbx.dic 
_audit_conform.dict_version    5.380 
_audit_conform.dict_location   http://mmcif.pdb.org/dictionaries/ascii/mmcif_pdbx.dic 
# 
loop_
_database_2.database_id 
_database_2.database_code 
_database_2.pdbx_database_accession 
_database_2.pdbx_DOI 
PDB   3ONK         pdb_00003onk 10.2210/pdb3onk/pdb 
RCSB  RCSB061340   ?            ?                   
WWPDB D_1000061340 ?            ?                   
# 
loop_
_pdbx_database_related.db_name 
_pdbx_database_related.db_id 
_pdbx_database_related.details 
_pdbx_database_related.content_type 
PDB 3ONJ 'yeast Vti1p_Habc domain'                      unspecified 
PDB 3ONL 'yeast Ent3_ENTH-Vti1p_Habc complex structure' unspecified 
# 
_pdbx_database_status.entry_id                        3ONK 
_pdbx_database_status.deposit_site                    RCSB 
_pdbx_database_status.process_site                    PDBJ 
_pdbx_database_status.recvd_initial_deposition_date   2010-08-29 
_pdbx_database_status.status_code                     REL 
_pdbx_database_status.status_code_sf                  REL 
_pdbx_database_status.status_code_mr                  ? 
_pdbx_database_status.SG_entry                        ? 
_pdbx_database_status.status_code_cs                  ? 
_pdbx_database_status.pdb_format_compatible           Y 
_pdbx_database_status.status_code_nmr_data            ? 
_pdbx_database_status.methods_development_category    ? 
# 
loop_
_audit_author.name 
_audit_author.pdbx_ordinal 
'Wang, J.' 1 
'Fang, P.' 2 
'Niu, L.'  3 
'Teng, M.' 4 
# 
_citation.id                        primary 
_citation.title                     'Epsin N-terminal homology domains bind on opposite sides of two SNAREs' 
_citation.journal_abbrev            Proc.Natl.Acad.Sci.USA 
_citation.journal_volume            108 
_citation.page_first                12277 
_citation.page_last                 12282 
_citation.year                      2011 
_citation.journal_id_ASTM           PNASA6 
_citation.country                   US 
_citation.journal_id_ISSN           0027-8424 
_citation.journal_id_CSD            0040 
_citation.book_publisher            ? 
_citation.pdbx_database_id_PubMed   21746902 
_citation.pdbx_database_id_DOI      10.1073/pnas.1013101108 
# 
loop_
_citation_author.citation_id 
_citation_author.name 
_citation_author.ordinal 
_citation_author.identifier_ORCID 
primary 'Wang, J.'          1 ? 
primary 'Gossing, M.'       2 ? 
primary 'Fang, P.'          3 ? 
primary 'Zimmermann, J.'    4 ? 
primary 'Li, X.'            5 ? 
primary 'von Mollard, G.F.' 6 ? 
primary 'Niu, L.'           7 ? 
primary 'Teng, M.'          8 ? 
# 
_cell.length_a           26.600 
_cell.length_b           37.589 
_cell.length_c           38.109 
_cell.angle_alpha        77.810 
_cell.angle_beta         86.640 
_cell.angle_gamma        65.540 
_cell.entry_id           3ONK 
_cell.pdbx_unique_axis   ? 
_cell.Z_PDB              1 
_cell.length_a_esd       ? 
_cell.length_b_esd       ? 
_cell.length_c_esd       ? 
_cell.angle_alpha_esd    ? 
_cell.angle_beta_esd     ? 
_cell.angle_gamma_esd    ? 
# 
_symmetry.space_group_name_H-M             'P 1' 
_symmetry.entry_id                         3ONK 
_symmetry.pdbx_full_space_group_name_H-M   ? 
_symmetry.Int_Tables_number                1 
_symmetry.cell_setting                     ? 
_symmetry.space_group_name_Hall            ? 
# 
loop_
_entity.id 
_entity.type 
_entity.src_method 
_entity.pdbx_description 
_entity.formula_weight 
_entity.pdbx_number_of_molecules 
_entity.pdbx_ec 
_entity.pdbx_mutation 
_entity.pdbx_fragment 
_entity.details 
1 polymer man Epsin-3 17621.947 1  ? ? 'ENTH domain, residues 28-170' ? 
2 water   nat water   18.015    33 ? ? ?                              ? 
# 
_entity_name_com.entity_id   1 
_entity_name_com.name        ENT3 
# 
_entity_poly.entity_id                      1 
_entity_poly.type                           'polypeptide(L)' 
_entity_poly.nstd_linkage                   no 
_entity_poly.nstd_monomer                   no 
_entity_poly.pdbx_seq_one_letter_code       
;SLMSVDPNYTEMEGKVREATNNEPWGASSTLMDQISQGTYNFREREEILSMIFRRFTEKAGSEWRQIYKALQLLDYLIKH
GSERFIDDTRNSINLIRILETFHYIDSQGRDQGINVRTRVKALIELLSDDNKIRAERKKARETAKKYKGV
;
_entity_poly.pdbx_seq_one_letter_code_can   
;SLMSVDPNYTEMEGKVREATNNEPWGASSTLMDQISQGTYNFREREEILSMIFRRFTEKAGSEWRQIYKALQLLDYLIKH
GSERFIDDTRNSINLIRILETFHYIDSQGRDQGINVRTRVKALIELLSDDNKIRAERKKARETAKKYKGV
;
_entity_poly.pdbx_strand_id                 A 
_entity_poly.pdbx_target_identifier         ? 
# 
loop_
_entity_poly_seq.entity_id 
_entity_poly_seq.num 
_entity_poly_seq.mon_id 
_entity_poly_seq.hetero 
1 1   SER n 
1 2   LEU n 
1 3   MET n 
1 4   SER n 
1 5   VAL n 
1 6   ASP n 
1 7   PRO n 
1 8   ASN n 
1 9   TYR n 
1 10  THR n 
1 11  GLU n 
1 12  MET n 
1 13  GLU n 
1 14  GLY n 
1 15  LYS n 
1 16  VAL n 
1 17  ARG n 
1 18  GLU n 
1 19  ALA n 
1 20  THR n 
1 21  ASN n 
1 22  ASN n 
1 23  GLU n 
1 24  PRO n 
1 25  TRP n 
1 26  GLY n 
1 27  ALA n 
1 28  SER n 
1 29  SER n 
1 30  THR n 
1 31  LEU n 
1 32  MET n 
1 33  ASP n 
1 34  GLN n 
1 35  ILE n 
1 36  SER n 
1 37  GLN n 
1 38  GLY n 
1 39  THR n 
1 40  TYR n 
1 41  ASN n 
1 42  PHE n 
1 43  ARG n 
1 44  GLU n 
1 45  ARG n 
1 46  GLU n 
1 47  GLU n 
1 48  ILE n 
1 49  LEU n 
1 50  SER n 
1 51  MET n 
1 52  ILE n 
1 53  PHE n 
1 54  ARG n 
1 55  ARG n 
1 56  PHE n 
1 57  THR n 
1 58  GLU n 
1 59  LYS n 
1 60  ALA n 
1 61  GLY n 
1 62  SER n 
1 63  GLU n 
1 64  TRP n 
1 65  ARG n 
1 66  GLN n 
1 67  ILE n 
1 68  TYR n 
1 69  LYS n 
1 70  ALA n 
1 71  LEU n 
1 72  GLN n 
1 73  LEU n 
1 74  LEU n 
1 75  ASP n 
1 76  TYR n 
1 77  LEU n 
1 78  ILE n 
1 79  LYS n 
1 80  HIS n 
1 81  GLY n 
1 82  SER n 
1 83  GLU n 
1 84  ARG n 
1 85  PHE n 
1 86  ILE n 
1 87  ASP n 
1 88  ASP n 
1 89  THR n 
1 90  ARG n 
1 91  ASN n 
1 92  SER n 
1 93  ILE n 
1 94  ASN n 
1 95  LEU n 
1 96  ILE n 
1 97  ARG n 
1 98  ILE n 
1 99  LEU n 
1 100 GLU n 
1 101 THR n 
1 102 PHE n 
1 103 HIS n 
1 104 TYR n 
1 105 ILE n 
1 106 ASP n 
1 107 SER n 
1 108 GLN n 
1 109 GLY n 
1 110 ARG n 
1 111 ASP n 
1 112 GLN n 
1 113 GLY n 
1 114 ILE n 
1 115 ASN n 
1 116 VAL n 
1 117 ARG n 
1 118 THR n 
1 119 ARG n 
1 120 VAL n 
1 121 LYS n 
1 122 ALA n 
1 123 LEU n 
1 124 ILE n 
1 125 GLU n 
1 126 LEU n 
1 127 LEU n 
1 128 SER n 
1 129 ASP n 
1 130 ASP n 
1 131 ASN n 
1 132 LYS n 
1 133 ILE n 
1 134 ARG n 
1 135 ALA n 
1 136 GLU n 
1 137 ARG n 
1 138 LYS n 
1 139 LYS n 
1 140 ALA n 
1 141 ARG n 
1 142 GLU n 
1 143 THR n 
1 144 ALA n 
1 145 LYS n 
1 146 LYS n 
1 147 TYR n 
1 148 LYS n 
1 149 GLY n 
1 150 VAL n 
# 
_entity_src_gen.entity_id                          1 
_entity_src_gen.pdbx_src_id                        1 
_entity_src_gen.pdbx_alt_source_flag               sample 
_entity_src_gen.pdbx_seq_type                      ? 
_entity_src_gen.pdbx_beg_seq_num                   ? 
_entity_src_gen.pdbx_end_seq_num                   ? 
_entity_src_gen.gene_src_common_name               yeast 
_entity_src_gen.gene_src_genus                     ? 
_entity_src_gen.pdbx_gene_src_gene                 ? 
_entity_src_gen.gene_src_species                   ? 
_entity_src_gen.gene_src_strain                    ? 
_entity_src_gen.gene_src_tissue                    ? 
_entity_src_gen.gene_src_tissue_fraction           ? 
_entity_src_gen.gene_src_details                   ? 
_entity_src_gen.pdbx_gene_src_fragment             ? 
_entity_src_gen.pdbx_gene_src_scientific_name      'Saccharomyces cerevisiae' 
_entity_src_gen.pdbx_gene_src_ncbi_taxonomy_id     4932 
_entity_src_gen.pdbx_gene_src_variant              ? 
_entity_src_gen.pdbx_gene_src_cell_line            ? 
_entity_src_gen.pdbx_gene_src_atcc                 ? 
_entity_src_gen.pdbx_gene_src_organ                ? 
_entity_src_gen.pdbx_gene_src_organelle            ? 
_entity_src_gen.pdbx_gene_src_cell                 ? 
_entity_src_gen.pdbx_gene_src_cellular_location    ? 
_entity_src_gen.host_org_common_name               ? 
_entity_src_gen.pdbx_host_org_scientific_name      'Escherichia coli' 
_entity_src_gen.pdbx_host_org_ncbi_taxonomy_id     469008 
_entity_src_gen.host_org_genus                     ? 
_entity_src_gen.pdbx_host_org_gene                 ? 
_entity_src_gen.pdbx_host_org_organ                ? 
_entity_src_gen.host_org_species                   ? 
_entity_src_gen.pdbx_host_org_tissue               ? 
_entity_src_gen.pdbx_host_org_tissue_fraction      ? 
_entity_src_gen.pdbx_host_org_strain               'Bl21 (DE3)' 
_entity_src_gen.pdbx_host_org_variant              ? 
_entity_src_gen.pdbx_host_org_cell_line            ? 
_entity_src_gen.pdbx_host_org_atcc                 ? 
_entity_src_gen.pdbx_host_org_culture_collection   ? 
_entity_src_gen.pdbx_host_org_cell                 ? 
_entity_src_gen.pdbx_host_org_organelle            ? 
_entity_src_gen.pdbx_host_org_cellular_location    ? 
_entity_src_gen.pdbx_host_org_vector_type          plasmid 
_entity_src_gen.pdbx_host_org_vector               ? 
_entity_src_gen.host_org_details                   ? 
_entity_src_gen.expression_system_id               ? 
_entity_src_gen.plasmid_name                       'pET22b(+)' 
_entity_src_gen.plasmid_details                    ? 
_entity_src_gen.pdbx_description                   ? 
# 
_struct_ref.id                         1 
_struct_ref.db_name                    UNP 
_struct_ref.db_code                    ENT3_YEAST 
_struct_ref.pdbx_db_accession          P47160 
_struct_ref.entity_id                  1 
_struct_ref.pdbx_seq_one_letter_code   
;NYTEMEGKVREATNNEPWGASSTLMDQISQGTYNFREREEILSMIFRRFTEKAGSEWRQIYKALQLLDYLIKHGSERFID
DTRNSINLIRILETFHYIDSQGRDQGINVRTRVKALIELLSDDNKIRAERKKARETAKKYKGV
;
_struct_ref.pdbx_align_begin           28 
_struct_ref.pdbx_db_isoform            ? 
# 
_struct_ref_seq.align_id                      1 
_struct_ref_seq.ref_id                        1 
_struct_ref_seq.pdbx_PDB_id_code              3ONK 
_struct_ref_seq.pdbx_strand_id                A 
_struct_ref_seq.seq_align_beg                 8 
_struct_ref_seq.pdbx_seq_align_beg_ins_code   ? 
_struct_ref_seq.seq_align_end                 150 
_struct_ref_seq.pdbx_seq_align_end_ins_code   ? 
_struct_ref_seq.pdbx_db_accession             P47160 
_struct_ref_seq.db_align_beg                  28 
_struct_ref_seq.pdbx_db_align_beg_ins_code    ? 
_struct_ref_seq.db_align_end                  170 
_struct_ref_seq.pdbx_db_align_end_ins_code    ? 
_struct_ref_seq.pdbx_auth_seq_align_beg       28 
_struct_ref_seq.pdbx_auth_seq_align_end       170 
# 
loop_
_struct_ref_seq_dif.align_id 
_struct_ref_seq_dif.pdbx_pdb_id_code 
_struct_ref_seq_dif.mon_id 
_struct_ref_seq_dif.pdbx_pdb_strand_id 
_struct_ref_seq_dif.seq_num 
_struct_ref_seq_dif.pdbx_pdb_ins_code 
_struct_ref_seq_dif.pdbx_seq_db_name 
_struct_ref_seq_dif.pdbx_seq_db_accession_code 
_struct_ref_seq_dif.db_mon_id 
_struct_ref_seq_dif.pdbx_seq_db_seq_num 
_struct_ref_seq_dif.details 
_struct_ref_seq_dif.pdbx_auth_seq_num 
_struct_ref_seq_dif.pdbx_ordinal 
1 3ONK SER A 1 ? UNP P47160 ? ? 'expression tag' 21 1 
1 3ONK LEU A 2 ? UNP P47160 ? ? 'expression tag' 22 2 
1 3ONK MET A 3 ? UNP P47160 ? ? 'expression tag' 23 3 
1 3ONK SER A 4 ? UNP P47160 ? ? 'expression tag' 24 4 
1 3ONK VAL A 5 ? UNP P47160 ? ? 'expression tag' 25 5 
1 3ONK ASP A 6 ? UNP P47160 ? ? 'expression tag' 26 6 
1 3ONK PRO A 7 ? UNP P47160 ? ? 'expression tag' 27 7 
# 
loop_
_chem_comp.id 
_chem_comp.type 
_chem_comp.mon_nstd_flag 
_chem_comp.name 
_chem_comp.pdbx_synonyms 
_chem_comp.formula 
_chem_comp.formula_weight 
ALA 'L-peptide linking' y ALANINE         ? 'C3 H7 N O2'     89.093  
ARG 'L-peptide linking' y ARGININE        ? 'C6 H15 N4 O2 1' 175.209 
ASN 'L-peptide linking' y ASPARAGINE      ? 'C4 H8 N2 O3'    132.118 
ASP 'L-peptide linking' y 'ASPARTIC ACID' ? 'C4 H7 N O4'     133.103 
GLN 'L-peptide linking' y GLUTAMINE       ? 'C5 H10 N2 O3'   146.144 
GLU 'L-peptide linking' y 'GLUTAMIC ACID' ? 'C5 H9 N O4'     147.129 
GLY 'peptide linking'   y GLYCINE         ? 'C2 H5 N O2'     75.067  
HIS 'L-peptide linking' y HISTIDINE       ? 'C6 H10 N3 O2 1' 156.162 
HOH non-polymer         . WATER           ? 'H2 O'           18.015  
ILE 'L-peptide linking' y ISOLEUCINE      ? 'C6 H13 N O2'    131.173 
LEU 'L-peptide linking' y LEUCINE         ? 'C6 H13 N O2'    131.173 
LYS 'L-peptide linking' y LYSINE          ? 'C6 H15 N2 O2 1' 147.195 
MET 'L-peptide linking' y METHIONINE      ? 'C5 H11 N O2 S'  149.211 
PHE 'L-peptide linking' y PHENYLALANINE   ? 'C9 H11 N O2'    165.189 
PRO 'L-peptide linking' y PROLINE         ? 'C5 H9 N O2'     115.130 
SER 'L-peptide linking' y SERINE          ? 'C3 H7 N O3'     105.093 
THR 'L-peptide linking' y THREONINE       ? 'C4 H9 N O3'     119.119 
TRP 'L-peptide linking' y TRYPTOPHAN      ? 'C11 H12 N2 O2'  204.225 
TYR 'L-peptide linking' y TYROSINE        ? 'C9 H11 N O3'    181.189 
VAL 'L-peptide linking' y VALINE          ? 'C5 H11 N O2'    117.146 
# 
_exptl.crystals_number   1 
_exptl.entry_id          3ONK 
_exptl.method            'X-RAY DIFFRACTION' 
# 
_exptl_crystal.id                    1 
_exptl_crystal.pdbx_mosaicity        ? 
_exptl_crystal.pdbx_mosaicity_esd    ? 
_exptl_crystal.density_Matthews      1.92 
_exptl_crystal.density_diffrn        ? 
_exptl_crystal.density_meas          ? 
_exptl_crystal.density_meas_temp     ? 
_exptl_crystal.density_percent_sol   36.03 
_exptl_crystal.size_max              ? 
_exptl_crystal.size_mid              ? 
_exptl_crystal.size_min              ? 
_exptl_crystal.size_rad              ? 
_exptl_crystal.description           ? 
_exptl_crystal.F_000                 ? 
_exptl_crystal.preparation           ? 
# 
_exptl_crystal_grow.crystal_id      1 
_exptl_crystal_grow.method          'VAPOR DIFFUSION, HANGING DROP' 
_exptl_crystal_grow.pH              4.0 
_exptl_crystal_grow.temp            288 
_exptl_crystal_grow.temp_details    ? 
_exptl_crystal_grow.pdbx_details    '8% tacsimate, 20% PEG 3350, pH 4.0, VAPOR DIFFUSION, HANGING DROP, temperature 288K' 
_exptl_crystal_grow.pdbx_pH_range   . 
# 
_diffrn.id                     1 
_diffrn.ambient_temp           100 
_diffrn.ambient_temp_details   ? 
_diffrn.crystal_id             1 
# 
_diffrn_detector.diffrn_id              1 
_diffrn_detector.detector               'IMAGE PLATE' 
_diffrn_detector.type                   'RIGAKU RAXIS IV++' 
_diffrn_detector.pdbx_collection_date   2009-09-20 
_diffrn_detector.details                ? 
# 
_diffrn_radiation.diffrn_id                        1 
_diffrn_radiation.wavelength_id                    1 
_diffrn_radiation.pdbx_diffrn_protocol             'SINGLE WAVELENGTH' 
_diffrn_radiation.monochromator                    ? 
_diffrn_radiation.pdbx_monochromatic_or_laue_m_l   M 
_diffrn_radiation.pdbx_scattering_type             x-ray 
# 
_diffrn_radiation_wavelength.id           1 
_diffrn_radiation_wavelength.wavelength   1.5418 
_diffrn_radiation_wavelength.wt           1.0 
# 
_diffrn_source.diffrn_id                   1 
_diffrn_source.source                      'ROTATING ANODE' 
_diffrn_source.type                        'RIGAKU MICROMAX-007' 
_diffrn_source.pdbx_wavelength             ? 
_diffrn_source.pdbx_wavelength_list        1.5418 
_diffrn_source.pdbx_synchrotron_site       ? 
_diffrn_source.pdbx_synchrotron_beamline   ? 
# 
_reflns.entry_id                     3ONK 
_reflns.observed_criterion_sigma_F   ? 
_reflns.observed_criterion_sigma_I   ? 
_reflns.d_resolution_high            2.09 
_reflns.d_resolution_low             40 
_reflns.number_all                   ? 
_reflns.number_obs                   7327 
_reflns.percent_possible_obs         95.1 
_reflns.pdbx_Rmerge_I_obs            ? 
_reflns.pdbx_Rsym_value              ? 
_reflns.pdbx_netI_over_sigmaI        ? 
_reflns.B_iso_Wilson_estimate        ? 
_reflns.pdbx_redundancy              ? 
_reflns.R_free_details               ? 
_reflns.limit_h_max                  ? 
_reflns.limit_h_min                  ? 
_reflns.limit_k_max                  ? 
_reflns.limit_k_min                  ? 
_reflns.limit_l_max                  ? 
_reflns.limit_l_min                  ? 
_reflns.observed_criterion_F_max     ? 
_reflns.observed_criterion_F_min     ? 
_reflns.pdbx_chi_squared             ? 
_reflns.pdbx_scaling_rejects         ? 
_reflns.pdbx_ordinal                 1 
_reflns.pdbx_diffrn_id               1 
# 
_reflns_shell.d_res_high                  2.09 
_reflns_shell.d_res_low                   2.18 
_reflns_shell.percent_possible_obs        ? 
_reflns_shell.percent_possible_all        93.0 
_reflns_shell.Rmerge_I_obs                ? 
_reflns_shell.meanI_over_sigI_obs         ? 
_reflns_shell.pdbx_Rsym_value             ? 
_reflns_shell.pdbx_redundancy             ? 
_reflns_shell.number_unique_all           ? 
_reflns_shell.number_measured_all         ? 
_reflns_shell.number_measured_obs         ? 
_reflns_shell.number_unique_obs           ? 
_reflns_shell.pdbx_chi_squared            ? 
_reflns_shell.pdbx_rejects                ? 
_reflns_shell.pdbx_netI_over_sigmaI_obs   ? 
_reflns_shell.number_possible             ? 
_reflns_shell.Rmerge_F_all                ? 
_reflns_shell.Rmerge_F_obs                ? 
_reflns_shell.Rmerge_I_all                ? 
_reflns_shell.meanI_over_sigI_all         ? 
_reflns_shell.pdbx_Rrim_I_all             ? 
_reflns_shell.pdbx_Rpim_I_all             ? 
_reflns_shell.pdbx_ordinal                1 
_reflns_shell.pdbx_diffrn_id              1 
# 
_refine.entry_id                                 3ONK 
_refine.ls_d_res_high                            2.0900 
_refine.ls_d_res_low                             33.48 
_refine.pdbx_ls_sigma_F                          0.000 
_refine.pdbx_data_cutoff_high_absF               ? 
_refine.pdbx_data_cutoff_low_absF                ? 
_refine.ls_percent_reflns_obs                    94.2700 
_refine.ls_number_reflns_obs                     7326 
_refine.ls_number_reflns_all                     ? 
_refine.pdbx_ls_cross_valid_method               THROUGHOUT 
_refine.pdbx_R_Free_selection_details            RANDOM 
_refine.details                                  'HYDROGENS HAVE BEEN ADDED IN THE RIDING POSITIONS U VALUES: REFINED INDIVIDUALLY' 
_refine.ls_R_factor_all                          ? 
_refine.ls_R_factor_obs                          0.2015 
_refine.ls_R_factor_R_work                       0.1953 
_refine.ls_wR_factor_R_work                      ? 
_refine.ls_R_factor_R_free                       0.2587 
_refine.ls_wR_factor_R_free                      ? 
_refine.ls_percent_reflns_R_free                 9.7000 
_refine.ls_number_reflns_R_free                  714 
_refine.ls_R_factor_R_free_error                 ? 
_refine.B_iso_mean                               28.8799 
_refine.solvent_model_param_bsol                 ? 
_refine.solvent_model_param_ksol                 ? 
_refine.pdbx_isotropic_thermal_model             ? 
_refine.aniso_B[1][1]                            -1.1300 
_refine.aniso_B[2][2]                            1.2600 
_refine.aniso_B[3][3]                            -0.4500 
_refine.aniso_B[1][2]                            0.4700 
_refine.aniso_B[1][3]                            0.2100 
_refine.aniso_B[2][3]                            -0.2100 
_refine.correlation_coeff_Fo_to_Fc               0.9470 
_refine.correlation_coeff_Fo_to_Fc_free          0.9000 
_refine.overall_SU_R_Cruickshank_DPI             ? 
_refine.overall_SU_R_free                        ? 
_refine.pdbx_overall_ESU_R_Free                  0.2370 
_refine.overall_SU_ML                            ? 
_refine.overall_SU_B                             ? 
_refine.solvent_model_details                    MASK 
_refine.pdbx_solvent_vdw_probe_radii             1.4000 
_refine.pdbx_solvent_ion_probe_radii             0.8000 
_refine.pdbx_solvent_shrinkage_radii             0.8000 
_refine.ls_number_parameters                     ? 
_refine.ls_number_restraints                     ? 
_refine.pdbx_starting_model                      'PDB ENTRY 1XGW' 
_refine.pdbx_method_to_determine_struct          'MOLECULAR REPLACEMENT' 
_refine.pdbx_stereochemistry_target_values       'MAXIMUM LIKELIHOOD' 
_refine.pdbx_stereochem_target_val_spec_case     ? 
_refine.overall_FOM_work_R_set                   ? 
_refine.B_iso_max                                66.430 
_refine.B_iso_min                                13.570 
_refine.occupancy_max                            1.000 
_refine.occupancy_min                            1.000 
_refine.pdbx_ls_sigma_I                          ? 
_refine.ls_redundancy_reflns_obs                 ? 
_refine.ls_R_factor_R_free_error_details         ? 
_refine.pdbx_data_cutoff_high_rms_absF           ? 
_refine.overall_FOM_free_R_set                   ? 
_refine.pdbx_refine_id                           'X-RAY DIFFRACTION' 
_refine.pdbx_overall_phase_error                 ? 
_refine.pdbx_diffrn_id                           1 
_refine.pdbx_overall_ESU_R                       ? 
_refine.pdbx_TLS_residual_ADP_flag               ? 
_refine.pdbx_overall_SU_R_free_Cruickshank_DPI   ? 
_refine.pdbx_overall_SU_R_Blow_DPI               ? 
_refine.pdbx_overall_SU_R_free_Blow_DPI          ? 
# 
_refine_hist.pdbx_refine_id                   'X-RAY DIFFRACTION' 
_refine_hist.cycle_id                         LAST 
_refine_hist.pdbx_number_atoms_protein        1110 
_refine_hist.pdbx_number_atoms_nucleic_acid   0 
_refine_hist.pdbx_number_atoms_ligand         0 
_refine_hist.number_atoms_solvent             33 
_refine_hist.number_atoms_total               1143 
_refine_hist.d_res_high                       2.0900 
_refine_hist.d_res_low                        33.48 
# 
loop_
_refine_ls_restr.type 
_refine_ls_restr.number 
_refine_ls_restr.dev_ideal 
_refine_ls_restr.dev_ideal_target 
_refine_ls_restr.weight 
_refine_ls_restr.pdbx_refine_id 
_refine_ls_restr.pdbx_restraint_function 
r_bond_refined_d       1127 0.008  0.021  ? 'X-RAY DIFFRACTION' ? 
r_angle_refined_deg    1517 1.027  1.942  ? 'X-RAY DIFFRACTION' ? 
r_dihedral_angle_1_deg 136  4.863  5.000  ? 'X-RAY DIFFRACTION' ? 
r_dihedral_angle_2_deg 62   37.757 23.226 ? 'X-RAY DIFFRACTION' ? 
r_dihedral_angle_3_deg 206  17.365 15.000 ? 'X-RAY DIFFRACTION' ? 
r_dihedral_angle_4_deg 14   15.294 15.000 ? 'X-RAY DIFFRACTION' ? 
r_chiral_restr         166  0.074  0.200  ? 'X-RAY DIFFRACTION' ? 
r_gen_planes_refined   861  0.004  0.020  ? 'X-RAY DIFFRACTION' ? 
r_mcbond_it            678  3.215  1.500  ? 'X-RAY DIFFRACTION' ? 
r_mcangle_it           1086 4.318  2.000  ? 'X-RAY DIFFRACTION' ? 
r_scbond_it            449  5.263  3.000  ? 'X-RAY DIFFRACTION' ? 
r_scangle_it           431  7.155  4.500  ? 'X-RAY DIFFRACTION' ? 
# 
_refine_ls_shell.d_res_high                       2.0900 
_refine_ls_shell.d_res_low                        2.1440 
_refine_ls_shell.pdbx_total_number_of_bins_used   20 
_refine_ls_shell.percent_reflns_obs               81.4000 
_refine_ls_shell.number_reflns_R_work             403 
_refine_ls_shell.R_factor_all                     ? 
_refine_ls_shell.R_factor_R_work                  0.2510 
_refine_ls_shell.R_factor_R_free                  0.3130 
_refine_ls_shell.percent_reflns_R_free            ? 
_refine_ls_shell.number_reflns_R_free             52 
_refine_ls_shell.R_factor_R_free_error            ? 
_refine_ls_shell.number_reflns_all                455 
_refine_ls_shell.number_reflns_obs                ? 
_refine_ls_shell.pdbx_refine_id                   'X-RAY DIFFRACTION' 
_refine_ls_shell.redundancy_reflns_obs            ? 
# 
_struct.entry_id                  3ONK 
_struct.title                     'yeast Ent3_ENTH domain' 
_struct.pdbx_model_details        ? 
_struct.pdbx_CASP_flag            ? 
_struct.pdbx_model_type_details   ? 
# 
_struct_keywords.entry_id        3ONK 
_struct_keywords.pdbx_keywords   'PROTEIN TRANSPORT' 
_struct_keywords.text            'helix, Protein transport' 
# 
loop_
_struct_asym.id 
_struct_asym.pdbx_blank_PDB_chainid_flag 
_struct_asym.pdbx_modified 
_struct_asym.entity_id 
_struct_asym.details 
A N N 1 ? 
B N N 2 ? 
# 
_struct_biol.id   1 
# 
loop_
_struct_conf.conf_type_id 
_struct_conf.id 
_struct_conf.pdbx_PDB_helix_id 
_struct_conf.beg_label_comp_id 
_struct_conf.beg_label_asym_id 
_struct_conf.beg_label_seq_id 
_struct_conf.pdbx_beg_PDB_ins_code 
_struct_conf.end_label_comp_id 
_struct_conf.end_label_asym_id 
_struct_conf.end_label_seq_id 
_struct_conf.pdbx_end_PDB_ins_code 
_struct_conf.beg_auth_comp_id 
_struct_conf.beg_auth_asym_id 
_struct_conf.beg_auth_seq_id 
_struct_conf.end_auth_comp_id 
_struct_conf.end_auth_asym_id 
_struct_conf.end_auth_seq_id 
_struct_conf.pdbx_PDB_helix_class 
_struct_conf.details 
_struct_conf.pdbx_PDB_helix_length 
HELX_P HELX_P1 1 THR A 10  ? THR A 20  ? THR A 30  THR A 40  1 ? 11 
HELX_P HELX_P2 2 SER A 28  ? THR A 39  ? SER A 48  THR A 59  1 ? 12 
HELX_P HELX_P3 3 ASN A 41  ? GLU A 58  ? ASN A 61  GLU A 78  1 ? 18 
HELX_P HELX_P4 4 GLU A 63  ? GLY A 81  ? GLU A 83  GLY A 101 1 ? 19 
HELX_P HELX_P5 5 SER A 82  ? ASN A 91  ? SER A 102 ASN A 111 1 ? 10 
HELX_P HELX_P6 6 SER A 92  ? ILE A 98  ? SER A 112 ILE A 118 1 ? 7  
HELX_P HELX_P7 7 LEU A 99  ? PHE A 102 ? LEU A 119 PHE A 122 5 ? 4  
HELX_P HELX_P8 8 GLN A 112 ? SER A 128 ? GLN A 132 SER A 148 1 ? 17 
HELX_P HELX_P9 9 ASP A 129 ? ALA A 144 ? ASP A 149 ALA A 164 1 ? 16 
# 
_struct_conf_type.id          HELX_P 
_struct_conf_type.criteria    ? 
_struct_conf_type.reference   ? 
# 
_atom_sites.entry_id                    3ONK 
_atom_sites.fract_transf_matrix[1][1]   0.03364399 
_atom_sites.fract_transf_matrix[1][2]   -0.01939158 
_atom_sites.fract_transf_matrix[1][3]   -0.01412901 
_atom_sites.fract_transf_matrix[2][1]   -0.02571447 
_atom_sites.fract_transf_matrix[2][2]   -0.01023722 
_atom_sites.fract_transf_matrix[2][3]   -0.01122193 
_atom_sites.fract_transf_matrix[3][1]   0.00568261 
_atom_sites.fract_transf_matrix[3][2]   0.02021124 
_atom_sites.fract_transf_matrix[3][3]   -0.01675331 
_atom_sites.fract_transf_vector[1]      0.032010 
_atom_sites.fract_transf_vector[2]      0.001044 
_atom_sites.fract_transf_vector[3]      0.008363 
# 
loop_
_atom_type.symbol 
C 
N 
O 
S 
# 
loop_
_atom_site.group_PDB 
_atom_site.id 
_atom_site.type_symbol 
_atom_site.label_atom_id 
_atom_site.label_alt_id 
_atom_site.label_comp_id 
_atom_site.label_asym_id 
_atom_site.label_entity_id 
_atom_site.label_seq_id 
_atom_site.pdbx_PDB_ins_code 
_atom_site.Cartn_x 
_atom_site.Cartn_y 
_atom_site.Cartn_z 
_atom_site.occupancy 
_atom_site.B_iso_or_equiv 
_atom_site.pdbx_formal_charge 
_atom_site.auth_seq_id 
_atom_site.auth_comp_id 
_atom_site.auth_asym_id 
_atom_site.auth_atom_id 
_atom_site.pdbx_PDB_model_num 
ATOM   1    N N   . ASN A 1 8   ? 15.821  5.419   14.056  1.00 34.33 ? 28  ASN A N   1 
ATOM   2    C CA  . ASN A 1 8   ? 16.091  4.009   13.787  1.00 30.91 ? 28  ASN A CA  1 
ATOM   3    C C   . ASN A 1 8   ? 14.814  3.200   13.681  1.00 31.82 ? 28  ASN A C   1 
ATOM   4    O O   . ASN A 1 8   ? 13.999  3.180   14.597  1.00 41.37 ? 28  ASN A O   1 
ATOM   5    C CB  . ASN A 1 8   ? 16.993  3.406   14.860  1.00 31.16 ? 28  ASN A CB  1 
ATOM   6    C CG  . ASN A 1 8   ? 18.350  4.086   14.926  1.00 35.20 ? 28  ASN A CG  1 
ATOM   7    O OD1 . ASN A 1 8   ? 19.106  4.095   13.954  1.00 41.48 ? 28  ASN A OD1 1 
ATOM   8    N ND2 . ASN A 1 8   ? 18.655  4.668   16.073  1.00 35.62 ? 28  ASN A ND2 1 
ATOM   9    N N   . TYR A 1 9   ? 14.647  2.516   12.565  1.00 29.54 ? 29  TYR A N   1 
ATOM   10   C CA  . TYR A 1 9   ? 13.415  1.797   12.324  1.00 24.72 ? 29  TYR A CA  1 
ATOM   11   C C   . TYR A 1 9   ? 13.276  0.559   13.210  1.00 23.53 ? 29  TYR A C   1 
ATOM   12   O O   . TYR A 1 9   ? 14.222  -0.184  13.398  1.00 23.59 ? 29  TYR A O   1 
ATOM   13   C CB  . TYR A 1 9   ? 13.317  1.471   10.839  1.00 23.34 ? 29  TYR A CB  1 
ATOM   14   C CG  . TYR A 1 9   ? 13.372  2.735   10.008  1.00 26.71 ? 29  TYR A CG  1 
ATOM   15   C CD1 . TYR A 1 9   ? 14.517  3.080   9.301   1.00 33.97 ? 29  TYR A CD1 1 
ATOM   16   C CD2 . TYR A 1 9   ? 12.294  3.605   9.974   1.00 28.53 ? 29  TYR A CD2 1 
ATOM   17   C CE1 . TYR A 1 9   ? 14.578  4.238   8.556   1.00 33.47 ? 29  TYR A CE1 1 
ATOM   18   C CE2 . TYR A 1 9   ? 12.334  4.771   9.232   1.00 36.30 ? 29  TYR A CE2 1 
ATOM   19   C CZ  . TYR A 1 9   ? 13.482  5.085   8.525   1.00 43.90 ? 29  TYR A CZ  1 
ATOM   20   O OH  . TYR A 1 9   ? 13.534  6.248   7.789   1.00 45.47 ? 29  TYR A OH  1 
ATOM   21   N N   . THR A 1 10  ? 12.093  0.360   13.781  1.00 24.73 ? 30  THR A N   1 
ATOM   22   C CA  . THR A 1 10  ? 11.797  -0.893  14.459  1.00 25.99 ? 30  THR A CA  1 
ATOM   23   C C   . THR A 1 10  ? 11.784  -2.007  13.402  1.00 23.00 ? 30  THR A C   1 
ATOM   24   O O   . THR A 1 10  ? 11.797  -1.745  12.188  1.00 21.22 ? 30  THR A O   1 
ATOM   25   C CB  . THR A 1 10  ? 10.426  -0.866  15.158  1.00 23.30 ? 30  THR A CB  1 
ATOM   26   O OG1 . THR A 1 10  ? 9.404   -0.743  14.163  1.00 23.10 ? 30  THR A OG1 1 
ATOM   27   C CG2 . THR A 1 10  ? 10.322  0.313   16.130  1.00 23.32 ? 30  THR A CG2 1 
ATOM   28   N N   . GLU A 1 11  ? 11.762  -3.244  13.874  1.00 16.41 ? 31  GLU A N   1 
ATOM   29   C CA  . GLU A 1 11  ? 11.731  -4.408  13.001  1.00 23.91 ? 31  GLU A CA  1 
ATOM   30   C C   . GLU A 1 11  ? 10.618  -4.290  11.976  1.00 21.69 ? 31  GLU A C   1 
ATOM   31   O O   . GLU A 1 11  ? 10.834  -4.532  10.790  1.00 22.29 ? 31  GLU A O   1 
ATOM   32   C CB  . GLU A 1 11  ? 11.494  -5.673  13.812  1.00 22.86 ? 31  GLU A CB  1 
ATOM   33   C CG  . GLU A 1 11  ? 12.731  -6.440  14.173  1.00 31.17 ? 31  GLU A CG  1 
ATOM   34   C CD  . GLU A 1 11  ? 12.383  -7.851  14.586  1.00 40.91 ? 31  GLU A CD  1 
ATOM   35   O OE1 . GLU A 1 11  ? 11.945  -8.649  13.712  1.00 39.15 ? 31  GLU A OE1 1 
ATOM   36   O OE2 . GLU A 1 11  ? 12.523  -8.149  15.787  1.00 35.40 ? 31  GLU A OE2 1 
ATOM   37   N N   . MET A 1 12  ? 9.428   -3.923  12.441  1.00 20.24 ? 32  MET A N   1 
ATOM   38   C CA  . MET A 1 12  ? 8.273   -3.828  11.549  1.00 23.95 ? 32  MET A CA  1 
ATOM   39   C C   . MET A 1 12  ? 8.389   -2.654  10.571  1.00 22.76 ? 32  MET A C   1 
ATOM   40   O O   . MET A 1 12  ? 8.012   -2.766  9.410   1.00 21.43 ? 32  MET A O   1 
ATOM   41   C CB  . MET A 1 12  ? 6.966   -3.757  12.344  1.00 25.14 ? 32  MET A CB  1 
ATOM   42   C CG  . MET A 1 12  ? 5.697   -3.728  11.488  1.00 22.88 ? 32  MET A CG  1 
ATOM   43   S SD  . MET A 1 12  ? 5.520   -5.140  10.369  1.00 23.28 ? 32  MET A SD  1 
ATOM   44   C CE  . MET A 1 12  ? 5.421   -6.529  11.490  1.00 14.66 ? 32  MET A CE  1 
ATOM   45   N N   . GLU A 1 13  ? 8.893   -1.522  11.041  1.00 20.69 ? 33  GLU A N   1 
ATOM   46   C CA  . GLU A 1 13  ? 9.111   -0.382  10.156  1.00 20.94 ? 33  GLU A CA  1 
ATOM   47   C C   . GLU A 1 13  ? 10.176  -0.737  9.114   1.00 22.88 ? 33  GLU A C   1 
ATOM   48   O O   . GLU A 1 13  ? 10.132  -0.258  7.978   1.00 25.01 ? 33  GLU A O   1 
ATOM   49   C CB  . GLU A 1 13  ? 9.530   0.859   10.950  1.00 20.19 ? 33  GLU A CB  1 
ATOM   50   C CG  . GLU A 1 13  ? 8.439   1.400   11.846  1.00 20.22 ? 33  GLU A CG  1 
ATOM   51   C CD  . GLU A 1 13  ? 8.952   2.381   12.885  1.00 26.23 ? 33  GLU A CD  1 
ATOM   52   O OE1 . GLU A 1 13  ? 10.183  2.474   13.082  1.00 20.81 ? 33  GLU A OE1 1 
ATOM   53   O OE2 . GLU A 1 13  ? 8.114   3.063   13.506  1.00 27.69 ? 33  GLU A OE2 1 
ATOM   54   N N   . GLY A 1 14  ? 11.115  -1.598  9.499   1.00 20.54 ? 34  GLY A N   1 
ATOM   55   C CA  . GLY A 1 14  ? 12.126  -2.083  8.577   1.00 18.07 ? 34  GLY A CA  1 
ATOM   56   C C   . GLY A 1 14  ? 11.531  -2.990  7.502   1.00 24.66 ? 34  GLY A C   1 
ATOM   57   O O   . GLY A 1 14  ? 11.944  -2.960  6.345   1.00 21.27 ? 34  GLY A O   1 
ATOM   58   N N   . LYS A 1 15  ? 10.568  -3.819  7.889   1.00 19.19 ? 35  LYS A N   1 
ATOM   59   C CA  . LYS A 1 15  ? 9.922   -4.706  6.942   1.00 22.92 ? 35  LYS A CA  1 
ATOM   60   C C   . LYS A 1 15  ? 9.151   -3.886  5.905   1.00 21.87 ? 35  LYS A C   1 
ATOM   61   O O   . LYS A 1 15  ? 9.266   -4.129  4.698   1.00 24.71 ? 35  LYS A O   1 
ATOM   62   C CB  . LYS A 1 15  ? 8.991   -5.675  7.675   1.00 22.60 ? 35  LYS A CB  1 
ATOM   63   C CG  . LYS A 1 15  ? 9.706   -6.799  8.405   1.00 19.85 ? 35  LYS A CG  1 
ATOM   64   C CD  . LYS A 1 15  ? 8.703   -7.828  8.926   1.00 20.93 ? 35  LYS A CD  1 
ATOM   65   C CE  . LYS A 1 15  ? 9.374   -9.134  9.298   1.00 20.99 ? 35  LYS A CE  1 
ATOM   66   N NZ  . LYS A 1 15  ? 10.488  -8.929  10.246  1.00 25.23 ? 35  LYS A NZ  1 
ATOM   67   N N   . VAL A 1 16  ? 8.384   -2.905  6.378   1.00 21.01 ? 36  VAL A N   1 
ATOM   68   C CA  . VAL A 1 16  ? 7.655   -2.010  5.484   1.00 22.00 ? 36  VAL A CA  1 
ATOM   69   C C   . VAL A 1 16  ? 8.610   -1.238  4.580   1.00 22.36 ? 36  VAL A C   1 
ATOM   70   O O   . VAL A 1 16  ? 8.357   -1.081  3.384   1.00 18.92 ? 36  VAL A O   1 
ATOM   71   C CB  . VAL A 1 16  ? 6.777   -1.001  6.256   1.00 20.47 ? 36  VAL A CB  1 
ATOM   72   C CG1 . VAL A 1 16  ? 6.063   -0.077  5.273   1.00 19.77 ? 36  VAL A CG1 1 
ATOM   73   C CG2 . VAL A 1 16  ? 5.774   -1.731  7.113   1.00 19.91 ? 36  VAL A CG2 1 
ATOM   74   N N   . ARG A 1 17  ? 9.712   -0.755  5.153   1.00 22.33 ? 37  ARG A N   1 
ATOM   75   C CA  . ARG A 1 17  ? 10.725  -0.061  4.357   1.00 24.54 ? 37  ARG A CA  1 
ATOM   76   C C   . ARG A 1 17  ? 11.230  -0.934  3.215   1.00 22.36 ? 37  ARG A C   1 
ATOM   77   O O   . ARG A 1 17  ? 11.292  -0.486  2.066   1.00 21.05 ? 37  ARG A O   1 
ATOM   78   C CB  . ARG A 1 17  ? 11.895  0.417   5.229   1.00 26.88 ? 37  ARG A CB  1 
ATOM   79   C CG  . ARG A 1 17  ? 11.601  1.680   6.013   1.00 33.22 ? 37  ARG A CG  1 
ATOM   80   C CD  . ARG A 1 17  ? 12.866  2.290   6.610   1.00 35.61 ? 37  ARG A CD  1 
ATOM   81   N NE  . ARG A 1 17  ? 13.371  3.419   5.828   1.00 45.64 ? 37  ARG A NE  1 
ATOM   82   C CZ  . ARG A 1 17  ? 14.475  3.383   5.085   1.00 51.43 ? 37  ARG A CZ  1 
ATOM   83   N NH1 . ARG A 1 17  ? 14.861  4.462   4.409   1.00 45.15 ? 37  ARG A NH1 1 
ATOM   84   N NH2 . ARG A 1 17  ? 15.197  2.269   5.021   1.00 47.42 ? 37  ARG A NH2 1 
ATOM   85   N N   . GLU A 1 18  ? 11.585  -2.179  3.536   1.00 20.74 ? 38  GLU A N   1 
ATOM   86   C CA  . GLU A 1 18  ? 12.055  -3.146  2.542   1.00 18.20 ? 38  GLU A CA  1 
ATOM   87   C C   . GLU A 1 18  ? 11.001  -3.439  1.473   1.00 22.40 ? 38  GLU A C   1 
ATOM   88   O O   . GLU A 1 18  ? 11.303  -3.491  0.280   1.00 21.39 ? 38  GLU A O   1 
ATOM   89   C CB  . GLU A 1 18  ? 12.485  -4.474  3.197   1.00 22.29 ? 38  GLU A CB  1 
ATOM   90   C CG  . GLU A 1 18  ? 12.689  -5.601  2.157   1.00 24.16 ? 38  GLU A CG  1 
ATOM   91   C CD  . GLU A 1 18  ? 13.080  -6.960  2.747   1.00 35.72 ? 38  GLU A CD  1 
ATOM   92   O OE1 . GLU A 1 18  ? 13.146  -7.109  3.987   1.00 31.29 ? 38  GLU A OE1 1 
ATOM   93   O OE2 . GLU A 1 18  ? 13.321  -7.892  1.946   1.00 38.07 ? 38  GLU A OE2 1 
ATOM   94   N N   . ALA A 1 19  ? 9.766   -3.648  1.904   1.00 23.87 ? 39  ALA A N   1 
ATOM   95   C CA  . ALA A 1 19  ? 8.675   -3.927  0.965   1.00 21.72 ? 39  ALA A CA  1 
ATOM   96   C C   . ALA A 1 19  ? 8.413   -2.765  -0.002  1.00 25.99 ? 39  ALA A C   1 
ATOM   97   O O   . ALA A 1 19  ? 7.750   -2.942  -1.027  1.00 22.78 ? 39  ALA A O   1 
ATOM   98   C CB  . ALA A 1 19  ? 7.410   -4.256  1.721   1.00 15.29 ? 39  ALA A CB  1 
ATOM   99   N N   . THR A 1 20  ? 8.910   -1.576  0.333   1.00 26.15 ? 40  THR A N   1 
ATOM   100  C CA  . THR A 1 20  ? 8.675   -0.392  -0.497  1.00 21.40 ? 40  THR A CA  1 
ATOM   101  C C   . THR A 1 20  ? 9.967   0.300   -0.930  1.00 26.32 ? 40  THR A C   1 
ATOM   102  O O   . THR A 1 20  ? 9.940   1.463   -1.332  1.00 27.77 ? 40  THR A O   1 
ATOM   103  C CB  . THR A 1 20  ? 7.737   0.624   0.206   1.00 23.01 ? 40  THR A CB  1 
ATOM   104  O OG1 . THR A 1 20  ? 8.324   1.065   1.434   1.00 25.49 ? 40  THR A OG1 1 
ATOM   105  C CG2 . THR A 1 20  ? 6.400   -0.023  0.521   1.00 21.61 ? 40  THR A CG2 1 
ATOM   106  N N   . ASN A 1 21  ? 11.086  -0.428  -0.865  1.00 21.37 ? 41  ASN A N   1 
ATOM   107  C CA  . ASN A 1 21  ? 12.399  0.089   -1.258  1.00 27.68 ? 41  ASN A CA  1 
ATOM   108  C C   . ASN A 1 21  ? 12.504  0.387   -2.752  1.00 31.43 ? 41  ASN A C   1 
ATOM   109  O O   . ASN A 1 21  ? 11.534  0.209   -3.504  1.00 25.97 ? 41  ASN A O   1 
ATOM   110  C CB  . ASN A 1 21  ? 13.527  -0.868  -0.829  1.00 19.76 ? 41  ASN A CB  1 
ATOM   111  C CG  . ASN A 1 21  ? 13.532  -2.165  -1.610  1.00 25.44 ? 41  ASN A CG  1 
ATOM   112  O OD1 . ASN A 1 21  ? 13.046  -2.239  -2.738  1.00 23.05 ? 41  ASN A OD1 1 
ATOM   113  N ND2 . ASN A 1 21  ? 14.105  -3.204  -1.015  1.00 29.10 ? 41  ASN A ND2 1 
ATOM   114  N N   . ASN A 1 22  ? 13.695  0.813   -3.177  1.00 28.02 ? 42  ASN A N   1 
ATOM   115  C CA  . ASN A 1 22  ? 13.916  1.239   -4.561  1.00 31.17 ? 42  ASN A CA  1 
ATOM   116  C C   . ASN A 1 22  ? 14.396  0.166   -5.551  1.00 29.87 ? 42  ASN A C   1 
ATOM   117  O O   . ASN A 1 22  ? 14.698  0.480   -6.704  1.00 30.49 ? 42  ASN A O   1 
ATOM   118  C CB  . ASN A 1 22  ? 14.869  2.435   -4.602  1.00 35.13 ? 42  ASN A CB  1 
ATOM   119  C CG  . ASN A 1 22  ? 14.197  3.694   -5.094  1.00 46.91 ? 42  ASN A CG  1 
ATOM   120  O OD1 . ASN A 1 22  ? 14.205  4.723   -4.407  1.00 52.46 ? 42  ASN A OD1 1 
ATOM   121  N ND2 . ASN A 1 22  ? 13.596  3.625   -6.287  1.00 43.00 ? 42  ASN A ND2 1 
ATOM   122  N N   . GLU A 1 23  ? 14.490  -1.086  -5.111  1.00 25.08 ? 43  GLU A N   1 
ATOM   123  C CA  . GLU A 1 23  ? 14.782  -2.170  -6.038  1.00 24.21 ? 43  GLU A CA  1 
ATOM   124  C C   . GLU A 1 23  ? 13.680  -2.202  -7.086  1.00 25.31 ? 43  GLU A C   1 
ATOM   125  O O   . GLU A 1 23  ? 12.522  -1.877  -6.785  1.00 26.76 ? 43  GLU A O   1 
ATOM   126  C CB  . GLU A 1 23  ? 14.838  -3.511  -5.312  1.00 27.02 ? 43  GLU A CB  1 
ATOM   127  C CG  . GLU A 1 23  ? 15.904  -3.588  -4.234  1.00 29.40 ? 43  GLU A CG  1 
ATOM   128  C CD  . GLU A 1 23  ? 15.793  -4.860  -3.415  1.00 36.61 ? 43  GLU A CD  1 
ATOM   129  O OE1 . GLU A 1 23  ? 14.661  -5.224  -3.025  1.00 39.77 ? 43  GLU A OE1 1 
ATOM   130  O OE2 . GLU A 1 23  ? 16.838  -5.502  -3.164  1.00 44.31 ? 43  GLU A OE2 1 
ATOM   131  N N   . PRO A 1 24  ? 14.029  -2.590  -8.321  1.00 27.16 ? 44  PRO A N   1 
ATOM   132  C CA  . PRO A 1 24  ? 13.055  -2.650  -9.416  1.00 25.01 ? 44  PRO A CA  1 
ATOM   133  C C   . PRO A 1 24  ? 11.978  -3.710  -9.245  1.00 20.67 ? 44  PRO A C   1 
ATOM   134  O O   . PRO A 1 24  ? 10.928  -3.568  -9.847  1.00 25.96 ? 44  PRO A O   1 
ATOM   135  C CB  . PRO A 1 24  ? 13.919  -2.988  -10.629 1.00 24.32 ? 44  PRO A CB  1 
ATOM   136  C CG  . PRO A 1 24  ? 15.254  -2.474  -10.272 1.00 28.23 ? 44  PRO A CG  1 
ATOM   137  C CD  . PRO A 1 24  ? 15.403  -2.747  -8.816  1.00 27.46 ? 44  PRO A CD  1 
ATOM   138  N N   . TRP A 1 25  ? 12.227  -4.760  -8.472  1.00 22.27 ? 45  TRP A N   1 
ATOM   139  C CA  . TRP A 1 25  ? 11.249  -5.843  -8.407  1.00 25.94 ? 45  TRP A CA  1 
ATOM   140  C C   . TRP A 1 25  ? 10.347  -5.651  -7.206  1.00 26.54 ? 45  TRP A C   1 
ATOM   141  O O   . TRP A 1 25  ? 10.726  -4.978  -6.243  1.00 21.44 ? 45  TRP A O   1 
ATOM   142  C CB  . TRP A 1 25  ? 11.921  -7.225  -8.391  1.00 25.75 ? 45  TRP A CB  1 
ATOM   143  C CG  . TRP A 1 25  ? 12.993  -7.365  -7.370  1.00 25.91 ? 45  TRP A CG  1 
ATOM   144  C CD1 . TRP A 1 25  ? 12.868  -7.890  -6.115  1.00 30.53 ? 45  TRP A CD1 1 
ATOM   145  C CD2 . TRP A 1 25  ? 14.367  -6.992  -7.513  1.00 26.95 ? 45  TRP A CD2 1 
ATOM   146  N NE1 . TRP A 1 25  ? 14.081  -7.870  -5.472  1.00 30.01 ? 45  TRP A NE1 1 
ATOM   147  C CE2 . TRP A 1 25  ? 15.014  -7.313  -6.308  1.00 29.58 ? 45  TRP A CE2 1 
ATOM   148  C CE3 . TRP A 1 25  ? 15.113  -6.420  -8.549  1.00 30.22 ? 45  TRP A CE3 1 
ATOM   149  C CZ2 . TRP A 1 25  ? 16.373  -7.068  -6.104  1.00 33.53 ? 45  TRP A CZ2 1 
ATOM   150  C CZ3 . TRP A 1 25  ? 16.451  -6.178  -8.349  1.00 28.73 ? 45  TRP A CZ3 1 
ATOM   151  C CH2 . TRP A 1 25  ? 17.075  -6.506  -7.136  1.00 33.49 ? 45  TRP A CH2 1 
ATOM   152  N N   . GLY A 1 26  ? 9.144   -6.214  -7.288  1.00 20.22 ? 46  GLY A N   1 
ATOM   153  C CA  . GLY A 1 26  ? 8.172   -6.098  -6.224  1.00 20.71 ? 46  GLY A CA  1 
ATOM   154  C C   . GLY A 1 26  ? 8.612   -6.849  -4.979  1.00 25.02 ? 46  GLY A C   1 
ATOM   155  O O   . GLY A 1 26  ? 9.571   -7.629  -5.011  1.00 23.42 ? 46  GLY A O   1 
ATOM   156  N N   . ALA A 1 27  ? 7.905   -6.603  -3.879  1.00 24.59 ? 47  ALA A N   1 
ATOM   157  C CA  . ALA A 1 27  ? 8.115   -7.317  -2.622  1.00 20.82 ? 47  ALA A CA  1 
ATOM   158  C C   . ALA A 1 27  ? 7.546   -8.736  -2.690  1.00 23.94 ? 47  ALA A C   1 
ATOM   159  O O   . ALA A 1 27  ? 6.585   -8.998  -3.431  1.00 18.79 ? 47  ALA A O   1 
ATOM   160  C CB  . ALA A 1 27  ? 7.446   -6.538  -1.476  1.00 18.29 ? 47  ALA A CB  1 
ATOM   161  N N   . SER A 1 28  ? 8.127   -9.650  -1.908  1.00 27.04 ? 48  SER A N   1 
ATOM   162  C CA  . SER A 1 28  ? 7.619   -11.024 -1.821  1.00 22.30 ? 48  SER A CA  1 
ATOM   163  C C   . SER A 1 28  ? 6.288   -11.065 -1.077  1.00 22.30 ? 48  SER A C   1 
ATOM   164  O O   . SER A 1 28  ? 6.084   -10.320 -0.119  1.00 22.44 ? 48  SER A O   1 
ATOM   165  C CB  . SER A 1 28  ? 8.615   -11.941 -1.102  1.00 21.72 ? 48  SER A CB  1 
ATOM   166  O OG  . SER A 1 28  ? 8.469   -11.848 0.311   1.00 23.11 ? 48  SER A OG  1 
ATOM   167  N N   . SER A 1 29  ? 5.399   -11.961 -1.500  1.00 19.19 ? 49  SER A N   1 
ATOM   168  C CA  . SER A 1 29  ? 4.122   -12.136 -0.817  1.00 24.06 ? 49  SER A CA  1 
ATOM   169  C C   . SER A 1 29  ? 4.290   -12.517 0.651   1.00 19.41 ? 49  SER A C   1 
ATOM   170  O O   . SER A 1 29  ? 3.481   -12.109 1.487   1.00 22.56 ? 49  SER A O   1 
ATOM   171  C CB  . SER A 1 29  ? 3.243   -13.163 -1.540  1.00 20.80 ? 49  SER A CB  1 
ATOM   172  O OG  . SER A 1 29  ? 3.779   -14.466 -1.379  1.00 34.93 ? 49  SER A OG  1 
ATOM   173  N N   . THR A 1 30  ? 5.323   -13.298 0.968   1.00 18.40 ? 50  THR A N   1 
ATOM   174  C CA  . THR A 1 30  ? 5.593   -13.690 2.362   1.00 20.82 ? 50  THR A CA  1 
ATOM   175  C C   . THR A 1 30  ? 5.949   -12.479 3.265   1.00 20.10 ? 50  THR A C   1 
ATOM   176  O O   . THR A 1 30  ? 5.517   -12.399 4.420   1.00 17.20 ? 50  THR A O   1 
ATOM   177  C CB  . THR A 1 30  ? 6.699   -14.801 2.480   1.00 22.96 ? 50  THR A CB  1 
ATOM   178  O OG1 . THR A 1 30  ? 6.194   -16.033 1.965   1.00 26.76 ? 50  THR A OG1 1 
ATOM   179  C CG2 . THR A 1 30  ? 7.078   -15.036 3.936   1.00 25.12 ? 50  THR A CG2 1 
ATOM   180  N N   . LEU A 1 31  ? 6.718   -11.540 2.724   1.00 18.85 ? 51  LEU A N   1 
ATOM   181  C CA  . LEU A 1 31  ? 7.065   -10.325 3.444   1.00 18.06 ? 51  LEU A CA  1 
ATOM   182  C C   . LEU A 1 31  ? 5.815   -9.492  3.687   1.00 20.19 ? 51  LEU A C   1 
ATOM   183  O O   . LEU A 1 31  ? 5.640   -8.892  4.761   1.00 18.45 ? 51  LEU A O   1 
ATOM   184  C CB  . LEU A 1 31  ? 8.086   -9.505  2.656   1.00 22.21 ? 51  LEU A CB  1 
ATOM   185  C CG  . LEU A 1 31  ? 8.490   -8.158  3.266   1.00 23.04 ? 51  LEU A CG  1 
ATOM   186  C CD1 . LEU A 1 31  ? 9.202   -8.353  4.592   1.00 20.34 ? 51  LEU A CD1 1 
ATOM   187  C CD2 . LEU A 1 31  ? 9.362   -7.392  2.281   1.00 19.63 ? 51  LEU A CD2 1 
ATOM   188  N N   . MET A 1 32  ? 4.946   -9.456  2.683   1.00 17.74 ? 52  MET A N   1 
ATOM   189  C CA  . MET A 1 32  ? 3.674   -8.759  2.819   1.00 20.45 ? 52  MET A CA  1 
ATOM   190  C C   . MET A 1 32  ? 2.810   -9.407  3.921   1.00 17.90 ? 52  MET A C   1 
ATOM   191  O O   . MET A 1 32  ? 2.238   -8.714  4.770   1.00 17.77 ? 52  MET A O   1 
ATOM   192  C CB  . MET A 1 32  ? 2.936   -8.732  1.481   1.00 20.97 ? 52  MET A CB  1 
ATOM   193  C CG  . MET A 1 32  ? 3.557   -7.830  0.433   1.00 15.31 ? 52  MET A CG  1 
ATOM   194  S SD  . MET A 1 32  ? 2.409   -7.504  -0.913  1.00 19.59 ? 52  MET A SD  1 
ATOM   195  C CE  . MET A 1 32  ? 2.242   -9.150  -1.627  1.00 35.20 ? 52  MET A CE  1 
ATOM   196  N N   . ASP A 1 33  ? 2.737   -10.734 3.918   1.00 18.16 ? 53  ASP A N   1 
ATOM   197  C CA  . ASP A 1 33  ? 2.020   -11.456 4.974   1.00 21.86 ? 53  ASP A CA  1 
ATOM   198  C C   . ASP A 1 33  ? 2.588   -11.154 6.367   1.00 20.89 ? 53  ASP A C   1 
ATOM   199  O O   . ASP A 1 33  ? 1.836   -10.951 7.321   1.00 21.35 ? 53  ASP A O   1 
ATOM   200  C CB  . ASP A 1 33  ? 2.031   -12.964 4.710   1.00 20.74 ? 53  ASP A CB  1 
ATOM   201  C CG  . ASP A 1 33  ? 0.756   -13.655 5.193   1.00 23.65 ? 53  ASP A CG  1 
ATOM   202  O OD1 . ASP A 1 33  ? -0.257  -12.965 5.420   1.00 31.26 ? 53  ASP A OD1 1 
ATOM   203  O OD2 . ASP A 1 33  ? 0.764   -14.892 5.336   1.00 36.33 ? 53  ASP A OD2 1 
ATOM   204  N N   . GLN A 1 34  ? 3.914   -11.111 6.484   1.00 17.63 ? 54  GLN A N   1 
ATOM   205  C CA  . GLN A 1 34  ? 4.547   -10.768 7.766   1.00 16.93 ? 54  GLN A CA  1 
ATOM   206  C C   . GLN A 1 34  ? 4.054   -9.408  8.239   1.00 21.47 ? 54  GLN A C   1 
ATOM   207  O O   . GLN A 1 34  ? 3.739   -9.212  9.415   1.00 23.00 ? 54  GLN A O   1 
ATOM   208  C CB  . GLN A 1 34  ? 6.079   -10.783 7.651   1.00 16.66 ? 54  GLN A CB  1 
ATOM   209  C CG  . GLN A 1 34  ? 6.687   -12.202 7.620   1.00 20.68 ? 54  GLN A CG  1 
ATOM   210  C CD  . GLN A 1 34  ? 8.188   -12.205 7.327   1.00 25.19 ? 54  GLN A CD  1 
ATOM   211  O OE1 . GLN A 1 34  ? 8.668   -11.409 6.526   1.00 20.67 ? 54  GLN A OE1 1 
ATOM   212  N NE2 . GLN A 1 34  ? 8.923   -13.115 7.961   1.00 23.73 ? 54  GLN A NE2 1 
ATOM   213  N N   . ILE A 1 35  ? 3.977   -8.462  7.309   1.00 17.86 ? 55  ILE A N   1 
ATOM   214  C CA  . ILE A 1 35  ? 3.525   -7.127  7.643   1.00 19.27 ? 55  ILE A CA  1 
ATOM   215  C C   . ILE A 1 35  ? 2.035   -7.134  8.008   1.00 18.45 ? 55  ILE A C   1 
ATOM   216  O O   . ILE A 1 35  ? 1.594   -6.448  8.937   1.00 19.07 ? 55  ILE A O   1 
ATOM   217  C CB  . ILE A 1 35  ? 3.829   -6.152  6.492   1.00 17.55 ? 55  ILE A CB  1 
ATOM   218  C CG1 . ILE A 1 35  ? 5.348   -5.918  6.397   1.00 17.11 ? 55  ILE A CG1 1 
ATOM   219  C CG2 . ILE A 1 35  ? 3.111   -4.859  6.715   1.00 17.27 ? 55  ILE A CG2 1 
ATOM   220  C CD1 . ILE A 1 35  ? 5.811   -5.435  5.028   1.00 16.86 ? 55  ILE A CD1 1 
ATOM   221  N N   . SER A 1 36  ? 1.264   -7.922  7.269   1.00 18.25 ? 56  SER A N   1 
ATOM   222  C CA  . SER A 1 36  ? -0.136  -8.116  7.577   1.00 17.89 ? 56  SER A CA  1 
ATOM   223  C C   . SER A 1 36  ? -0.311  -8.578  9.023   1.00 21.72 ? 56  SER A C   1 
ATOM   224  O O   . SER A 1 36  ? -1.190  -8.091  9.727   1.00 25.55 ? 56  SER A O   1 
ATOM   225  C CB  . SER A 1 36  ? -0.764  -9.113  6.591   1.00 15.63 ? 56  SER A CB  1 
ATOM   226  O OG  . SER A 1 36  ? -2.133  -9.286  6.866   1.00 20.93 ? 56  SER A OG  1 
ATOM   227  N N   . GLN A 1 37  ? 0.530   -9.511  9.466   1.00 19.87 ? 57  GLN A N   1 
ATOM   228  C CA  . GLN A 1 37  ? 0.481   -9.975  10.853  1.00 20.71 ? 57  GLN A CA  1 
ATOM   229  C C   . GLN A 1 37  ? 0.634   -8.813  11.837  1.00 21.16 ? 57  GLN A C   1 
ATOM   230  O O   . GLN A 1 37  ? 0.000   -8.805  12.892  1.00 24.42 ? 57  GLN A O   1 
ATOM   231  C CB  . GLN A 1 37  ? 1.556   -11.034 11.145  1.00 22.16 ? 57  GLN A CB  1 
ATOM   232  C CG  . GLN A 1 37  ? 1.602   -12.200 10.175  1.00 21.48 ? 57  GLN A CG  1 
ATOM   233  C CD  . GLN A 1 37  ? 0.304   -12.963 10.103  1.00 26.73 ? 57  GLN A CD  1 
ATOM   234  O OE1 . GLN A 1 37  ? -0.324  -13.041 9.047   1.00 30.68 ? 57  GLN A OE1 1 
ATOM   235  N NE2 . GLN A 1 37  ? -0.108  -13.540 11.227  1.00 27.32 ? 57  GLN A NE2 1 
ATOM   236  N N   . GLY A 1 38  ? 1.473   -7.840  11.490  1.00 19.27 ? 58  GLY A N   1 
ATOM   237  C CA  . GLY A 1 38  ? 1.715   -6.700  12.345  1.00 17.23 ? 58  GLY A CA  1 
ATOM   238  C C   . GLY A 1 38  ? 0.518   -5.765  12.491  1.00 20.86 ? 58  GLY A C   1 
ATOM   239  O O   . GLY A 1 38  ? 0.470   -4.987  13.440  1.00 19.13 ? 58  GLY A O   1 
ATOM   240  N N   . THR A 1 39  ? -0.438  -5.842  11.557  1.00 20.39 ? 59  THR A N   1 
ATOM   241  C CA  . THR A 1 39  ? -1.680  -5.068  11.642  1.00 21.94 ? 59  THR A CA  1 
ATOM   242  C C   . THR A 1 39  ? -2.619  -5.567  12.724  1.00 19.07 ? 59  THR A C   1 
ATOM   243  O O   . THR A 1 39  ? -3.624  -4.926  13.010  1.00 21.94 ? 59  THR A O   1 
ATOM   244  C CB  . THR A 1 39  ? -2.486  -5.058  10.306  1.00 24.95 ? 59  THR A CB  1 
ATOM   245  O OG1 . THR A 1 39  ? -3.028  -6.361  10.053  1.00 17.86 ? 59  THR A OG1 1 
ATOM   246  C CG2 . THR A 1 39  ? -1.624  -4.608  9.128   1.00 20.02 ? 59  THR A CG2 1 
ATOM   247  N N   . TYR A 1 40  ? -2.304  -6.712  13.321  1.00 19.20 ? 60  TYR A N   1 
ATOM   248  C CA  . TYR A 1 40  ? -3.151  -7.256  14.377  1.00 21.26 ? 60  TYR A CA  1 
ATOM   249  C C   . TYR A 1 40  ? -2.746  -6.841  15.792  1.00 24.42 ? 60  TYR A C   1 
ATOM   250  O O   . TYR A 1 40  ? -3.282  -7.355  16.785  1.00 21.31 ? 60  TYR A O   1 
ATOM   251  C CB  . TYR A 1 40  ? -3.237  -8.768  14.255  1.00 20.42 ? 60  TYR A CB  1 
ATOM   252  C CG  . TYR A 1 40  ? -4.071  -9.179  13.067  1.00 22.22 ? 60  TYR A CG  1 
ATOM   253  C CD1 . TYR A 1 40  ? -5.449  -9.327  13.186  1.00 20.39 ? 60  TYR A CD1 1 
ATOM   254  C CD2 . TYR A 1 40  ? -3.493  -9.381  11.822  1.00 23.70 ? 60  TYR A CD2 1 
ATOM   255  C CE1 . TYR A 1 40  ? -6.215  -9.693  12.121  1.00 17.93 ? 60  TYR A CE1 1 
ATOM   256  C CE2 . TYR A 1 40  ? -4.266  -9.754  10.736  1.00 25.64 ? 60  TYR A CE2 1 
ATOM   257  C CZ  . TYR A 1 40  ? -5.634  -9.901  10.900  1.00 21.68 ? 60  TYR A CZ  1 
ATOM   258  O OH  . TYR A 1 40  ? -6.429  -10.262 9.837   1.00 28.65 ? 60  TYR A OH  1 
ATOM   259  N N   . ASN A 1 41  ? -1.782  -5.932  15.885  1.00 19.38 ? 61  ASN A N   1 
ATOM   260  C CA  . ASN A 1 41  ? -1.518  -5.273  17.164  1.00 26.54 ? 61  ASN A CA  1 
ATOM   261  C C   . ASN A 1 41  ? -1.369  -3.775  17.006  1.00 23.59 ? 61  ASN A C   1 
ATOM   262  O O   . ASN A 1 41  ? -0.930  -3.282  15.975  1.00 24.14 ? 61  ASN A O   1 
ATOM   263  C CB  . ASN A 1 41  ? -0.356  -5.905  17.944  1.00 24.34 ? 61  ASN A CB  1 
ATOM   264  C CG  . ASN A 1 41  ? 0.991   -5.709  17.272  1.00 27.91 ? 61  ASN A CG  1 
ATOM   265  O OD1 . ASN A 1 41  ? 1.368   -6.463  16.371  1.00 27.84 ? 61  ASN A OD1 1 
ATOM   266  N ND2 . ASN A 1 41  ? 1.740   -4.713  17.736  1.00 29.06 ? 61  ASN A ND2 1 
ATOM   267  N N   . PHE A 1 42  ? -1.790  -3.053  18.025  1.00 27.97 ? 62  PHE A N   1 
ATOM   268  C CA  . PHE A 1 42  ? -1.934  -1.615  17.921  1.00 27.16 ? 62  PHE A CA  1 
ATOM   269  C C   . PHE A 1 42  ? -0.622  -0.931  17.530  1.00 25.18 ? 62  PHE A C   1 
ATOM   270  O O   . PHE A 1 42  ? -0.578  -0.173  16.558  1.00 30.23 ? 62  PHE A O   1 
ATOM   271  C CB  . PHE A 1 42  ? -2.484  -1.065  19.240  1.00 24.25 ? 62  PHE A CB  1 
ATOM   272  C CG  . PHE A 1 42  ? -2.750  0.410   19.225  1.00 29.82 ? 62  PHE A CG  1 
ATOM   273  C CD1 . PHE A 1 42  ? -3.122  1.044   18.055  1.00 21.33 ? 62  PHE A CD1 1 
ATOM   274  C CD2 . PHE A 1 42  ? -2.649  1.155   20.396  1.00 26.80 ? 62  PHE A CD2 1 
ATOM   275  C CE1 . PHE A 1 42  ? -3.373  2.396   18.040  1.00 29.82 ? 62  PHE A CE1 1 
ATOM   276  C CE2 . PHE A 1 42  ? -2.887  2.505   20.389  1.00 24.55 ? 62  PHE A CE2 1 
ATOM   277  C CZ  . PHE A 1 42  ? -3.257  3.135   19.217  1.00 30.96 ? 62  PHE A CZ  1 
ATOM   278  N N   . ARG A 1 43  ? 0.438   -1.203  18.287  1.00 28.51 ? 63  ARG A N   1 
ATOM   279  C CA  . ARG A 1 43  ? 1.741   -0.583  18.047  1.00 27.89 ? 63  ARG A CA  1 
ATOM   280  C C   . ARG A 1 43  ? 2.213   -0.769  16.605  1.00 24.72 ? 63  ARG A C   1 
ATOM   281  O O   . ARG A 1 43  ? 2.483   0.195   15.894  1.00 23.38 ? 63  ARG A O   1 
ATOM   282  C CB  . ARG A 1 43  ? 2.794   -1.146  19.007  1.00 31.11 ? 63  ARG A CB  1 
ATOM   283  N N   . GLU A 1 44  ? 2.319   -2.015  16.172  1.00 22.98 ? 64  GLU A N   1 
ATOM   284  C CA  . GLU A 1 44  ? 2.788   -2.272  14.817  1.00 26.43 ? 64  GLU A CA  1 
ATOM   285  C C   . GLU A 1 44  ? 1.818   -1.820  13.712  1.00 26.84 ? 64  GLU A C   1 
ATOM   286  O O   . GLU A 1 44  ? 2.242   -1.536  12.594  1.00 26.21 ? 64  GLU A O   1 
ATOM   287  C CB  . GLU A 1 44  ? 3.210   -3.736  14.669  1.00 23.93 ? 64  GLU A CB  1 
ATOM   288  C CG  . GLU A 1 44  ? 4.567   -3.983  15.303  1.00 27.63 ? 64  GLU A CG  1 
ATOM   289  C CD  . GLU A 1 44  ? 4.976   -5.437  15.331  1.00 25.37 ? 64  GLU A CD  1 
ATOM   290  O OE1 . GLU A 1 44  ? 4.127   -6.309  15.073  1.00 31.01 ? 64  GLU A OE1 1 
ATOM   291  O OE2 . GLU A 1 44  ? 6.158   -5.703  15.613  1.00 37.69 ? 64  GLU A OE2 1 
ATOM   292  N N   . ARG A 1 45  ? 0.527   -1.745  14.020  1.00 22.96 ? 65  ARG A N   1 
ATOM   293  C CA  . ARG A 1 45  ? -0.434  -1.240  13.055  1.00 23.04 ? 65  ARG A CA  1 
ATOM   294  C C   . ARG A 1 45  ? -0.099  0.232   12.768  1.00 23.53 ? 65  ARG A C   1 
ATOM   295  O O   . ARG A 1 45  ? 0.000   0.644   11.615  1.00 24.38 ? 65  ARG A O   1 
ATOM   296  C CB  . ARG A 1 45  ? -1.883  -1.417  13.561  1.00 21.86 ? 65  ARG A CB  1 
ATOM   297  C CG  . ARG A 1 45  ? -2.973  -0.849  12.631  1.00 27.17 ? 65  ARG A CG  1 
ATOM   298  C CD  . ARG A 1 45  ? -4.369  -0.872  13.296  1.00 24.12 ? 65  ARG A CD  1 
ATOM   299  N NE  . ARG A 1 45  ? -4.502  -2.112  14.025  1.00 31.13 ? 65  ARG A NE  1 
ATOM   300  C CZ  . ARG A 1 45  ? -4.858  -2.232  15.292  1.00 22.54 ? 65  ARG A CZ  1 
ATOM   301  N NH1 . ARG A 1 45  ? -5.205  -1.178  16.012  1.00 25.27 ? 65  ARG A NH1 1 
ATOM   302  N NH2 . ARG A 1 45  ? -4.890  -3.445  15.825  1.00 30.21 ? 65  ARG A NH2 1 
ATOM   303  N N   . GLU A 1 46  ? 0.105   1.018   13.820  1.00 24.15 ? 66  GLU A N   1 
ATOM   304  C CA  . GLU A 1 46  ? 0.467   2.426   13.648  1.00 25.97 ? 66  GLU A CA  1 
ATOM   305  C C   . GLU A 1 46  ? 1.838   2.598   12.992  1.00 24.18 ? 66  GLU A C   1 
ATOM   306  O O   . GLU A 1 46  ? 2.026   3.494   12.168  1.00 22.66 ? 66  GLU A O   1 
ATOM   307  C CB  . GLU A 1 46  ? 0.413   3.176   14.988  1.00 30.19 ? 66  GLU A CB  1 
ATOM   308  C CG  . GLU A 1 46  ? -0.585  4.339   15.006  1.00 40.20 ? 66  GLU A CG  1 
ATOM   309  C CD  . GLU A 1 46  ? -1.128  4.648   16.399  1.00 46.13 ? 66  GLU A CD  1 
ATOM   310  O OE1 . GLU A 1 46  ? -0.759  3.928   17.356  1.00 52.66 ? 66  GLU A OE1 1 
ATOM   311  O OE2 . GLU A 1 46  ? -1.926  5.608   16.539  1.00 37.29 ? 66  GLU A OE2 1 
ATOM   312  N N   . GLU A 1 47  ? 2.794   1.739   13.339  1.00 23.65 ? 67  GLU A N   1 
ATOM   313  C CA  . GLU A 1 47  ? 4.117   1.789   12.692  1.00 24.87 ? 67  GLU A CA  1 
ATOM   314  C C   . GLU A 1 47  ? 4.010   1.609   11.194  1.00 24.31 ? 67  GLU A C   1 
ATOM   315  O O   . GLU A 1 47  ? 4.637   2.334   10.421  1.00 24.35 ? 67  GLU A O   1 
ATOM   316  C CB  . GLU A 1 47  ? 5.049   0.715   13.252  1.00 23.50 ? 67  GLU A CB  1 
ATOM   317  C CG  . GLU A 1 47  ? 5.461   0.962   14.675  1.00 22.15 ? 67  GLU A CG  1 
ATOM   318  C CD  . GLU A 1 47  ? 6.349   -0.128  15.229  1.00 24.73 ? 67  GLU A CD  1 
ATOM   319  O OE1 . GLU A 1 47  ? 6.553   -0.123  16.454  1.00 32.51 ? 67  GLU A OE1 1 
ATOM   320  O OE2 . GLU A 1 47  ? 6.838   -0.989  14.458  1.00 23.14 ? 67  GLU A OE2 1 
ATOM   321  N N   . ILE A 1 48  ? 3.203   0.633   10.797  1.00 21.91 ? 68  ILE A N   1 
ATOM   322  C CA  . ILE A 1 48  ? 3.010   0.284   9.389   1.00 22.21 ? 68  ILE A CA  1 
ATOM   323  C C   . ILE A 1 48  ? 2.350   1.437   8.659   1.00 24.43 ? 68  ILE A C   1 
ATOM   324  O O   . ILE A 1 48  ? 2.746   1.798   7.558   1.00 25.06 ? 68  ILE A O   1 
ATOM   325  C CB  . ILE A 1 48  ? 2.103   -0.973  9.247   1.00 26.53 ? 68  ILE A CB  1 
ATOM   326  C CG1 . ILE A 1 48  ? 2.766   -2.200  9.884   1.00 25.47 ? 68  ILE A CG1 1 
ATOM   327  C CG2 . ILE A 1 48  ? 1.782   -1.257  7.806   1.00 19.40 ? 68  ILE A CG2 1 
ATOM   328  C CD1 . ILE A 1 48  ? 1.808   -3.354  10.075  1.00 22.14 ? 68  ILE A CD1 1 
ATOM   329  N N   . LEU A 1 49  ? 1.334   2.005   9.297   1.00 25.13 ? 69  LEU A N   1 
ATOM   330  C CA  . LEU A 1 49  ? 0.586   3.135   8.765   1.00 28.97 ? 69  LEU A CA  1 
ATOM   331  C C   . LEU A 1 49  ? 1.489   4.334   8.426   1.00 26.53 ? 69  LEU A C   1 
ATOM   332  O O   . LEU A 1 49  ? 1.516   4.805   7.290   1.00 31.97 ? 69  LEU A O   1 
ATOM   333  C CB  . LEU A 1 49  ? -0.458  3.554   9.806   1.00 30.31 ? 69  LEU A CB  1 
ATOM   334  C CG  . LEU A 1 49  ? -1.770  4.162   9.325   1.00 36.24 ? 69  LEU A CG  1 
ATOM   335  C CD1 . LEU A 1 49  ? -2.672  3.072   8.734   1.00 28.93 ? 69  LEU A CD1 1 
ATOM   336  C CD2 . LEU A 1 49  ? -2.468  4.916   10.485  1.00 33.95 ? 69  LEU A CD2 1 
ATOM   337  N N   . SER A 1 50  ? 2.202   4.837   9.432   1.00 26.46 ? 70  SER A N   1 
ATOM   338  C CA  . SER A 1 50  ? 3.160   5.914   9.238   1.00 28.25 ? 70  SER A CA  1 
ATOM   339  C C   . SER A 1 50  ? 4.027   5.653   8.020   1.00 34.19 ? 70  SER A C   1 
ATOM   340  O O   . SER A 1 50  ? 4.082   6.463   7.091   1.00 32.67 ? 70  SER A O   1 
ATOM   341  C CB  . SER A 1 50  ? 4.072   6.014   10.448  1.00 27.49 ? 70  SER A CB  1 
ATOM   342  O OG  . SER A 1 50  ? 3.311   5.952   11.639  1.00 35.33 ? 70  SER A OG  1 
ATOM   343  N N   . MET A 1 51  ? 4.696   4.508   8.040   1.00 25.07 ? 71  MET A N   1 
ATOM   344  C CA  . MET A 1 51  ? 5.664   4.147   7.021   1.00 26.19 ? 71  MET A CA  1 
ATOM   345  C C   . MET A 1 51  ? 5.063   4.129   5.612   1.00 30.14 ? 71  MET A C   1 
ATOM   346  O O   . MET A 1 51  ? 5.683   4.614   4.661   1.00 31.54 ? 71  MET A O   1 
ATOM   347  C CB  . MET A 1 51  ? 6.274   2.784   7.354   1.00 26.41 ? 71  MET A CB  1 
ATOM   348  C CG  . MET A 1 51  ? 7.101   2.749   8.639   1.00 33.28 ? 71  MET A CG  1 
ATOM   349  S SD  . MET A 1 51  ? 8.577   3.787   8.590   1.00 36.95 ? 71  MET A SD  1 
ATOM   350  C CE  . MET A 1 51  ? 9.156   3.488   6.931   1.00 32.57 ? 71  MET A CE  1 
ATOM   351  N N   . ILE A 1 52  ? 3.861   3.572   5.477   1.00 22.81 ? 72  ILE A N   1 
ATOM   352  C CA  . ILE A 1 52  ? 3.262   3.419   4.154   1.00 23.82 ? 72  ILE A CA  1 
ATOM   353  C C   . ILE A 1 52  ? 2.904   4.754   3.526   1.00 26.31 ? 72  ILE A C   1 
ATOM   354  O O   . ILE A 1 52  ? 3.115   4.956   2.335   1.00 25.37 ? 72  ILE A O   1 
ATOM   355  C CB  . ILE A 1 52  ? 1.996   2.539   4.159   1.00 25.38 ? 72  ILE A CB  1 
ATOM   356  C CG1 . ILE A 1 52  ? 2.362   1.063   4.309   1.00 25.26 ? 72  ILE A CG1 1 
ATOM   357  C CG2 . ILE A 1 52  ? 1.242   2.710   2.838   1.00 24.22 ? 72  ILE A CG2 1 
ATOM   358  C CD1 . ILE A 1 52  ? 1.214   0.108   3.945   1.00 18.41 ? 72  ILE A CD1 1 
ATOM   359  N N   . PHE A 1 53  ? 2.360   5.670   4.322   1.00 27.66 ? 73  PHE A N   1 
ATOM   360  C CA  . PHE A 1 53  ? 1.904   6.939   3.762   1.00 27.98 ? 73  PHE A CA  1 
ATOM   361  C C   . PHE A 1 53  ? 3.035   7.959   3.619   1.00 32.66 ? 73  PHE A C   1 
ATOM   362  O O   . PHE A 1 53  ? 2.953   8.860   2.786   1.00 33.73 ? 73  PHE A O   1 
ATOM   363  C CB  . PHE A 1 53  ? 0.731   7.506   4.554   1.00 25.04 ? 73  PHE A CB  1 
ATOM   364  C CG  . PHE A 1 53  ? -0.498  6.635   4.517   1.00 28.45 ? 73  PHE A CG  1 
ATOM   365  C CD1 . PHE A 1 53  ? -1.033  6.224   3.306   1.00 30.81 ? 73  PHE A CD1 1 
ATOM   366  C CD2 . PHE A 1 53  ? -1.124  6.242   5.685   1.00 27.91 ? 73  PHE A CD2 1 
ATOM   367  C CE1 . PHE A 1 53  ? -2.170  5.426   3.256   1.00 33.87 ? 73  PHE A CE1 1 
ATOM   368  C CE2 . PHE A 1 53  ? -2.269  5.435   5.646   1.00 31.84 ? 73  PHE A CE2 1 
ATOM   369  C CZ  . PHE A 1 53  ? -2.785  5.025   4.429   1.00 25.89 ? 73  PHE A CZ  1 
ATOM   370  N N   . ARG A 1 54  ? 4.092   7.810   4.416   1.00 32.43 ? 74  ARG A N   1 
ATOM   371  C CA  . ARG A 1 54  ? 5.282   8.639   4.243   1.00 33.50 ? 74  ARG A CA  1 
ATOM   372  C C   . ARG A 1 54  ? 5.633   8.678   2.775   1.00 33.57 ? 74  ARG A C   1 
ATOM   373  O O   . ARG A 1 54  ? 6.055   9.699   2.250   1.00 36.01 ? 74  ARG A O   1 
ATOM   374  C CB  . ARG A 1 54  ? 6.466   8.093   5.041   1.00 33.29 ? 74  ARG A CB  1 
ATOM   375  C CG  . ARG A 1 54  ? 6.291   8.259   6.538   1.00 41.69 ? 74  ARG A CG  1 
ATOM   376  C CD  . ARG A 1 54  ? 7.541   7.918   7.325   1.00 45.91 ? 74  ARG A CD  1 
ATOM   377  N NE  . ARG A 1 54  ? 7.292   8.089   8.753   1.00 48.84 ? 74  ARG A NE  1 
ATOM   378  C CZ  . ARG A 1 54  ? 7.369   9.252   9.389   1.00 54.46 ? 74  ARG A CZ  1 
ATOM   379  N NH1 . ARG A 1 54  ? 7.702   10.355  8.725   1.00 56.36 ? 74  ARG A NH1 1 
ATOM   380  N NH2 . ARG A 1 54  ? 7.117   9.314   10.691  1.00 52.52 ? 74  ARG A NH2 1 
ATOM   381  N N   . ARG A 1 55  ? 5.438   7.546   2.114   1.00 41.29 ? 75  ARG A N   1 
ATOM   382  C CA  . ARG A 1 55  ? 5.767   7.419   0.704   1.00 41.94 ? 75  ARG A CA  1 
ATOM   383  C C   . ARG A 1 55  ? 4.919   8.346   -0.183  1.00 47.49 ? 75  ARG A C   1 
ATOM   384  O O   . ARG A 1 55  ? 5.453   9.028   -1.062  1.00 49.62 ? 75  ARG A O   1 
ATOM   385  C CB  . ARG A 1 55  ? 5.641   5.954   0.273   1.00 39.91 ? 75  ARG A CB  1 
ATOM   386  C CG  . ARG A 1 55  ? 6.985   5.239   0.126   1.00 40.57 ? 75  ARG A CG  1 
ATOM   387  C CD  . ARG A 1 55  ? 7.834   5.334   1.400   1.00 52.82 ? 75  ARG A CD  1 
ATOM   388  N NE  . ARG A 1 55  ? 7.805   4.096   2.183   1.00 49.24 ? 75  ARG A NE  1 
ATOM   389  C CZ  . ARG A 1 55  ? 8.194   3.993   3.455   1.00 45.06 ? 75  ARG A CZ  1 
ATOM   390  N NH1 . ARG A 1 55  ? 8.645   5.065   4.113   1.00 34.22 ? 75  ARG A NH1 1 
ATOM   391  N NH2 . ARG A 1 55  ? 8.118   2.815   4.071   1.00 35.37 ? 75  ARG A NH2 1 
ATOM   392  N N   . PHE A 1 56  ? 3.611   8.384   0.072   1.00 39.64 ? 76  PHE A N   1 
ATOM   393  C CA  . PHE A 1 56  ? 2.677   9.167   -0.736  1.00 39.32 ? 76  PHE A CA  1 
ATOM   394  C C   . PHE A 1 56  ? 2.957   10.650  -0.687  1.00 43.40 ? 76  PHE A C   1 
ATOM   395  O O   . PHE A 1 56  ? 2.612   11.392  -1.611  1.00 45.30 ? 76  PHE A O   1 
ATOM   396  C CB  . PHE A 1 56  ? 1.234   8.932   -0.283  1.00 31.30 ? 76  PHE A CB  1 
ATOM   397  C CG  . PHE A 1 56  ? 0.814   7.504   -0.346  1.00 37.14 ? 76  PHE A CG  1 
ATOM   398  C CD1 . PHE A 1 56  ? 1.648   6.552   -0.912  1.00 36.40 ? 76  PHE A CD1 1 
ATOM   399  C CD2 . PHE A 1 56  ? -0.408  7.102   0.151   1.00 36.71 ? 76  PHE A CD2 1 
ATOM   400  C CE1 . PHE A 1 56  ? 1.268   5.227   -0.975  1.00 36.69 ? 76  PHE A CE1 1 
ATOM   401  C CE2 . PHE A 1 56  ? -0.789  5.780   0.095   1.00 31.51 ? 76  PHE A CE2 1 
ATOM   402  C CZ  . PHE A 1 56  ? 0.045   4.843   -0.472  1.00 33.64 ? 76  PHE A CZ  1 
ATOM   403  N N   . THR A 1 57  ? 3.576   11.088  0.398   1.00 43.15 ? 77  THR A N   1 
ATOM   404  C CA  . THR A 1 57  ? 3.674   12.517  0.661   1.00 50.16 ? 77  THR A CA  1 
ATOM   405  C C   . THR A 1 57  ? 4.906   13.170  0.016   1.00 53.93 ? 77  THR A C   1 
ATOM   406  O O   . THR A 1 57  ? 4.988   14.391  -0.087  1.00 58.39 ? 77  THR A O   1 
ATOM   407  C CB  . THR A 1 57  ? 3.584   12.802  2.172   1.00 44.00 ? 77  THR A CB  1 
ATOM   408  O OG1 . THR A 1 57  ? 4.757   12.306  2.822   1.00 54.07 ? 77  THR A OG1 1 
ATOM   409  C CG2 . THR A 1 57  ? 2.357   12.102  2.758   1.00 30.29 ? 77  THR A CG2 1 
ATOM   410  N N   . GLU A 1 58  ? 5.847   12.350  -0.438  1.00 58.98 ? 78  GLU A N   1 
ATOM   411  C CA  . GLU A 1 58  ? 6.967   12.851  -1.228  1.00 63.89 ? 78  GLU A CA  1 
ATOM   412  C C   . GLU A 1 58  ? 6.601   12.851  -2.713  1.00 61.11 ? 78  GLU A C   1 
ATOM   413  O O   . GLU A 1 58  ? 6.828   11.859  -3.409  1.00 59.10 ? 78  GLU A O   1 
ATOM   414  C CB  . GLU A 1 58  ? 8.226   12.006  -0.991  1.00 60.06 ? 78  GLU A CB  1 
ATOM   415  N N   . LYS A 1 59  ? 6.019   13.958  -3.178  1.00 63.45 ? 79  LYS A N   1 
ATOM   416  C CA  . LYS A 1 59  ? 5.705   14.156  -4.595  1.00 59.84 ? 79  LYS A CA  1 
ATOM   417  C C   . LYS A 1 59  ? 6.982   13.955  -5.388  1.00 63.32 ? 79  LYS A C   1 
ATOM   418  O O   . LYS A 1 59  ? 7.984   14.613  -5.125  1.00 64.84 ? 79  LYS A O   1 
ATOM   419  C CB  . LYS A 1 59  ? 5.148   15.562  -4.837  1.00 63.01 ? 79  LYS A CB  1 
ATOM   420  N N   . ALA A 1 60  ? 6.953   13.051  -6.361  1.00 66.43 ? 80  ALA A N   1 
ATOM   421  C CA  . ALA A 1 60  ? 8.205   12.494  -6.861  1.00 61.51 ? 80  ALA A CA  1 
ATOM   422  C C   . ALA A 1 60  ? 8.341   12.326  -8.370  1.00 53.29 ? 80  ALA A C   1 
ATOM   423  O O   . ALA A 1 60  ? 7.367   12.324  -9.119  1.00 53.05 ? 80  ALA A O   1 
ATOM   424  C CB  . ALA A 1 60  ? 8.474   11.168  -6.173  1.00 54.40 ? 80  ALA A CB  1 
ATOM   425  N N   . GLY A 1 61  ? 9.587   12.188  -8.797  1.00 60.05 ? 81  GLY A N   1 
ATOM   426  C CA  . GLY A 1 61  ? 9.880   11.774  -10.147 1.00 52.64 ? 81  GLY A CA  1 
ATOM   427  C C   . GLY A 1 61  ? 10.085  10.279  -10.097 1.00 46.80 ? 81  GLY A C   1 
ATOM   428  O O   . GLY A 1 61  ? 9.123   9.515   -10.254 1.00 40.64 ? 81  GLY A O   1 
ATOM   429  N N   . SER A 1 62  ? 11.332  9.877   -9.840  1.00 45.06 ? 82  SER A N   1 
ATOM   430  C CA  . SER A 1 62  ? 11.729  8.469   -9.829  1.00 47.36 ? 82  SER A CA  1 
ATOM   431  C C   . SER A 1 62  ? 11.341  7.743   -8.547  1.00 46.33 ? 82  SER A C   1 
ATOM   432  O O   . SER A 1 62  ? 11.624  6.547   -8.390  1.00 50.73 ? 82  SER A O   1 
ATOM   433  C CB  . SER A 1 62  ? 13.234  8.317   -10.067 1.00 55.00 ? 82  SER A CB  1 
ATOM   434  O OG  . SER A 1 62  ? 13.634  6.963   -9.891  1.00 51.83 ? 82  SER A OG  1 
ATOM   435  N N   . GLU A 1 63  ? 10.695  8.457   -7.634  1.00 43.27 ? 83  GLU A N   1 
ATOM   436  C CA  . GLU A 1 63  ? 10.144  7.814   -6.448  1.00 44.55 ? 83  GLU A CA  1 
ATOM   437  C C   . GLU A 1 63  ? 8.759   7.226   -6.751  1.00 36.62 ? 83  GLU A C   1 
ATOM   438  O O   . GLU A 1 63  ? 8.008   6.878   -5.833  1.00 31.91 ? 83  GLU A O   1 
ATOM   439  C CB  . GLU A 1 63  ? 10.093  8.784   -5.262  1.00 50.04 ? 83  GLU A CB  1 
ATOM   440  N N   . TRP A 1 64  ? 8.423   7.128   -8.040  1.00 28.79 ? 84  TRP A N   1 
ATOM   441  C CA  . TRP A 1 64  ? 7.171   6.494   -8.459  1.00 29.23 ? 84  TRP A CA  1 
ATOM   442  C C   . TRP A 1 64  ? 7.134   5.028   -8.029  1.00 25.23 ? 84  TRP A C   1 
ATOM   443  O O   . TRP A 1 64  ? 6.079   4.499   -7.686  1.00 28.07 ? 84  TRP A O   1 
ATOM   444  C CB  . TRP A 1 64  ? 6.991   6.576   -9.978  1.00 31.57 ? 84  TRP A CB  1 
ATOM   445  C CG  . TRP A 1 64  ? 8.018   5.786   -10.730 1.00 32.59 ? 84  TRP A CG  1 
ATOM   446  C CD1 . TRP A 1 64  ? 9.179   6.254   -11.274 1.00 35.73 ? 84  TRP A CD1 1 
ATOM   447  C CD2 . TRP A 1 64  ? 7.990   4.378   -10.995 1.00 31.32 ? 84  TRP A CD2 1 
ATOM   448  N NE1 . TRP A 1 64  ? 9.869   5.226   -11.877 1.00 31.03 ? 84  TRP A NE1 1 
ATOM   449  C CE2 . TRP A 1 64  ? 9.161   4.063   -11.716 1.00 31.42 ? 84  TRP A CE2 1 
ATOM   450  C CE3 . TRP A 1 64  ? 7.085   3.351   -10.698 1.00 30.42 ? 84  TRP A CE3 1 
ATOM   451  C CZ2 . TRP A 1 64  ? 9.456   2.767   -12.134 1.00 31.36 ? 84  TRP A CZ2 1 
ATOM   452  C CZ3 . TRP A 1 64  ? 7.375   2.070   -11.121 1.00 25.61 ? 84  TRP A CZ3 1 
ATOM   453  C CH2 . TRP A 1 64  ? 8.551   1.789   -11.830 1.00 27.40 ? 84  TRP A CH2 1 
ATOM   454  N N   . ARG A 1 65  ? 8.294   4.380   -8.063  1.00 26.36 ? 85  ARG A N   1 
ATOM   455  C CA  . ARG A 1 65  ? 8.396   2.962   -7.766  1.00 26.78 ? 85  ARG A CA  1 
ATOM   456  C C   . ARG A 1 65  ? 8.057   2.659   -6.318  1.00 25.62 ? 85  ARG A C   1 
ATOM   457  O O   . ARG A 1 65  ? 7.307   1.727   -6.042  1.00 26.89 ? 85  ARG A O   1 
ATOM   458  C CB  . ARG A 1 65  ? 9.790   2.435   -8.090  1.00 25.72 ? 85  ARG A CB  1 
ATOM   459  C CG  . ARG A 1 65  ? 9.845   0.919   -8.148  1.00 33.78 ? 85  ARG A CG  1 
ATOM   460  C CD  . ARG A 1 65  ? 11.260  0.412   -7.990  1.00 33.17 ? 85  ARG A CD  1 
ATOM   461  N NE  . ARG A 1 65  ? 12.221  1.272   -8.670  1.00 40.07 ? 85  ARG A NE  1 
ATOM   462  C CZ  . ARG A 1 65  ? 12.600  1.117   -9.930  1.00 33.13 ? 85  ARG A CZ  1 
ATOM   463  N NH1 . ARG A 1 65  ? 12.095  0.137   -10.650 1.00 39.43 ? 85  ARG A NH1 1 
ATOM   464  N NH2 . ARG A 1 65  ? 13.482  1.943   -10.468 1.00 43.58 ? 85  ARG A NH2 1 
ATOM   465  N N   . GLN A 1 66  ? 8.631   3.440   -5.403  1.00 22.50 ? 86  GLN A N   1 
ATOM   466  C CA  . GLN A 1 66  ? 8.349   3.304   -3.978  1.00 26.59 ? 86  GLN A CA  1 
ATOM   467  C C   . GLN A 1 66  ? 6.870   3.538   -3.662  1.00 25.37 ? 86  GLN A C   1 
ATOM   468  O O   . GLN A 1 66  ? 6.299   2.912   -2.769  1.00 19.73 ? 86  GLN A O   1 
ATOM   469  C CB  . GLN A 1 66  ? 9.231   4.264   -3.167  1.00 27.65 ? 86  GLN A CB  1 
ATOM   470  C CG  . GLN A 1 66  ? 10.710  3.904   -3.196  1.00 25.73 ? 86  GLN A CG  1 
ATOM   471  C CD  . GLN A 1 66  ? 11.553  4.748   -2.249  1.00 36.56 ? 86  GLN A CD  1 
ATOM   472  O OE1 . GLN A 1 66  ? 11.910  5.885   -2.559  1.00 43.10 ? 86  GLN A OE1 1 
ATOM   473  N NE2 . GLN A 1 66  ? 11.882  4.187   -1.092  1.00 38.84 ? 86  GLN A NE2 1 
ATOM   474  N N   . ILE A 1 67  ? 6.258   4.450   -4.404  1.00 28.29 ? 87  ILE A N   1 
ATOM   475  C CA  . ILE A 1 67  ? 4.838   4.715   -4.276  1.00 27.87 ? 87  ILE A CA  1 
ATOM   476  C C   . ILE A 1 67  ? 4.025   3.563   -4.849  1.00 24.48 ? 87  ILE A C   1 
ATOM   477  O O   . ILE A 1 67  ? 3.046   3.127   -4.241  1.00 20.20 ? 87  ILE A O   1 
ATOM   478  C CB  . ILE A 1 67  ? 4.454   6.025   -4.991  1.00 32.53 ? 87  ILE A CB  1 
ATOM   479  C CG1 . ILE A 1 67  ? 5.055   7.221   -4.249  1.00 27.55 ? 87  ILE A CG1 1 
ATOM   480  C CG2 . ILE A 1 67  ? 2.932   6.150   -5.111  1.00 25.01 ? 87  ILE A CG2 1 
ATOM   481  C CD1 . ILE A 1 67  ? 4.709   8.544   -4.876  1.00 39.87 ? 87  ILE A CD1 1 
ATOM   482  N N   . TYR A 1 68  ? 4.443   3.060   -6.011  1.00 25.48 ? 88  TYR A N   1 
ATOM   483  C CA  . TYR A 1 68  ? 3.773   1.908   -6.607  1.00 23.64 ? 88  TYR A CA  1 
ATOM   484  C C   . TYR A 1 68  ? 3.804   0.704   -5.653  1.00 23.94 ? 88  TYR A C   1 
ATOM   485  O O   . TYR A 1 68  ? 2.784   0.040   -5.434  1.00 18.88 ? 88  TYR A O   1 
ATOM   486  C CB  . TYR A 1 68  ? 4.387   1.532   -7.960  1.00 20.14 ? 88  TYR A CB  1 
ATOM   487  C CG  . TYR A 1 68  ? 3.555   0.493   -8.678  1.00 21.31 ? 88  TYR A CG  1 
ATOM   488  C CD1 . TYR A 1 68  ? 2.340   0.837   -9.236  1.00 25.93 ? 88  TYR A CD1 1 
ATOM   489  C CD2 . TYR A 1 68  ? 3.969   -0.829  -8.774  1.00 25.54 ? 88  TYR A CD2 1 
ATOM   490  C CE1 . TYR A 1 68  ? 1.562   -0.081  -9.882  1.00 29.10 ? 88  TYR A CE1 1 
ATOM   491  C CE2 . TYR A 1 68  ? 3.180   -1.777  -9.422  1.00 28.77 ? 88  TYR A CE2 1 
ATOM   492  C CZ  . TYR A 1 68  ? 1.975   -1.382  -9.979  1.00 34.05 ? 88  TYR A CZ  1 
ATOM   493  O OH  . TYR A 1 68  ? 1.162   -2.274  -10.640 1.00 41.55 ? 88  TYR A OH  1 
ATOM   494  N N   . LYS A 1 69  ? 4.973   0.455   -5.064  1.00 22.71 ? 89  LYS A N   1 
ATOM   495  C CA  . LYS A 1 69  ? 5.144   -0.660  -4.125  1.00 20.56 ? 89  LYS A CA  1 
ATOM   496  C C   . LYS A 1 69  ? 4.356   -0.470  -2.812  1.00 22.55 ? 89  LYS A C   1 
ATOM   497  O O   . LYS A 1 69  ? 3.867   -1.436  -2.222  1.00 20.25 ? 89  LYS A O   1 
ATOM   498  C CB  . LYS A 1 69  ? 6.632   -0.894  -3.867  1.00 20.02 ? 89  LYS A CB  1 
ATOM   499  C CG  . LYS A 1 69  ? 7.377   -1.341  -5.136  1.00 27.20 ? 89  LYS A CG  1 
ATOM   500  C CD  . LYS A 1 69  ? 8.900   -1.249  -5.000  1.00 23.20 ? 89  LYS A CD  1 
ATOM   501  C CE  . LYS A 1 69  ? 9.505   -2.543  -4.531  1.00 24.45 ? 89  LYS A CE  1 
ATOM   502  N NZ  . LYS A 1 69  ? 10.975  -2.475  -4.459  1.00 21.37 ? 89  LYS A NZ  1 
ATOM   503  N N   . ALA A 1 70  ? 4.226   0.779   -2.368  1.00 22.75 ? 90  ALA A N   1 
ATOM   504  C CA  . ALA A 1 70  ? 3.368   1.106   -1.225  1.00 22.74 ? 90  ALA A CA  1 
ATOM   505  C C   . ALA A 1 70  ? 1.888   0.837   -1.516  1.00 23.09 ? 90  ALA A C   1 
ATOM   506  O O   . ALA A 1 70  ? 1.124   0.427   -0.623  1.00 23.13 ? 90  ALA A O   1 
ATOM   507  C CB  . ALA A 1 70  ? 3.567   2.548   -0.818  1.00 25.97 ? 90  ALA A CB  1 
ATOM   508  N N   . LEU A 1 71  ? 1.475   1.072   -2.761  1.00 23.89 ? 91  LEU A N   1 
ATOM   509  C CA  . LEU A 1 71  ? 0.099   0.773   -3.173  1.00 25.60 ? 91  LEU A CA  1 
ATOM   510  C C   . LEU A 1 71  ? -0.170  -0.724  -3.172  1.00 19.51 ? 91  LEU A C   1 
ATOM   511  O O   . LEU A 1 71  ? -1.173  -1.175  -2.615  1.00 19.98 ? 91  LEU A O   1 
ATOM   512  C CB  . LEU A 1 71  ? -0.219  1.356   -4.559  1.00 19.86 ? 91  LEU A CB  1 
ATOM   513  C CG  . LEU A 1 71  ? -0.271  2.891   -4.692  1.00 21.39 ? 91  LEU A CG  1 
ATOM   514  C CD1 . LEU A 1 71  ? -0.532  3.264   -6.153  1.00 22.46 ? 91  LEU A CD1 1 
ATOM   515  C CD2 . LEU A 1 71  ? -1.332  3.502   -3.778  1.00 20.18 ? 91  LEU A CD2 1 
ATOM   516  N N   . GLN A 1 72  ? 0.721   -1.479  -3.815  1.00 19.78 ? 92  GLN A N   1 
ATOM   517  C CA  . GLN A 1 72  ? 0.651   -2.934  -3.812  1.00 21.41 ? 92  GLN A CA  1 
ATOM   518  C C   . GLN A 1 72  ? 0.543   -3.486  -2.400  1.00 19.17 ? 92  GLN A C   1 
ATOM   519  O O   . GLN A 1 72  ? -0.263  -4.365  -2.145  1.00 21.40 ? 92  GLN A O   1 
ATOM   520  C CB  . GLN A 1 72  ? 1.888   -3.546  -4.475  1.00 21.33 ? 92  GLN A CB  1 
ATOM   521  C CG  . GLN A 1 72  ? 1.950   -3.411  -5.975  1.00 21.64 ? 92  GLN A CG  1 
ATOM   522  C CD  . GLN A 1 72  ? 3.219   -4.010  -6.545  1.00 26.63 ? 92  GLN A CD  1 
ATOM   523  O OE1 . GLN A 1 72  ? 4.324   -3.529  -6.271  1.00 17.06 ? 92  GLN A OE1 1 
ATOM   524  N NE2 . GLN A 1 72  ? 3.070   -5.071  -7.346  1.00 20.89 ? 92  GLN A NE2 1 
ATOM   525  N N   . LEU A 1 73  ? 1.384   -2.997  -1.490  1.00 17.78 ? 93  LEU A N   1 
ATOM   526  C CA  . LEU A 1 73  ? 1.344   -3.449  -0.095  1.00 19.56 ? 93  LEU A CA  1 
ATOM   527  C C   . LEU A 1 73  ? -0.004  -3.153  0.558   1.00 20.52 ? 93  LEU A C   1 
ATOM   528  O O   . LEU A 1 73  ? -0.569  -3.987  1.263   1.00 19.52 ? 93  LEU A O   1 
ATOM   529  C CB  . LEU A 1 73  ? 2.447   -2.771  0.723   1.00 18.08 ? 93  LEU A CB  1 
ATOM   530  C CG  . LEU A 1 73  ? 2.534   -3.128  2.209   1.00 17.37 ? 93  LEU A CG  1 
ATOM   531  C CD1 . LEU A 1 73  ? 2.588   -4.642  2.451   1.00 13.57 ? 93  LEU A CD1 1 
ATOM   532  C CD2 . LEU A 1 73  ? 3.751   -2.446  2.845   1.00 15.75 ? 93  LEU A CD2 1 
ATOM   533  N N   . LEU A 1 74  ? -0.506  -1.949  0.317   1.00 20.38 ? 94  LEU A N   1 
ATOM   534  C CA  . LEU A 1 74  ? -1.725  -1.483  0.950   1.00 17.90 ? 94  LEU A CA  1 
ATOM   535  C C   . LEU A 1 74  ? -2.915  -2.273  0.410   1.00 22.70 ? 94  LEU A C   1 
ATOM   536  O O   . LEU A 1 74  ? -3.870  -2.561  1.133   1.00 23.23 ? 94  LEU A O   1 
ATOM   537  C CB  . LEU A 1 74  ? -1.873  0.021   0.697   1.00 22.36 ? 94  LEU A CB  1 
ATOM   538  C CG  . LEU A 1 74  ? -2.696  0.959   1.583   1.00 25.29 ? 94  LEU A CG  1 
ATOM   539  C CD1 . LEU A 1 74  ? -2.409  0.830   3.079   1.00 20.38 ? 94  LEU A CD1 1 
ATOM   540  C CD2 . LEU A 1 74  ? -2.461  2.400   1.115   1.00 29.59 ? 94  LEU A CD2 1 
ATOM   541  N N   . ASP A 1 75  ? -2.845  -2.657  -0.859  1.00 18.74 ? 95  ASP A N   1 
ATOM   542  C CA  . ASP A 1 75  ? -3.875  -3.520  -1.414  1.00 21.66 ? 95  ASP A CA  1 
ATOM   543  C C   . ASP A 1 75  ? -3.887  -4.862  -0.682  1.00 20.42 ? 95  ASP A C   1 
ATOM   544  O O   . ASP A 1 75  ? -4.928  -5.363  -0.258  1.00 21.65 ? 95  ASP A O   1 
ATOM   545  C CB  . ASP A 1 75  ? -3.633  -3.754  -2.907  1.00 23.35 ? 95  ASP A CB  1 
ATOM   546  C CG  . ASP A 1 75  ? -4.756  -4.540  -3.554  1.00 25.72 ? 95  ASP A CG  1 
ATOM   547  O OD1 . ASP A 1 75  ? -5.867  -3.990  -3.668  1.00 29.35 ? 95  ASP A OD1 1 
ATOM   548  O OD2 . ASP A 1 75  ? -4.540  -5.719  -3.914  1.00 24.64 ? 95  ASP A OD2 1 
ATOM   549  N N   . TYR A 1 76  ? -2.711  -5.448  -0.544  1.00 20.18 ? 96  TYR A N   1 
ATOM   550  C CA  . TYR A 1 76  ? -2.595  -6.741  0.108   1.00 21.14 ? 96  TYR A CA  1 
ATOM   551  C C   . TYR A 1 76  ? -3.131  -6.657  1.539   1.00 20.54 ? 96  TYR A C   1 
ATOM   552  O O   . TYR A 1 76  ? -3.814  -7.564  1.999   1.00 20.84 ? 96  TYR A O   1 
ATOM   553  C CB  . TYR A 1 76  ? -1.131  -7.200  0.098   1.00 18.06 ? 96  TYR A CB  1 
ATOM   554  C CG  . TYR A 1 76  ? -0.924  -8.616  0.588   1.00 23.07 ? 96  TYR A CG  1 
ATOM   555  C CD1 . TYR A 1 76  ? -0.933  -9.693  -0.300  1.00 19.27 ? 96  TYR A CD1 1 
ATOM   556  C CD2 . TYR A 1 76  ? -0.728  -8.879  1.942   1.00 23.56 ? 96  TYR A CD2 1 
ATOM   557  C CE1 . TYR A 1 76  ? -0.735  -10.990 0.156   1.00 23.48 ? 96  TYR A CE1 1 
ATOM   558  C CE2 . TYR A 1 76  ? -0.540  -10.169 2.405   1.00 19.52 ? 96  TYR A CE2 1 
ATOM   559  C CZ  . TYR A 1 76  ? -0.547  -11.219 1.513   1.00 25.08 ? 96  TYR A CZ  1 
ATOM   560  O OH  . TYR A 1 76  ? -0.363  -12.501 1.983   1.00 29.02 ? 96  TYR A OH  1 
ATOM   561  N N   . LEU A 1 77  ? -2.839  -5.555  2.226   1.00 17.97 ? 97  LEU A N   1 
ATOM   562  C CA  . LEU A 1 77  ? -3.181  -5.425  3.640   1.00 20.31 ? 97  LEU A CA  1 
ATOM   563  C C   . LEU A 1 77  ? -4.673  -5.264  3.836   1.00 26.29 ? 97  LEU A C   1 
ATOM   564  O O   . LEU A 1 77  ? -5.243  -5.747  4.809   1.00 21.41 ? 97  LEU A O   1 
ATOM   565  C CB  . LEU A 1 77  ? -2.445  -4.254  4.282   1.00 19.92 ? 97  LEU A CB  1 
ATOM   566  C CG  . LEU A 1 77  ? -0.926  -4.389  4.417   1.00 24.02 ? 97  LEU A CG  1 
ATOM   567  C CD1 . LEU A 1 77  ? -0.345  -3.133  5.055   1.00 20.80 ? 97  LEU A CD1 1 
ATOM   568  C CD2 . LEU A 1 77  ? -0.538  -5.632  5.221   1.00 21.79 ? 97  LEU A CD2 1 
ATOM   569  N N   . ILE A 1 78  ? -5.309  -4.585  2.892   1.00 25.24 ? 98  ILE A N   1 
ATOM   570  C CA  . ILE A 1 78  ? -6.745  -4.464  2.930   1.00 23.20 ? 98  ILE A CA  1 
ATOM   571  C C   . ILE A 1 78  ? -7.414  -5.825  2.738   1.00 25.09 ? 98  ILE A C   1 
ATOM   572  O O   . ILE A 1 78  ? -8.461  -6.095  3.322   1.00 26.34 ? 98  ILE A O   1 
ATOM   573  C CB  . ILE A 1 78  ? -7.213  -3.377  1.954   1.00 29.73 ? 98  ILE A CB  1 
ATOM   574  C CG1 . ILE A 1 78  ? -6.718  -2.017  2.481   1.00 24.07 ? 98  ILE A CG1 1 
ATOM   575  C CG2 . ILE A 1 78  ? -8.726  -3.393  1.811   1.00 26.83 ? 98  ILE A CG2 1 
ATOM   576  C CD1 . ILE A 1 78  ? -6.641  -0.948  1.458   1.00 30.65 ? 98  ILE A CD1 1 
ATOM   577  N N   . LYS A 1 79  ? -6.765  -6.710  1.990   1.00 25.31 ? 99  LYS A N   1 
ATOM   578  C CA  . LYS A 1 79  ? -7.296  -8.057  1.761   1.00 27.16 ? 99  LYS A CA  1 
ATOM   579  C C   . LYS A 1 79  ? -6.902  -9.066  2.840   1.00 25.45 ? 99  LYS A C   1 
ATOM   580  O O   . LYS A 1 79  ? -7.608  -10.048 3.066   1.00 21.40 ? 99  LYS A O   1 
ATOM   581  C CB  . LYS A 1 79  ? -6.857  -8.579  0.388   1.00 23.85 ? 99  LYS A CB  1 
ATOM   582  C CG  . LYS A 1 79  ? -7.495  -7.839  -0.779  1.00 22.18 ? 99  LYS A CG  1 
ATOM   583  C CD  . LYS A 1 79  ? -6.757  -8.107  -2.086  1.00 21.56 ? 99  LYS A CD  1 
ATOM   584  C CE  . LYS A 1 79  ? -7.243  -7.171  -3.186  1.00 22.06 ? 99  LYS A CE  1 
ATOM   585  N NZ  . LYS A 1 79  ? -6.480  -7.364  -4.458  1.00 27.70 ? 99  LYS A NZ  1 
ATOM   586  N N   . HIS A 1 80  ? -5.782  -8.825  3.514   1.00 17.34 ? 100 HIS A N   1 
ATOM   587  C CA  . HIS A 1 80  ? -5.260  -9.823  4.449   1.00 23.10 ? 100 HIS A CA  1 
ATOM   588  C C   . HIS A 1 80  ? -5.168  -9.334  5.899   1.00 24.16 ? 100 HIS A C   1 
ATOM   589  O O   . HIS A 1 80  ? -5.159  -10.145 6.832   1.00 26.33 ? 100 HIS A O   1 
ATOM   590  C CB  . HIS A 1 80  ? -3.890  -10.352 3.988   1.00 20.56 ? 100 HIS A CB  1 
ATOM   591  C CG  . HIS A 1 80  ? -3.898  -10.940 2.607   1.00 20.39 ? 100 HIS A CG  1 
ATOM   592  N ND1 . HIS A 1 80  ? -4.063  -12.288 2.367   1.00 27.13 ? 100 HIS A ND1 1 
ATOM   593  C CD2 . HIS A 1 80  ? -3.764  -10.355 1.392   1.00 18.71 ? 100 HIS A CD2 1 
ATOM   594  C CE1 . HIS A 1 80  ? -4.041  -12.506 1.063   1.00 22.46 ? 100 HIS A CE1 1 
ATOM   595  N NE2 . HIS A 1 80  ? -3.858  -11.351 0.449   1.00 20.23 ? 100 HIS A NE2 1 
ATOM   596  N N   . GLY A 1 81  ? -5.104  -8.016  6.072   1.00 18.93 ? 101 GLY A N   1 
ATOM   597  C CA  . GLY A 1 81  ? -4.784  -7.405  7.350   1.00 21.49 ? 101 GLY A CA  1 
ATOM   598  C C   . GLY A 1 81  ? -5.979  -7.283  8.266   1.00 20.97 ? 101 GLY A C   1 
ATOM   599  O O   . GLY A 1 81  ? -7.078  -7.666  7.909   1.00 19.69 ? 101 GLY A O   1 
ATOM   600  N N   . SER A 1 82  ? -5.746  -6.756  9.457   1.00 19.55 ? 102 SER A N   1 
ATOM   601  C CA  . SER A 1 82  ? -6.782  -6.571  10.458  1.00 18.95 ? 102 SER A CA  1 
ATOM   602  C C   . SER A 1 82  ? -7.884  -5.645  9.948   1.00 24.93 ? 102 SER A C   1 
ATOM   603  O O   . SER A 1 82  ? -7.632  -4.729  9.163   1.00 23.32 ? 102 SER A O   1 
ATOM   604  C CB  . SER A 1 82  ? -6.152  -5.967  11.711  1.00 21.29 ? 102 SER A CB  1 
ATOM   605  O OG  . SER A 1 82  ? -7.118  -5.636  12.676  1.00 28.19 ? 102 SER A OG  1 
ATOM   606  N N   . GLU A 1 83  ? -9.106  -5.884  10.410  1.00 24.78 ? 103 GLU A N   1 
ATOM   607  C CA  . GLU A 1 83  ? -10.235 -5.005  10.112  1.00 27.24 ? 103 GLU A CA  1 
ATOM   608  C C   . GLU A 1 83  ? -9.970  -3.585  10.621  1.00 25.66 ? 103 GLU A C   1 
ATOM   609  O O   . GLU A 1 83  ? -10.387 -2.593  10.006  1.00 26.60 ? 103 GLU A O   1 
ATOM   610  C CB  . GLU A 1 83  ? -11.488 -5.555  10.786  1.00 29.17 ? 103 GLU A CB  1 
ATOM   611  C CG  . GLU A 1 83  ? -12.770 -5.070  10.193  1.00 43.92 ? 103 GLU A CG  1 
ATOM   612  C CD  . GLU A 1 83  ? -13.057 -5.742  8.882   1.00 43.93 ? 103 GLU A CD  1 
ATOM   613  O OE1 . GLU A 1 83  ? -13.169 -6.992  8.881   1.00 38.48 ? 103 GLU A OE1 1 
ATOM   614  O OE2 . GLU A 1 83  ? -13.173 -5.016  7.866   1.00 42.34 ? 103 GLU A OE2 1 
ATOM   615  N N   . ARG A 1 84  ? -9.284  -3.496  11.758  1.00 24.28 ? 104 ARG A N   1 
ATOM   616  C CA  . ARG A 1 84  ? -8.957  -2.208  12.365  1.00 23.89 ? 104 ARG A CA  1 
ATOM   617  C C   . ARG A 1 84  ? -8.018  -1.400  11.471  1.00 24.07 ? 104 ARG A C   1 
ATOM   618  O O   . ARG A 1 84  ? -8.021  -0.168  11.504  1.00 23.56 ? 104 ARG A O   1 
ATOM   619  C CB  . ARG A 1 84  ? -8.352  -2.412  13.758  1.00 25.44 ? 104 ARG A CB  1 
ATOM   620  C CG  . ARG A 1 84  ? -9.398  -2.767  14.843  1.00 37.57 ? 104 ARG A CG  1 
ATOM   621  C CD  . ARG A 1 84  ? -8.783  -3.470  16.068  1.00 39.01 ? 104 ARG A CD  1 
ATOM   622  N NE  . ARG A 1 84  ? -9.573  -3.311  17.302  1.00 46.12 ? 104 ARG A NE  1 
ATOM   623  C CZ  . ARG A 1 84  ? -10.794 -3.812  17.511  1.00 52.41 ? 104 ARG A CZ  1 
ATOM   624  N NH1 . ARG A 1 84  ? -11.416 -4.513  16.569  1.00 49.95 ? 104 ARG A NH1 1 
ATOM   625  N NH2 . ARG A 1 84  ? -11.409 -3.603  18.670  1.00 47.81 ? 104 ARG A NH2 1 
ATOM   626  N N   . PHE A 1 85  ? -7.211  -2.097  10.678  1.00 17.30 ? 105 PHE A N   1 
ATOM   627  C CA  . PHE A 1 85  ? -6.281  -1.432  9.766   1.00 18.27 ? 105 PHE A CA  1 
ATOM   628  C C   . PHE A 1 85  ? -6.999  -0.744  8.603   1.00 20.74 ? 105 PHE A C   1 
ATOM   629  O O   . PHE A 1 85  ? -6.546  0.295   8.112   1.00 16.55 ? 105 PHE A O   1 
ATOM   630  C CB  . PHE A 1 85  ? -5.260  -2.438  9.225   1.00 24.11 ? 105 PHE A CB  1 
ATOM   631  C CG  . PHE A 1 85  ? -4.316  -1.853  8.217   1.00 26.23 ? 105 PHE A CG  1 
ATOM   632  C CD1 . PHE A 1 85  ? -4.556  -1.997  6.860   1.00 25.66 ? 105 PHE A CD1 1 
ATOM   633  C CD2 . PHE A 1 85  ? -3.209  -1.125  8.625   1.00 19.27 ? 105 PHE A CD2 1 
ATOM   634  C CE1 . PHE A 1 85  ? -3.686  -1.456  5.932   1.00 23.91 ? 105 PHE A CE1 1 
ATOM   635  C CE2 . PHE A 1 85  ? -2.352  -0.574  7.702   1.00 19.85 ? 105 PHE A CE2 1 
ATOM   636  C CZ  . PHE A 1 85  ? -2.580  -0.748  6.358   1.00 16.63 ? 105 PHE A CZ  1 
ATOM   637  N N   . ILE A 1 86  ? -8.100  -1.348  8.135   1.00 21.60 ? 106 ILE A N   1 
ATOM   638  C CA  . ILE A 1 86  ? -8.959  -0.734  7.116   1.00 19.79 ? 106 ILE A CA  1 
ATOM   639  C C   . ILE A 1 86  ? -9.622  0.511   7.709   1.00 21.58 ? 106 ILE A C   1 
ATOM   640  O O   . ILE A 1 86  ? -9.711  1.551   7.057   1.00 21.15 ? 106 ILE A O   1 
ATOM   641  C CB  . ILE A 1 86  ? -10.116 -1.690  6.666   1.00 23.17 ? 106 ILE A CB  1 
ATOM   642  C CG1 . ILE A 1 86  ? -9.603  -3.092  6.320   1.00 27.37 ? 106 ILE A CG1 1 
ATOM   643  C CG2 . ILE A 1 86  ? -10.937 -1.073  5.537   1.00 20.43 ? 106 ILE A CG2 1 
ATOM   644  C CD1 . ILE A 1 86  ? -8.477  -3.096  5.337   1.00 31.86 ? 106 ILE A CD1 1 
ATOM   645  N N   . ASP A 1 87  ? -10.111 0.386   8.944   1.00 19.28 ? 107 ASP A N   1 
ATOM   646  C CA  . ASP A 1 87  ? -10.659 1.528   9.665   1.00 19.03 ? 107 ASP A CA  1 
ATOM   647  C C   . ASP A 1 87  ? -9.615  2.648   9.682   1.00 22.36 ? 107 ASP A C   1 
ATOM   648  O O   . ASP A 1 87  ? -9.903  3.780   9.282   1.00 20.98 ? 107 ASP A O   1 
ATOM   649  C CB  . ASP A 1 87  ? -11.053 1.142   11.101  1.00 23.25 ? 107 ASP A CB  1 
ATOM   650  C CG  . ASP A 1 87  ? -12.294 0.252   11.159  1.00 28.54 ? 107 ASP A CG  1 
ATOM   651  O OD1 . ASP A 1 87  ? -12.600 -0.284  12.245  1.00 37.10 ? 107 ASP A OD1 1 
ATOM   652  O OD2 . ASP A 1 87  ? -12.972 0.085   10.127  1.00 27.57 ? 107 ASP A OD2 1 
ATOM   653  N N   . ASP A 1 88  ? -8.400  2.331   10.130  1.00 19.75 ? 108 ASP A N   1 
ATOM   654  C CA  . ASP A 1 88  ? -7.303  3.314   10.151  1.00 19.00 ? 108 ASP A CA  1 
ATOM   655  C C   . ASP A 1 88  ? -7.078  3.948   8.781   1.00 20.17 ? 108 ASP A C   1 
ATOM   656  O O   . ASP A 1 88  ? -7.049  5.169   8.653   1.00 19.15 ? 108 ASP A O   1 
ATOM   657  C CB  . ASP A 1 88  ? -6.005  2.649   10.587  1.00 22.41 ? 108 ASP A CB  1 
ATOM   658  C CG  . ASP A 1 88  ? -6.013  2.246   12.050  1.00 22.63 ? 108 ASP A CG  1 
ATOM   659  O OD1 . ASP A 1 88  ? -6.994  2.545   12.766  1.00 20.38 ? 108 ASP A OD1 1 
ATOM   660  O OD2 . ASP A 1 88  ? -5.018  1.639   12.483  1.00 26.23 ? 108 ASP A OD2 1 
ATOM   661  N N   . THR A 1 89  ? -6.938  3.104   7.763   1.00 19.67 ? 109 THR A N   1 
ATOM   662  C CA  . THR A 1 89  ? -6.674  3.551   6.397   1.00 16.09 ? 109 THR A CA  1 
ATOM   663  C C   . THR A 1 89  ? -7.784  4.457   5.865   1.00 17.69 ? 109 THR A C   1 
ATOM   664  O O   . THR A 1 89  ? -7.521  5.424   5.161   1.00 17.80 ? 109 THR A O   1 
ATOM   665  C CB  . THR A 1 89  ? -6.485  2.346   5.434   1.00 17.06 ? 109 THR A CB  1 
ATOM   666  O OG1 . THR A 1 89  ? -5.431  1.492   5.911   1.00 22.29 ? 109 THR A OG1 1 
ATOM   667  C CG2 . THR A 1 89  ? -6.145  2.834   4.031   1.00 21.24 ? 109 THR A CG2 1 
ATOM   668  N N   . ARG A 1 90  ? -9.032  4.140   6.189   1.00 17.68 ? 110 ARG A N   1 
ATOM   669  C CA  . ARG A 1 90  ? -10.146 4.995   5.764   1.00 21.46 ? 110 ARG A CA  1 
ATOM   670  C C   . ARG A 1 90  ? -10.016 6.454   6.219   1.00 19.56 ? 110 ARG A C   1 
ATOM   671  O O   . ARG A 1 90  ? -10.476 7.364   5.522   1.00 24.91 ? 110 ARG A O   1 
ATOM   672  C CB  . ARG A 1 90  ? -11.491 4.383   6.168   1.00 19.88 ? 110 ARG A CB  1 
ATOM   673  C CG  . ARG A 1 90  ? -11.944 3.321   5.183   1.00 18.77 ? 110 ARG A CG  1 
ATOM   674  C CD  . ARG A 1 90  ? -13.075 2.465   5.711   1.00 22.27 ? 110 ARG A CD  1 
ATOM   675  N NE  . ARG A 1 90  ? -13.658 1.656   4.647   1.00 20.93 ? 110 ARG A NE  1 
ATOM   676  C CZ  . ARG A 1 90  ? -14.740 0.899   4.796   1.00 22.54 ? 110 ARG A CZ  1 
ATOM   677  N NH1 . ARG A 1 90  ? -15.349 0.820   5.979   1.00 24.40 ? 110 ARG A NH1 1 
ATOM   678  N NH2 . ARG A 1 90  ? -15.203 0.216   3.765   1.00 27.08 ? 110 ARG A NH2 1 
ATOM   679  N N   . ASN A 1 91  ? -9.377  6.666   7.375   1.00 20.16 ? 111 ASN A N   1 
ATOM   680  C CA  . ASN A 1 91  ? -9.141  8.005   7.908   1.00 21.85 ? 111 ASN A CA  1 
ATOM   681  C C   . ASN A 1 91  ? -8.126  8.816   7.086   1.00 25.11 ? 111 ASN A C   1 
ATOM   682  O O   . ASN A 1 91  ? -7.904  9.997   7.351   1.00 24.28 ? 111 ASN A O   1 
ATOM   683  C CB  . ASN A 1 91  ? -8.699  7.933   9.381   1.00 20.70 ? 111 ASN A CB  1 
ATOM   684  C CG  . ASN A 1 91  ? -9.790  7.386   10.296  1.00 22.77 ? 111 ASN A CG  1 
ATOM   685  O OD1 . ASN A 1 91  ? -10.971 7.458   9.974   1.00 21.49 ? 111 ASN A OD1 1 
ATOM   686  N ND2 . ASN A 1 91  ? -9.392  6.839   11.448  1.00 22.71 ? 111 ASN A ND2 1 
ATOM   687  N N   . SER A 1 92  ? -7.525  8.171   6.090   1.00 24.62 ? 112 SER A N   1 
ATOM   688  C CA  . SER A 1 92  ? -6.502  8.784   5.250   1.00 25.20 ? 112 SER A CA  1 
ATOM   689  C C   . SER A 1 92  ? -6.848  8.764   3.760   1.00 25.59 ? 112 SER A C   1 
ATOM   690  O O   . SER A 1 92  ? -5.955  8.931   2.934   1.00 25.00 ? 112 SER A O   1 
ATOM   691  C CB  . SER A 1 92  ? -5.169  8.055   5.427   1.00 24.81 ? 112 SER A CB  1 
ATOM   692  O OG  . SER A 1 92  ? -4.674  8.153   6.747   1.00 27.58 ? 112 SER A OG  1 
ATOM   693  N N   . ILE A 1 93  ? -8.120  8.537   3.417   1.00 24.96 ? 113 ILE A N   1 
ATOM   694  C CA  . ILE A 1 93  ? -8.549  8.486   2.013   1.00 23.18 ? 113 ILE A CA  1 
ATOM   695  C C   . ILE A 1 93  ? -8.135  9.762   1.289   1.00 27.91 ? 113 ILE A C   1 
ATOM   696  O O   . ILE A 1 93  ? -7.703  9.734   0.137   1.00 28.57 ? 113 ILE A O   1 
ATOM   697  C CB  . ILE A 1 93  ? -10.088 8.343   1.873   1.00 30.17 ? 113 ILE A CB  1 
ATOM   698  C CG1 . ILE A 1 93  ? -10.571 6.992   2.393   1.00 34.47 ? 113 ILE A CG1 1 
ATOM   699  C CG2 . ILE A 1 93  ? -10.492 8.426   0.411   1.00 31.50 ? 113 ILE A CG2 1 
ATOM   700  C CD1 . ILE A 1 93  ? -10.247 5.833   1.442   1.00 33.01 ? 113 ILE A CD1 1 
ATOM   701  N N   . ASN A 1 94  ? -8.281  10.881  1.988   1.00 23.94 ? 114 ASN A N   1 
ATOM   702  C CA  . ASN A 1 94  ? -7.883  12.203  1.505   1.00 29.66 ? 114 ASN A CA  1 
ATOM   703  C C   . ASN A 1 94  ? -6.474  12.224  0.914   1.00 29.04 ? 114 ASN A C   1 
ATOM   704  O O   . ASN A 1 94  ? -6.257  12.662  -0.213  1.00 26.90 ? 114 ASN A O   1 
ATOM   705  C CB  . ASN A 1 94  ? -7.977  13.203  2.676   1.00 39.07 ? 114 ASN A CB  1 
ATOM   706  C CG  . ASN A 1 94  ? -7.846  12.515  4.060   1.00 40.65 ? 114 ASN A CG  1 
ATOM   707  O OD1 . ASN A 1 94  ? -8.840  12.027  4.632   1.00 30.72 ? 114 ASN A OD1 1 
ATOM   708  N ND2 . ASN A 1 94  ? -6.616  12.465  4.589   1.00 37.29 ? 114 ASN A ND2 1 
ATOM   709  N N   . LEU A 1 95  ? -5.525  11.748  1.708   1.00 28.87 ? 115 LEU A N   1 
ATOM   710  C CA  . LEU A 1 95  ? -4.118  11.703  1.346   1.00 28.66 ? 115 LEU A CA  1 
ATOM   711  C C   . LEU A 1 95  ? -3.890  10.741  0.174   1.00 30.46 ? 115 LEU A C   1 
ATOM   712  O O   . LEU A 1 95  ? -3.070  10.999  -0.700  1.00 28.23 ? 115 LEU A O   1 
ATOM   713  C CB  . LEU A 1 95  ? -3.303  11.264  2.569   1.00 25.15 ? 115 LEU A CB  1 
ATOM   714  C CG  . LEU A 1 95  ? -1.793  11.506  2.720   1.00 27.00 ? 115 LEU A CG  1 
ATOM   715  C CD1 . LEU A 1 95  ? -1.122  10.236  3.218   1.00 28.36 ? 115 LEU A CD1 1 
ATOM   716  C CD2 . LEU A 1 95  ? -1.120  12.000  1.441   1.00 30.47 ? 115 LEU A CD2 1 
ATOM   717  N N   . ILE A 1 96  ? -4.619  9.632   0.166   1.00 23.07 ? 116 ILE A N   1 
ATOM   718  C CA  . ILE A 1 96  ? -4.467  8.634   -0.882  1.00 24.33 ? 116 ILE A CA  1 
ATOM   719  C C   . ILE A 1 96  ? -4.929  9.212   -2.214  1.00 31.93 ? 116 ILE A C   1 
ATOM   720  O O   . ILE A 1 96  ? -4.291  8.990   -3.261  1.00 25.20 ? 116 ILE A O   1 
ATOM   721  C CB  . ILE A 1 96  ? -5.260  7.360   -0.535  1.00 26.40 ? 116 ILE A CB  1 
ATOM   722  C CG1 . ILE A 1 96  ? -4.784  6.790   0.807   1.00 22.14 ? 116 ILE A CG1 1 
ATOM   723  C CG2 . ILE A 1 96  ? -5.164  6.325   -1.646  1.00 25.85 ? 116 ILE A CG2 1 
ATOM   724  C CD1 . ILE A 1 96  ? -5.569  5.584   1.271   1.00 23.96 ? 116 ILE A CD1 1 
ATOM   725  N N   . ARG A 1 97  ? -6.031  9.968   -2.151  1.00 29.93 ? 117 ARG A N   1 
ATOM   726  C CA  . ARG A 1 97  ? -6.635  10.627  -3.309  1.00 30.99 ? 117 ARG A CA  1 
ATOM   727  C C   . ARG A 1 97  ? -5.645  11.496  -4.070  1.00 29.19 ? 117 ARG A C   1 
ATOM   728  O O   . ARG A 1 97  ? -5.760  11.668  -5.282  1.00 25.60 ? 117 ARG A O   1 
ATOM   729  C CB  . ARG A 1 97  ? -7.838  11.487  -2.882  1.00 29.21 ? 117 ARG A CB  1 
ATOM   730  C CG  . ARG A 1 97  ? -9.050  10.690  -2.414  1.00 34.20 ? 117 ARG A CG  1 
ATOM   731  C CD  . ARG A 1 97  ? -10.383 11.428  -2.680  1.00 39.87 ? 117 ARG A CD  1 
ATOM   732  N NE  . ARG A 1 97  ? -11.522 10.683  -2.141  1.00 32.84 ? 117 ARG A NE  1 
ATOM   733  C CZ  . ARG A 1 97  ? -12.260 9.826   -2.841  1.00 38.97 ? 117 ARG A CZ  1 
ATOM   734  N NH1 . ARG A 1 97  ? -13.263 9.193   -2.251  1.00 43.42 ? 117 ARG A NH1 1 
ATOM   735  N NH2 . ARG A 1 97  ? -12.004 9.605   -4.126  1.00 39.95 ? 117 ARG A NH2 1 
ATOM   736  N N   . ILE A 1 98  ? -4.681  12.059  -3.354  1.00 26.91 ? 118 ILE A N   1 
ATOM   737  C CA  . ILE A 1 98  ? -3.681  12.906  -3.990  1.00 26.94 ? 118 ILE A CA  1 
ATOM   738  C C   . ILE A 1 98  ? -3.043  12.181  -5.173  1.00 31.46 ? 118 ILE A C   1 
ATOM   739  O O   . ILE A 1 98  ? -2.719  12.804  -6.179  1.00 32.10 ? 118 ILE A O   1 
ATOM   740  C CB  . ILE A 1 98  ? -2.575  13.347  -2.986  1.00 32.29 ? 118 ILE A CB  1 
ATOM   741  C CG1 . ILE A 1 98  ? -1.723  14.469  -3.574  1.00 42.59 ? 118 ILE A CG1 1 
ATOM   742  C CG2 . ILE A 1 98  ? -1.666  12.186  -2.614  1.00 31.20 ? 118 ILE A CG2 1 
ATOM   743  C CD1 . ILE A 1 98  ? -0.466  14.759  -2.757  1.00 43.10 ? 118 ILE A CD1 1 
ATOM   744  N N   . LEU A 1 99  ? -2.883  10.861  -5.060  1.00 26.02 ? 119 LEU A N   1 
ATOM   745  C CA  . LEU A 1 99  ? -2.174  10.088  -6.084  1.00 24.93 ? 119 LEU A CA  1 
ATOM   746  C C   . LEU A 1 99  ? -2.962  9.950   -7.371  1.00 26.91 ? 119 LEU A C   1 
ATOM   747  O O   . LEU A 1 99  ? -2.422  9.506   -8.387  1.00 26.55 ? 119 LEU A O   1 
ATOM   748  C CB  . LEU A 1 99  ? -1.786  8.698   -5.561  1.00 24.55 ? 119 LEU A CB  1 
ATOM   749  C CG  . LEU A 1 99  ? -0.715  8.725   -4.468  1.00 28.04 ? 119 LEU A CG  1 
ATOM   750  C CD1 . LEU A 1 99  ? -0.352  7.301   -4.011  1.00 24.30 ? 119 LEU A CD1 1 
ATOM   751  C CD2 . LEU A 1 99  ? 0.512   9.479   -4.963  1.00 26.46 ? 119 LEU A CD2 1 
ATOM   752  N N   . GLU A 1 100 ? -4.236  10.327  -7.335  1.00 24.65 ? 120 GLU A N   1 
ATOM   753  C CA  . GLU A 1 100 ? -5.094  10.153  -8.499  1.00 24.20 ? 120 GLU A CA  1 
ATOM   754  C C   . GLU A 1 100 ? -4.611  10.997  -9.679  1.00 29.49 ? 120 GLU A C   1 
ATOM   755  O O   . GLU A 1 100 ? -4.983  10.747  -10.833 1.00 24.28 ? 120 GLU A O   1 
ATOM   756  C CB  . GLU A 1 100 ? -6.549  10.494  -8.169  1.00 27.36 ? 120 GLU A CB  1 
ATOM   757  C CG  . GLU A 1 100 ? -7.269  9.488   -7.294  1.00 31.66 ? 120 GLU A CG  1 
ATOM   758  C CD  . GLU A 1 100 ? -8.719  9.894   -7.026  1.00 43.70 ? 120 GLU A CD  1 
ATOM   759  O OE1 . GLU A 1 100 ? -8.988  10.507  -5.969  1.00 42.69 ? 120 GLU A OE1 1 
ATOM   760  O OE2 . GLU A 1 100 ? -9.587  9.613   -7.884  1.00 50.27 ? 120 GLU A OE2 1 
ATOM   761  N N   . THR A 1 101 ? -3.778  11.993  -9.394  1.00 26.39 ? 121 THR A N   1 
ATOM   762  C CA  . THR A 1 101 ? -3.264  12.851  -10.465 1.00 30.75 ? 121 THR A CA  1 
ATOM   763  C C   . THR A 1 101 ? -1.779  12.636  -10.755 1.00 29.16 ? 121 THR A C   1 
ATOM   764  O O   . THR A 1 101 ? -1.169  13.382  -11.530 1.00 28.54 ? 121 THR A O   1 
ATOM   765  C CB  . THR A 1 101 ? -3.543  14.349  -10.211 1.00 27.64 ? 121 THR A CB  1 
ATOM   766  O OG1 . THR A 1 101 ? -3.270  14.686  -8.840  1.00 33.00 ? 121 THR A OG1 1 
ATOM   767  C CG2 . THR A 1 101 ? -4.989  14.671  -10.542 1.00 31.70 ? 121 THR A CG2 1 
ATOM   768  N N   . PHE A 1 102 ? -1.214  11.606  -10.143 1.00 22.09 ? 122 PHE A N   1 
ATOM   769  C CA  . PHE A 1 102 ? 0.202   11.323  -10.299 1.00 21.87 ? 122 PHE A CA  1 
ATOM   770  C C   . PHE A 1 102 ? 0.536   11.015  -11.762 1.00 24.95 ? 122 PHE A C   1 
ATOM   771  O O   . PHE A 1 102 ? 0.052   10.036  -12.341 1.00 21.80 ? 122 PHE A O   1 
ATOM   772  C CB  . PHE A 1 102 ? 0.619   10.164  -9.388  1.00 20.83 ? 122 PHE A CB  1 
ATOM   773  C CG  . PHE A 1 102 ? 2.113   9.992   -9.277  1.00 27.17 ? 122 PHE A CG  1 
ATOM   774  C CD1 . PHE A 1 102 ? 2.783   9.088   -10.086 1.00 23.23 ? 122 PHE A CD1 1 
ATOM   775  C CD2 . PHE A 1 102 ? 2.849   10.752  -8.374  1.00 22.02 ? 122 PHE A CD2 1 
ATOM   776  C CE1 . PHE A 1 102 ? 4.155   8.934   -9.982  1.00 31.02 ? 122 PHE A CE1 1 
ATOM   777  C CE2 . PHE A 1 102 ? 4.211   10.608  -8.273  1.00 32.87 ? 122 PHE A CE2 1 
ATOM   778  C CZ  . PHE A 1 102 ? 4.867   9.693   -9.079  1.00 35.00 ? 122 PHE A CZ  1 
ATOM   779  N N   . HIS A 1 103 ? 1.371   11.865  -12.344 1.00 23.27 ? 123 HIS A N   1 
ATOM   780  C CA  . HIS A 1 103 ? 1.826   11.711  -13.721 1.00 21.86 ? 123 HIS A CA  1 
ATOM   781  C C   . HIS A 1 103 ? 3.359   11.715  -13.759 1.00 25.96 ? 123 HIS A C   1 
ATOM   782  O O   . HIS A 1 103 ? 4.017   12.512  -13.089 1.00 23.73 ? 123 HIS A O   1 
ATOM   783  C CB  . HIS A 1 103 ? 1.276   12.836  -14.603 1.00 23.56 ? 123 HIS A CB  1 
ATOM   784  C CG  . HIS A 1 103 ? -0.170  12.677  -14.955 1.00 22.07 ? 123 HIS A CG  1 
ATOM   785  N ND1 . HIS A 1 103 ? -0.591  12.290  -16.210 1.00 27.88 ? 123 HIS A ND1 1 
ATOM   786  C CD2 . HIS A 1 103 ? -1.292  12.830  -14.213 1.00 18.65 ? 123 HIS A CD2 1 
ATOM   787  C CE1 . HIS A 1 103 ? -1.913  12.223  -16.229 1.00 25.63 ? 123 HIS A CE1 1 
ATOM   788  N NE2 . HIS A 1 103 ? -2.362  12.545  -15.028 1.00 24.43 ? 123 HIS A NE2 1 
ATOM   789  N N   . TYR A 1 104 ? 3.928   10.810  -14.535 1.00 22.24 ? 124 TYR A N   1 
ATOM   790  C CA  . TYR A 1 104 ? 5.366   10.773  -14.665 1.00 24.03 ? 124 TYR A CA  1 
ATOM   791  C C   . TYR A 1 104 ? 5.784   9.846   -15.805 1.00 26.54 ? 124 TYR A C   1 
ATOM   792  O O   . TYR A 1 104 ? 5.370   8.686   -15.868 1.00 25.60 ? 124 TYR A O   1 
ATOM   793  C CB  . TYR A 1 104 ? 6.026   10.366  -13.336 1.00 33.45 ? 124 TYR A CB  1 
ATOM   794  C CG  . TYR A 1 104 ? 7.538   10.384  -13.378 1.00 27.49 ? 124 TYR A CG  1 
ATOM   795  C CD1 . TYR A 1 104 ? 8.269   9.209   -13.289 1.00 28.00 ? 124 TYR A CD1 1 
ATOM   796  C CD2 . TYR A 1 104 ? 8.235   11.578  -13.525 1.00 31.06 ? 124 TYR A CD2 1 
ATOM   797  C CE1 . TYR A 1 104 ? 9.653   9.218   -13.339 1.00 30.88 ? 124 TYR A CE1 1 
ATOM   798  C CE2 . TYR A 1 104 ? 9.613   11.599  -13.580 1.00 38.01 ? 124 TYR A CE2 1 
ATOM   799  C CZ  . TYR A 1 104 ? 10.320  10.413  -13.486 1.00 33.14 ? 124 TYR A CZ  1 
ATOM   800  O OH  . TYR A 1 104 ? 11.695  10.426  -13.544 1.00 38.13 ? 124 TYR A OH  1 
ATOM   801  N N   . ILE A 1 105 ? 6.587   10.386  -16.716 1.00 25.07 ? 125 ILE A N   1 
ATOM   802  C CA  . ILE A 1 105 ? 7.276   9.583   -17.722 1.00 29.85 ? 125 ILE A CA  1 
ATOM   803  C C   . ILE A 1 105 ? 8.773   9.618   -17.377 1.00 31.56 ? 125 ILE A C   1 
ATOM   804  O O   . ILE A 1 105 ? 9.340   10.695  -17.211 1.00 31.32 ? 125 ILE A O   1 
ATOM   805  C CB  . ILE A 1 105 ? 6.982   10.114  -19.155 1.00 25.79 ? 125 ILE A CB  1 
ATOM   806  C CG1 . ILE A 1 105 ? 5.476   10.069  -19.422 1.00 28.54 ? 125 ILE A CG1 1 
ATOM   807  C CG2 . ILE A 1 105 ? 7.733   9.315   -20.205 1.00 30.63 ? 125 ILE A CG2 1 
ATOM   808  C CD1 . ILE A 1 105 ? 5.078   10.447  -20.830 1.00 31.90 ? 125 ILE A CD1 1 
ATOM   809  N N   . ASP A 1 106 ? 9.413   8.456   -17.226 1.00 28.16 ? 126 ASP A N   1 
ATOM   810  C CA  . ASP A 1 106 ? 10.818  8.464   -16.815 1.00 28.80 ? 126 ASP A CA  1 
ATOM   811  C C   . ASP A 1 106 ? 11.759  8.848   -17.955 1.00 32.71 ? 126 ASP A C   1 
ATOM   812  O O   . ASP A 1 106 ? 11.312  9.195   -19.054 1.00 30.80 ? 126 ASP A O   1 
ATOM   813  C CB  . ASP A 1 106 ? 11.247  7.153   -16.127 1.00 32.30 ? 126 ASP A CB  1 
ATOM   814  C CG  . ASP A 1 106 ? 11.116  5.941   -17.021 1.00 28.07 ? 126 ASP A CG  1 
ATOM   815  O OD1 . ASP A 1 106 ? 11.198  6.083   -18.251 1.00 32.72 ? 126 ASP A OD1 1 
ATOM   816  O OD2 . ASP A 1 106 ? 10.932  4.832   -16.489 1.00 32.82 ? 126 ASP A OD2 1 
ATOM   817  N N   . SER A 1 107 ? 13.060  8.808   -17.674 1.00 31.78 ? 127 SER A N   1 
ATOM   818  C CA  . SER A 1 107 ? 14.077  9.234   -18.633 1.00 35.48 ? 127 SER A CA  1 
ATOM   819  C C   . SER A 1 107 ? 14.190  8.225   -19.775 1.00 33.06 ? 127 SER A C   1 
ATOM   820  O O   . SER A 1 107 ? 14.854  8.480   -20.777 1.00 29.65 ? 127 SER A O   1 
ATOM   821  C CB  . SER A 1 107 ? 15.428  9.432   -17.935 1.00 38.46 ? 127 SER A CB  1 
ATOM   822  O OG  . SER A 1 107 ? 15.828  8.265   -17.227 1.00 39.71 ? 127 SER A OG  1 
ATOM   823  N N   . GLN A 1 108 ? 13.510  7.091   -19.613 1.00 35.59 ? 128 GLN A N   1 
ATOM   824  C CA  . GLN A 1 108 ? 13.511  6.016   -20.601 1.00 30.80 ? 128 GLN A CA  1 
ATOM   825  C C   . GLN A 1 108 ? 12.336  6.178   -21.535 1.00 27.05 ? 128 GLN A C   1 
ATOM   826  O O   . GLN A 1 108 ? 12.124  5.373   -22.442 1.00 23.80 ? 128 GLN A O   1 
ATOM   827  C CB  . GLN A 1 108 ? 13.389  4.679   -19.891 1.00 32.00 ? 128 GLN A CB  1 
ATOM   828  C CG  . GLN A 1 108 ? 14.348  4.524   -18.726 1.00 33.73 ? 128 GLN A CG  1 
ATOM   829  C CD  . GLN A 1 108 ? 15.705  4.056   -19.171 1.00 45.05 ? 128 GLN A CD  1 
ATOM   830  O OE1 . GLN A 1 108 ? 15.817  3.137   -19.981 1.00 44.80 ? 128 GLN A OE1 1 
ATOM   831  N NE2 . GLN A 1 108 ? 16.757  4.681   -18.643 1.00 55.09 ? 128 GLN A NE2 1 
ATOM   832  N N   . GLY A 1 109 ? 11.557  7.222   -21.298 1.00 26.35 ? 129 GLY A N   1 
ATOM   833  C CA  . GLY A 1 109 ? 10.350  7.432   -22.067 1.00 27.25 ? 129 GLY A CA  1 
ATOM   834  C C   . GLY A 1 109 ? 9.232   6.505   -21.621 1.00 28.01 ? 129 GLY A C   1 
ATOM   835  O O   . GLY A 1 109 ? 8.284   6.276   -22.365 1.00 29.82 ? 129 GLY A O   1 
ATOM   836  N N   . ARG A 1 110 ? 9.338   5.962   -20.412 1.00 25.36 ? 130 ARG A N   1 
ATOM   837  C CA  . ARG A 1 110 ? 8.284   5.088   -19.907 1.00 27.11 ? 130 ARG A CA  1 
ATOM   838  C C   . ARG A 1 110 ? 7.315   5.833   -19.014 1.00 23.42 ? 130 ARG A C   1 
ATOM   839  O O   . ARG A 1 110 ? 7.718   6.568   -18.107 1.00 23.07 ? 130 ARG A O   1 
ATOM   840  C CB  . ARG A 1 110 ? 8.865   3.887   -19.151 1.00 30.27 ? 130 ARG A CB  1 
ATOM   841  C CG  . ARG A 1 110 ? 9.668   2.954   -20.029 1.00 38.02 ? 130 ARG A CG  1 
ATOM   842  C CD  . ARG A 1 110 ? 9.534   1.501   -19.597 1.00 43.33 ? 130 ARG A CD  1 
ATOM   843  N NE  . ARG A 1 110 ? 9.909   0.623   -20.699 1.00 48.29 ? 130 ARG A NE  1 
ATOM   844  C CZ  . ARG A 1 110 ? 11.164  0.384   -21.057 1.00 46.25 ? 130 ARG A CZ  1 
ATOM   845  N NH1 . ARG A 1 110 ? 12.163  0.942   -20.381 1.00 46.84 ? 130 ARG A NH1 1 
ATOM   846  N NH2 . ARG A 1 110 ? 11.419  -0.416  -22.084 1.00 48.56 ? 130 ARG A NH2 1 
ATOM   847  N N   . ASP A 1 111 ? 6.029   5.625   -19.263 1.00 22.96 ? 131 ASP A N   1 
ATOM   848  C CA  . ASP A 1 111 ? 4.987   6.261   -18.471 1.00 25.29 ? 131 ASP A CA  1 
ATOM   849  C C   . ASP A 1 111 ? 4.786   5.437   -17.200 1.00 23.50 ? 131 ASP A C   1 
ATOM   850  O O   . ASP A 1 111 ? 4.197   4.367   -17.232 1.00 26.17 ? 131 ASP A O   1 
ATOM   851  C CB  . ASP A 1 111 ? 3.702   6.352   -19.310 1.00 29.16 ? 131 ASP A CB  1 
ATOM   852  C CG  . ASP A 1 111 ? 2.513   6.916   -18.540 1.00 28.05 ? 131 ASP A CG  1 
ATOM   853  O OD1 . ASP A 1 111 ? 2.537   6.963   -17.291 1.00 24.35 ? 131 ASP A OD1 1 
ATOM   854  O OD2 . ASP A 1 111 ? 1.539   7.313   -19.213 1.00 33.40 ? 131 ASP A OD2 1 
ATOM   855  N N   . GLN A 1 112 ? 5.321   5.923   -16.087 1.00 27.59 ? 132 GLN A N   1 
ATOM   856  C CA  . GLN A 1 112 ? 5.205   5.219   -14.814 1.00 24.02 ? 132 GLN A CA  1 
ATOM   857  C C   . GLN A 1 112 ? 3.947   5.661   -14.052 1.00 26.72 ? 132 GLN A C   1 
ATOM   858  O O   . GLN A 1 112 ? 3.409   4.910   -13.236 1.00 27.20 ? 132 GLN A O   1 
ATOM   859  C CB  . GLN A 1 112 ? 6.460   5.452   -13.954 1.00 26.12 ? 132 GLN A CB  1 
ATOM   860  C CG  . GLN A 1 112 ? 7.798   5.093   -14.649 1.00 30.02 ? 132 GLN A CG  1 
ATOM   861  C CD  . GLN A 1 112 ? 7.952   3.601   -14.948 1.00 29.39 ? 132 GLN A CD  1 
ATOM   862  O OE1 . GLN A 1 112 ? 8.966   3.178   -15.512 1.00 28.96 ? 132 GLN A OE1 1 
ATOM   863  N NE2 . GLN A 1 112 ? 6.942   2.800   -14.580 1.00 21.25 ? 132 GLN A NE2 1 
ATOM   864  N N   . GLY A 1 113 ? 3.488   6.880   -14.332 1.00 17.99 ? 133 GLY A N   1 
ATOM   865  C CA  . GLY A 1 113 ? 2.353   7.444   -13.638 1.00 23.95 ? 133 GLY A CA  1 
ATOM   866  C C   . GLY A 1 113 ? 1.054   6.703   -13.879 1.00 21.22 ? 133 GLY A C   1 
ATOM   867  O O   . GLY A 1 113 ? 0.217   6.614   -12.990 1.00 24.04 ? 133 GLY A O   1 
ATOM   868  N N   . ILE A 1 114 ? 0.868   6.173   -15.082 1.00 23.37 ? 134 ILE A N   1 
ATOM   869  C CA  . ILE A 1 114 ? -0.406  5.515   -15.409 1.00 23.42 ? 134 ILE A CA  1 
ATOM   870  C C   . ILE A 1 114 ? -0.715  4.305   -14.510 1.00 28.43 ? 134 ILE A C   1 
ATOM   871  O O   . ILE A 1 114 ? -1.867  4.051   -14.160 1.00 26.27 ? 134 ILE A O   1 
ATOM   872  C CB  . ILE A 1 114 ? -0.529  5.163   -16.907 1.00 25.59 ? 134 ILE A CB  1 
ATOM   873  C CG1 . ILE A 1 114 ? -1.982  4.792   -17.239 1.00 31.25 ? 134 ILE A CG1 1 
ATOM   874  C CG2 . ILE A 1 114 ? 0.497   4.087   -17.331 1.00 26.41 ? 134 ILE A CG2 1 
ATOM   875  C CD1 . ILE A 1 114 ? -2.335  4.926   -18.711 1.00 29.13 ? 134 ILE A CD1 1 
ATOM   876  N N   . ASN A 1 115 ? 0.323   3.583   -14.116 1.00 24.19 ? 135 ASN A N   1 
ATOM   877  C CA  . ASN A 1 115 ? 0.157   2.458   -13.210 1.00 26.38 ? 135 ASN A CA  1 
ATOM   878  C C   . ASN A 1 115 ? -0.234  2.880   -11.800 1.00 26.01 ? 135 ASN A C   1 
ATOM   879  O O   . ASN A 1 115 ? -1.061  2.234   -11.154 1.00 28.26 ? 135 ASN A O   1 
ATOM   880  C CB  . ASN A 1 115 ? 1.440   1.640   -13.188 1.00 33.70 ? 135 ASN A CB  1 
ATOM   881  C CG  . ASN A 1 115 ? 1.758   1.065   -14.537 1.00 36.78 ? 135 ASN A CG  1 
ATOM   882  O OD1 . ASN A 1 115 ? 0.875   0.513   -15.200 1.00 35.46 ? 135 ASN A OD1 1 
ATOM   883  N ND2 . ASN A 1 115 ? 3.003   1.210   -14.971 1.00 35.23 ? 135 ASN A ND2 1 
ATOM   884  N N   . VAL A 1 116 ? 0.365   3.967   -11.329 1.00 21.45 ? 136 VAL A N   1 
ATOM   885  C CA  . VAL A 1 116 ? 0.053   4.496   -10.012 1.00 23.15 ? 136 VAL A CA  1 
ATOM   886  C C   . VAL A 1 116 ? -1.412  4.924   -9.930  1.00 24.74 ? 136 VAL A C   1 
ATOM   887  O O   . VAL A 1 116 ? -2.105  4.594   -8.959  1.00 18.76 ? 136 VAL A O   1 
ATOM   888  C CB  . VAL A 1 116 ? 0.976   5.686   -9.645  1.00 26.45 ? 136 VAL A CB  1 
ATOM   889  C CG1 . VAL A 1 116 ? 0.485   6.375   -8.376  1.00 21.37 ? 136 VAL A CG1 1 
ATOM   890  C CG2 . VAL A 1 116 ? 2.439   5.219   -9.501  1.00 22.04 ? 136 VAL A CG2 1 
ATOM   891  N N   . ARG A 1 117 ? -1.881  5.641   -10.958 1.00 22.44 ? 137 ARG A N   1 
ATOM   892  C CA  . ARG A 1 117 ? -3.247  6.186   -10.964 1.00 23.69 ? 137 ARG A CA  1 
ATOM   893  C C   . ARG A 1 117 ? -4.294  5.086   -11.008 1.00 26.81 ? 137 ARG A C   1 
ATOM   894  O O   . ARG A 1 117 ? -5.270  5.135   -10.271 1.00 25.76 ? 137 ARG A O   1 
ATOM   895  C CB  . ARG A 1 117 ? -3.474  7.144   -12.140 1.00 24.34 ? 137 ARG A CB  1 
ATOM   896  C CG  . ARG A 1 117 ? -2.539  8.332   -12.183 1.00 23.81 ? 137 ARG A CG  1 
ATOM   897  C CD  . ARG A 1 117 ? -3.074  9.409   -13.141 1.00 24.61 ? 137 ARG A CD  1 
ATOM   898  N NE  . ARG A 1 117 ? -3.089  8.955   -14.529 1.00 25.08 ? 137 ARG A NE  1 
ATOM   899  C CZ  . ARG A 1 117 ? -2.029  9.002   -15.326 1.00 21.96 ? 137 ARG A CZ  1 
ATOM   900  N NH1 . ARG A 1 117 ? -0.881  9.484   -14.881 1.00 20.27 ? 137 ARG A NH1 1 
ATOM   901  N NH2 . ARG A 1 117 ? -2.115  8.575   -16.571 1.00 27.70 ? 137 ARG A NH2 1 
ATOM   902  N N   . THR A 1 118 ? -4.084  4.105   -11.886 1.00 27.45 ? 138 THR A N   1 
ATOM   903  C CA  . THR A 1 118 ? -4.976  2.954   -12.000 1.00 29.13 ? 138 THR A CA  1 
ATOM   904  C C   . THR A 1 118 ? -4.984  2.082   -10.736 1.00 30.81 ? 138 THR A C   1 
ATOM   905  O O   . THR A 1 118 ? -6.034  1.564   -10.349 1.00 29.96 ? 138 THR A O   1 
ATOM   906  C CB  . THR A 1 118 ? -4.656  2.089   -13.246 1.00 32.13 ? 138 THR A CB  1 
ATOM   907  O OG1 . THR A 1 118 ? -3.398  1.429   -13.075 1.00 38.48 ? 138 THR A OG1 1 
ATOM   908  C CG2 . THR A 1 118 ? -4.590  2.957   -14.497 1.00 30.17 ? 138 THR A CG2 1 
ATOM   909  N N   . ARG A 1 119 ? -3.831  1.925   -10.082 1.00 27.77 ? 139 ARG A N   1 
ATOM   910  C CA  . ARG A 1 119 ? -3.801  1.208   -8.804  1.00 25.19 ? 139 ARG A CA  1 
ATOM   911  C C   . ARG A 1 119 ? -4.539  1.998   -7.736  1.00 24.59 ? 139 ARG A C   1 
ATOM   912  O O   . ARG A 1 119 ? -5.267  1.440   -6.922  1.00 26.42 ? 139 ARG A O   1 
ATOM   913  C CB  . ARG A 1 119 ? -2.369  0.978   -8.310  1.00 25.45 ? 139 ARG A CB  1 
ATOM   914  C CG  . ARG A 1 119 ? -1.537  0.034   -9.144  1.00 27.68 ? 139 ARG A CG  1 
ATOM   915  C CD  . ARG A 1 119 ? -2.247  -1.275  -9.369  1.00 35.50 ? 139 ARG A CD  1 
ATOM   916  N NE  . ARG A 1 119 ? -2.266  -2.136  -8.186  1.00 43.59 ? 139 ARG A NE  1 
ATOM   917  C CZ  . ARG A 1 119 ? -1.408  -3.130  -7.952  1.00 33.14 ? 139 ARG A CZ  1 
ATOM   918  N NH1 . ARG A 1 119 ? -1.525  -3.861  -6.850  1.00 31.06 ? 139 ARG A NH1 1 
ATOM   919  N NH2 . ARG A 1 119 ? -0.439  -3.399  -8.813  1.00 34.84 ? 139 ARG A NH2 1 
ATOM   920  N N   . VAL A 1 120 ? -4.318  3.306   -7.711  1.00 27.31 ? 140 VAL A N   1 
ATOM   921  C CA  . VAL A 1 120 ? -4.908  4.118   -6.656  1.00 26.59 ? 140 VAL A CA  1 
ATOM   922  C C   . VAL A 1 120 ? -6.421  4.209   -6.809  1.00 23.19 ? 140 VAL A C   1 
ATOM   923  O O   . VAL A 1 120 ? -7.153  4.128   -5.829  1.00 24.95 ? 140 VAL A O   1 
ATOM   924  C CB  . VAL A 1 120 ? -4.286  5.515   -6.568  1.00 23.43 ? 140 VAL A CB  1 
ATOM   925  C CG1 . VAL A 1 120 ? -5.045  6.481   -7.443  1.00 26.79 ? 140 VAL A CG1 1 
ATOM   926  C CG2 . VAL A 1 120 ? -4.328  5.992   -5.134  1.00 26.45 ? 140 VAL A CG2 1 
ATOM   927  N N   . LYS A 1 121 ? -6.891  4.359   -8.040  1.00 23.68 ? 141 LYS A N   1 
ATOM   928  C CA  . LYS A 1 121 ? -8.328  4.315   -8.301  1.00 27.73 ? 141 LYS A CA  1 
ATOM   929  C C   . LYS A 1 121 ? -8.963  2.991   -7.851  1.00 24.39 ? 141 LYS A C   1 
ATOM   930  O O   . LYS A 1 121 ? -10.056 2.981   -7.280  1.00 24.06 ? 141 LYS A O   1 
ATOM   931  C CB  . LYS A 1 121 ? -8.623  4.588   -9.780  1.00 29.75 ? 141 LYS A CB  1 
ATOM   932  C CG  . LYS A 1 121 ? -8.326  6.029   -10.212 1.00 34.67 ? 141 LYS A CG  1 
ATOM   933  C CD  . LYS A 1 121 ? -8.753  6.264   -11.653 1.00 38.20 ? 141 LYS A CD  1 
ATOM   934  C CE  . LYS A 1 121 ? -7.911  7.349   -12.328 1.00 44.29 ? 141 LYS A CE  1 
ATOM   935  N NZ  . LYS A 1 121 ? -6.997  6.769   -13.373 1.00 41.54 ? 141 LYS A NZ  1 
ATOM   936  N N   . ALA A 1 122 ? -8.277  1.880   -8.095  1.00 20.77 ? 142 ALA A N   1 
ATOM   937  C CA  . ALA A 1 122 ? -8.801  0.573   -7.685  1.00 26.60 ? 142 ALA A CA  1 
ATOM   938  C C   . ALA A 1 122 ? -8.843  0.444   -6.157  1.00 26.38 ? 142 ALA A C   1 
ATOM   939  O O   . ALA A 1 122 ? -9.835  -0.002  -5.583  1.00 25.51 ? 142 ALA A O   1 
ATOM   940  C CB  . ALA A 1 122 ? -7.979  -0.556  -8.300  1.00 22.70 ? 142 ALA A CB  1 
ATOM   941  N N   . LEU A 1 123 ? -7.762  0.853   -5.502  1.00 25.36 ? 143 LEU A N   1 
ATOM   942  C CA  . LEU A 1 123 ? -7.695  0.798   -4.054  1.00 22.80 ? 143 LEU A CA  1 
ATOM   943  C C   . LEU A 1 123 ? -8.787  1.652   -3.411  1.00 22.92 ? 143 LEU A C   1 
ATOM   944  O O   . LEU A 1 123 ? -9.364  1.265   -2.401  1.00 23.14 ? 143 LEU A O   1 
ATOM   945  C CB  . LEU A 1 123 ? -6.332  1.273   -3.562  1.00 25.03 ? 143 LEU A CB  1 
ATOM   946  C CG  . LEU A 1 123 ? -6.003  0.888   -2.125  1.00 28.37 ? 143 LEU A CG  1 
ATOM   947  C CD1 . LEU A 1 123 ? -5.459  -0.530  -2.108  1.00 31.58 ? 143 LEU A CD1 1 
ATOM   948  C CD2 . LEU A 1 123 ? -4.993  1.834   -1.534  1.00 32.55 ? 143 LEU A CD2 1 
ATOM   949  N N   . ILE A 1 124 ? -9.056  2.827   -3.972  1.00 21.76 ? 144 ILE A N   1 
ATOM   950  C CA  . ILE A 1 124 ? -10.032 3.719   -3.355  1.00 23.51 ? 144 ILE A CA  1 
ATOM   951  C C   . ILE A 1 124 ? -11.433 3.153   -3.548  1.00 25.31 ? 144 ILE A C   1 
ATOM   952  O O   . ILE A 1 124 ? -12.269 3.203   -2.647  1.00 23.93 ? 144 ILE A O   1 
ATOM   953  C CB  . ILE A 1 124 ? -9.925  5.170   -3.881  1.00 32.76 ? 144 ILE A CB  1 
ATOM   954  C CG1 . ILE A 1 124 ? -8.659  5.841   -3.327  1.00 30.71 ? 144 ILE A CG1 1 
ATOM   955  C CG2 . ILE A 1 124 ? -11.161 5.974   -3.491  1.00 32.88 ? 144 ILE A CG2 1 
ATOM   956  C CD1 . ILE A 1 124 ? -8.248  7.110   -4.067  1.00 32.34 ? 144 ILE A CD1 1 
ATOM   957  N N   . GLU A 1 125 ? -11.674 2.583   -4.718  1.00 22.38 ? 145 GLU A N   1 
ATOM   958  C CA  . GLU A 1 125 ? -12.925 1.888   -4.952  1.00 27.26 ? 145 GLU A CA  1 
ATOM   959  C C   . GLU A 1 125 ? -13.051 0.771   -3.918  1.00 30.44 ? 145 GLU A C   1 
ATOM   960  O O   . GLU A 1 125 ? -14.097 0.628   -3.289  1.00 26.38 ? 145 GLU A O   1 
ATOM   961  C CB  . GLU A 1 125 ? -12.959 1.323   -6.366  1.00 26.24 ? 145 GLU A CB  1 
ATOM   962  C CG  . GLU A 1 125 ? -14.317 0.898   -6.828  1.00 42.48 ? 145 GLU A CG  1 
ATOM   963  C CD  . GLU A 1 125 ? -14.251 0.130   -8.130  1.00 50.94 ? 145 GLU A CD  1 
ATOM   964  O OE1 . GLU A 1 125 ? -13.221 -0.541  -8.370  1.00 54.75 ? 145 GLU A OE1 1 
ATOM   965  O OE2 . GLU A 1 125 ? -15.226 0.196   -8.908  1.00 61.04 ? 145 GLU A OE2 1 
ATOM   966  N N   . LEU A 1 126 ? -11.971 0.007   -3.722  1.00 27.13 ? 146 LEU A N   1 
ATOM   967  C CA  . LEU A 1 126 ? -11.969 -1.083  -2.735  1.00 24.82 ? 146 LEU A CA  1 
ATOM   968  C C   . LEU A 1 126 ? -12.257 -0.575  -1.329  1.00 25.32 ? 146 LEU A C   1 
ATOM   969  O O   . LEU A 1 126 ? -13.223 -1.002  -0.691  1.00 26.39 ? 146 LEU A O   1 
ATOM   970  C CB  . LEU A 1 126 ? -10.643 -1.858  -2.744  1.00 23.69 ? 146 LEU A CB  1 
ATOM   971  C CG  . LEU A 1 126 ? -10.536 -3.054  -1.776  1.00 21.29 ? 146 LEU A CG  1 
ATOM   972  C CD1 . LEU A 1 126 ? -11.586 -4.124  -2.099  1.00 21.42 ? 146 LEU A CD1 1 
ATOM   973  C CD2 . LEU A 1 126 ? -9.124  -3.666  -1.746  1.00 19.00 ? 146 LEU A CD2 1 
ATOM   974  N N   . LEU A 1 127 ? -11.429 0.360   -0.865  1.00 24.53 ? 147 LEU A N   1 
ATOM   975  C CA  . LEU A 1 127 ? -11.510 0.864   0.505   1.00 25.05 ? 147 LEU A CA  1 
ATOM   976  C C   . LEU A 1 127 ? -12.888 1.368   0.891   1.00 28.28 ? 147 LEU A C   1 
ATOM   977  O O   . LEU A 1 127 ? -13.294 1.222   2.037   1.00 31.50 ? 147 LEU A O   1 
ATOM   978  C CB  . LEU A 1 127 ? -10.532 2.017   0.715   1.00 27.89 ? 147 LEU A CB  1 
ATOM   979  C CG  . LEU A 1 127 ? -9.189  1.756   1.380   1.00 27.45 ? 147 LEU A CG  1 
ATOM   980  C CD1 . LEU A 1 127 ? -8.433  3.054   1.367   1.00 29.22 ? 147 LEU A CD1 1 
ATOM   981  C CD2 . LEU A 1 127 ? -9.317  1.222   2.805   1.00 20.67 ? 147 LEU A CD2 1 
ATOM   982  N N   . SER A 1 128 ? -13.587 1.991   -0.056  1.00 28.99 ? 148 SER A N   1 
ATOM   983  C CA  . SER A 1 128 ? -14.843 2.673   0.251   1.00 32.70 ? 148 SER A CA  1 
ATOM   984  C C   . SER A 1 128 ? -16.085 1.805   0.023   1.00 27.90 ? 148 SER A C   1 
ATOM   985  O O   . SER A 1 128 ? -17.203 2.298   0.051   1.00 31.79 ? 148 SER A O   1 
ATOM   986  C CB  . SER A 1 128 ? -14.950 3.967   -0.555  1.00 34.79 ? 148 SER A CB  1 
ATOM   987  O OG  . SER A 1 128 ? -15.192 3.693   -1.924  1.00 37.63 ? 148 SER A OG  1 
ATOM   988  N N   . ASP A 1 129 ? -15.888 0.508   -0.163  1.00 27.13 ? 149 ASP A N   1 
ATOM   989  C CA  . ASP A 1 129 ? -17.005 -0.386  -0.457  1.00 27.59 ? 149 ASP A CA  1 
ATOM   990  C C   . ASP A 1 129 ? -16.978 -1.652  0.403   1.00 25.66 ? 149 ASP A C   1 
ATOM   991  O O   . ASP A 1 129 ? -16.211 -2.577  0.130   1.00 25.25 ? 149 ASP A O   1 
ATOM   992  C CB  . ASP A 1 129 ? -16.999 -0.757  -1.945  1.00 21.72 ? 149 ASP A CB  1 
ATOM   993  C CG  . ASP A 1 129 ? -18.201 -1.589  -2.331  1.00 27.49 ? 149 ASP A CG  1 
ATOM   994  O OD1 . ASP A 1 129 ? -19.008 -1.899  -1.431  1.00 25.10 ? 149 ASP A OD1 1 
ATOM   995  O OD2 . ASP A 1 129 ? -18.351 -1.914  -3.526  1.00 23.63 ? 149 ASP A OD2 1 
ATOM   996  N N   . ASP A 1 130 ? -17.811 -1.691  1.444   1.00 25.85 ? 150 ASP A N   1 
ATOM   997  C CA  . ASP A 1 130 ? -17.861 -2.861  2.323   1.00 20.29 ? 150 ASP A CA  1 
ATOM   998  C C   . ASP A 1 130 ? -18.135 -4.166  1.550   1.00 22.24 ? 150 ASP A C   1 
ATOM   999  O O   . ASP A 1 130 ? -17.655 -5.230  1.927   1.00 24.18 ? 150 ASP A O   1 
ATOM   1000 C CB  . ASP A 1 130 ? -18.901 -2.670  3.435   1.00 20.40 ? 150 ASP A CB  1 
ATOM   1001 C CG  . ASP A 1 130 ? -18.398 -1.777  4.590   1.00 28.16 ? 150 ASP A CG  1 
ATOM   1002 O OD1 . ASP A 1 130 ? -17.217 -1.372  4.617   1.00 24.27 ? 150 ASP A OD1 1 
ATOM   1003 O OD2 . ASP A 1 130 ? -19.204 -1.480  5.487   1.00 27.35 ? 150 ASP A OD2 1 
ATOM   1004 N N   . ASN A 1 131 ? -18.919 -4.089  0.484   1.00 19.47 ? 151 ASN A N   1 
ATOM   1005 C CA  . ASN A 1 131 ? -19.252 -5.278  -0.297  1.00 20.34 ? 151 ASN A CA  1 
ATOM   1006 C C   . ASN A 1 131 ? -17.996 -5.825  -0.998  1.00 26.18 ? 151 ASN A C   1 
ATOM   1007 O O   . ASN A 1 131 ? -17.746 -7.031  -1.000  1.00 22.44 ? 151 ASN A O   1 
ATOM   1008 C CB  . ASN A 1 131 ? -20.363 -4.941  -1.313  1.00 20.96 ? 151 ASN A CB  1 
ATOM   1009 C CG  . ASN A 1 131 ? -20.922 -6.175  -2.043  1.00 21.90 ? 151 ASN A CG  1 
ATOM   1010 O OD1 . ASN A 1 131 ? -20.999 -6.184  -3.265  1.00 24.23 ? 151 ASN A OD1 1 
ATOM   1011 N ND2 . ASN A 1 131 ? -21.348 -7.188  -1.295  1.00 21.80 ? 151 ASN A ND2 1 
ATOM   1012 N N   . LYS A 1 132 ? -17.215 -4.919  -1.580  1.00 21.20 ? 152 LYS A N   1 
ATOM   1013 C CA  . LYS A 1 132 ? -15.983 -5.270  -2.268  1.00 26.39 ? 152 LYS A CA  1 
ATOM   1014 C C   . LYS A 1 132 ? -14.960 -5.845  -1.301  1.00 25.59 ? 152 LYS A C   1 
ATOM   1015 O O   . LYS A 1 132 ? -14.343 -6.886  -1.563  1.00 23.41 ? 152 LYS A O   1 
ATOM   1016 C CB  . LYS A 1 132 ? -15.397 -4.035  -2.955  1.00 26.27 ? 152 LYS A CB  1 
ATOM   1017 C CG  . LYS A 1 132 ? -15.867 -3.854  -4.385  1.00 33.88 ? 152 LYS A CG  1 
ATOM   1018 C CD  . LYS A 1 132 ? -15.340 -2.562  -4.992  1.00 39.84 ? 152 LYS A CD  1 
ATOM   1019 C CE  . LYS A 1 132 ? -15.599 -2.502  -6.496  1.00 44.07 ? 152 LYS A CE  1 
ATOM   1020 N NZ  . LYS A 1 132 ? -14.607 -3.319  -7.265  1.00 50.02 ? 152 LYS A NZ  1 
ATOM   1021 N N   . ILE A 1 133 ? -14.780 -5.147  -0.187  1.00 23.26 ? 153 ILE A N   1 
ATOM   1022 C CA  . ILE A 1 133 ? -13.899 -5.617  0.864   1.00 24.45 ? 153 ILE A CA  1 
ATOM   1023 C C   . ILE A 1 133 ? -14.277 -7.024  1.322   1.00 26.05 ? 153 ILE A C   1 
ATOM   1024 O O   . ILE A 1 133 ? -13.425 -7.888  1.409   1.00 24.72 ? 153 ILE A O   1 
ATOM   1025 C CB  . ILE A 1 133 ? -13.909 -4.645  2.073   1.00 29.38 ? 153 ILE A CB  1 
ATOM   1026 C CG1 . ILE A 1 133 ? -13.270 -3.303  1.691   1.00 28.66 ? 153 ILE A CG1 1 
ATOM   1027 C CG2 . ILE A 1 133 ? -13.183 -5.253  3.268   1.00 28.04 ? 153 ILE A CG2 1 
ATOM   1028 C CD1 . ILE A 1 133 ? -13.554 -2.194  2.693   1.00 26.98 ? 153 ILE A CD1 1 
ATOM   1029 N N   . ARG A 1 134 ? -15.557 -7.247  1.621   1.00 25.73 ? 154 ARG A N   1 
ATOM   1030 C CA  . ARG A 1 134 ? -15.997 -8.541  2.127   1.00 28.03 ? 154 ARG A CA  1 
ATOM   1031 C C   . ARG A 1 134 ? -15.676 -9.652  1.118   1.00 28.68 ? 154 ARG A C   1 
ATOM   1032 O O   . ARG A 1 134 ? -15.199 -10.724 1.493   1.00 23.23 ? 154 ARG A O   1 
ATOM   1033 C CB  . ARG A 1 134 ? -17.493 -8.522  2.434   1.00 28.24 ? 154 ARG A CB  1 
ATOM   1034 C CG  . ARG A 1 134 ? -17.896 -9.377  3.632   1.00 40.35 ? 154 ARG A CG  1 
ATOM   1035 C CD  . ARG A 1 134 ? -18.632 -10.659 3.231   1.00 48.68 ? 154 ARG A CD  1 
ATOM   1036 N NE  . ARG A 1 134 ? -18.075 -11.826 3.922   1.00 61.40 ? 154 ARG A NE  1 
ATOM   1037 C CZ  . ARG A 1 134 ? -18.536 -13.071 3.819   1.00 63.10 ? 154 ARG A CZ  1 
ATOM   1038 N NH1 . ARG A 1 134 ? -19.589 -13.340 3.050   1.00 52.71 ? 154 ARG A NH1 1 
ATOM   1039 N NH2 . ARG A 1 134 ? -17.946 -14.054 4.495   1.00 50.85 ? 154 ARG A NH2 1 
ATOM   1040 N N   . ALA A 1 135 ? -15.945 -9.370  -0.156  1.00 24.16 ? 155 ALA A N   1 
ATOM   1041 C CA  . ALA A 1 135 ? -15.675 -10.288 -1.268  1.00 28.68 ? 155 ALA A CA  1 
ATOM   1042 C C   . ALA A 1 135 ? -14.179 -10.568 -1.497  1.00 23.34 ? 155 ALA A C   1 
ATOM   1043 O O   . ALA A 1 135 ? -13.777 -11.716 -1.624  1.00 26.07 ? 155 ALA A O   1 
ATOM   1044 C CB  . ALA A 1 135 ? -16.319 -9.747  -2.569  1.00 23.25 ? 155 ALA A CB  1 
ATOM   1045 N N   . GLU A 1 136 ? -13.370 -9.518  -1.561  1.00 25.42 ? 156 GLU A N   1 
ATOM   1046 C CA  . GLU A 1 136 ? -11.937 -9.683  -1.778  1.00 27.24 ? 156 GLU A CA  1 
ATOM   1047 C C   . GLU A 1 136 ? -11.256 -10.356 -0.589  1.00 32.17 ? 156 GLU A C   1 
ATOM   1048 O O   . GLU A 1 136 ? -10.271 -11.077 -0.765  1.00 33.98 ? 156 GLU A O   1 
ATOM   1049 C CB  . GLU A 1 136 ? -11.288 -8.340  -2.105  1.00 28.35 ? 156 GLU A CB  1 
ATOM   1050 C CG  . GLU A 1 136 ? -11.713 -7.794  -3.456  1.00 34.56 ? 156 GLU A CG  1 
ATOM   1051 C CD  . GLU A 1 136 ? -11.374 -8.747  -4.587  1.00 37.49 ? 156 GLU A CD  1 
ATOM   1052 O OE1 . GLU A 1 136 ? -10.233 -9.257  -4.606  1.00 36.63 ? 156 GLU A OE1 1 
ATOM   1053 O OE2 . GLU A 1 136 ? -12.248 -9.000  -5.442  1.00 38.07 ? 156 GLU A OE2 1 
ATOM   1054 N N   . ARG A 1 137 ? -11.791 -10.143 0.613   1.00 26.36 ? 157 ARG A N   1 
ATOM   1055 C CA  . ARG A 1 137 ? -11.298 -10.846 1.805   1.00 28.42 ? 157 ARG A CA  1 
ATOM   1056 C C   . ARG A 1 137 ? -11.617 -12.327 1.767   1.00 36.18 ? 157 ARG A C   1 
ATOM   1057 O O   . ARG A 1 137 ? -10.764 -13.168 2.074   1.00 33.65 ? 157 ARG A O   1 
ATOM   1058 C CB  . ARG A 1 137 ? -11.888 -10.251 3.083   1.00 26.25 ? 157 ARG A CB  1 
ATOM   1059 C CG  . ARG A 1 137 ? -11.184 -9.002  3.527   1.00 25.44 ? 157 ARG A CG  1 
ATOM   1060 C CD  . ARG A 1 137 ? -11.653 -8.506  4.888   1.00 24.52 ? 157 ARG A CD  1 
ATOM   1061 N NE  . ARG A 1 137 ? -10.603 -7.655  5.399   1.00 42.49 ? 157 ARG A NE  1 
ATOM   1062 C CZ  . ARG A 1 137 ? -9.765  -7.977  6.376   1.00 26.94 ? 157 ARG A CZ  1 
ATOM   1063 N NH1 . ARG A 1 137 ? -9.883  -9.108  7.053   1.00 21.85 ? 157 ARG A NH1 1 
ATOM   1064 N NH2 . ARG A 1 137 ? -8.841  -7.108  6.705   1.00 33.58 ? 157 ARG A NH2 1 
ATOM   1065 N N   . LYS A 1 138 ? -12.864 -12.631 1.416   1.00 30.88 ? 158 LYS A N   1 
ATOM   1066 C CA  . LYS A 1 138 ? -13.288 -14.005 1.196   1.00 34.96 ? 158 LYS A CA  1 
ATOM   1067 C C   . LYS A 1 138 ? -12.327 -14.711 0.245   1.00 34.07 ? 158 LYS A C   1 
ATOM   1068 O O   . LYS A 1 138 ? -11.753 -15.737 0.589   1.00 36.31 ? 158 LYS A O   1 
ATOM   1069 C CB  . LYS A 1 138 ? -14.712 -14.043 0.630   1.00 31.88 ? 158 LYS A CB  1 
ATOM   1070 N N   . LYS A 1 139 ? -12.154 -14.161 -0.953  1.00 31.57 ? 159 LYS A N   1 
ATOM   1071 C CA  . LYS A 1 139 ? -11.278 -14.781 -1.944  1.00 37.15 ? 159 LYS A CA  1 
ATOM   1072 C C   . LYS A 1 139 ? -9.860  -14.977 -1.410  1.00 40.47 ? 159 LYS A C   1 
ATOM   1073 O O   . LYS A 1 139 ? -9.262  -16.033 -1.588  1.00 38.55 ? 159 LYS A O   1 
ATOM   1074 C CB  . LYS A 1 139 ? -11.239 -13.956 -3.232  1.00 28.02 ? 159 LYS A CB  1 
ATOM   1075 N N   . ALA A 1 140 ? -9.323  -13.953 -0.757  1.00 37.29 ? 160 ALA A N   1 
ATOM   1076 C CA  . ALA A 1 140 ? -7.940  -14.012 -0.308  1.00 35.84 ? 160 ALA A CA  1 
ATOM   1077 C C   . ALA A 1 140 ? -7.753  -15.239 0.562   1.00 41.67 ? 160 ALA A C   1 
ATOM   1078 O O   . ALA A 1 140 ? -6.851  -16.042 0.335   1.00 42.35 ? 160 ALA A O   1 
ATOM   1079 C CB  . ALA A 1 140 ? -7.572  -12.765 0.448   1.00 31.19 ? 160 ALA A CB  1 
ATOM   1080 N N   . ARG A 1 141 ? -8.636  -15.397 1.541   1.00 39.91 ? 161 ARG A N   1 
ATOM   1081 C CA  . ARG A 1 141 ? -8.479  -16.455 2.528   1.00 47.87 ? 161 ARG A CA  1 
ATOM   1082 C C   . ARG A 1 141 ? -8.936  -17.827 2.030   1.00 46.08 ? 161 ARG A C   1 
ATOM   1083 O O   . ARG A 1 141 ? -8.689  -18.842 2.687   1.00 47.93 ? 161 ARG A O   1 
ATOM   1084 C CB  . ARG A 1 141 ? -9.130  -16.083 3.867   1.00 48.97 ? 161 ARG A CB  1 
ATOM   1085 C CG  . ARG A 1 141 ? -10.643 -16.071 3.890   1.00 48.54 ? 161 ARG A CG  1 
ATOM   1086 C CD  . ARG A 1 141 ? -11.152 -15.875 5.324   1.00 46.42 ? 161 ARG A CD  1 
ATOM   1087 N NE  . ARG A 1 141 ? -11.926 -14.646 5.473   1.00 49.17 ? 161 ARG A NE  1 
ATOM   1088 C CZ  . ARG A 1 141 ? -13.222 -14.541 5.189   1.00 48.99 ? 161 ARG A CZ  1 
ATOM   1089 N NH1 . ARG A 1 141 ? -13.848 -13.383 5.351   1.00 43.62 ? 161 ARG A NH1 1 
ATOM   1090 N NH2 . ARG A 1 141 ? -13.893 -15.597 4.739   1.00 51.01 ? 161 ARG A NH2 1 
ATOM   1091 N N   . GLU A 1 142 ? -9.576  -17.867 0.867   1.00 43.50 ? 162 GLU A N   1 
ATOM   1092 C CA  . GLU A 1 142 ? -9.887  -19.152 0.249   1.00 45.33 ? 162 GLU A CA  1 
ATOM   1093 C C   . GLU A 1 142 ? -8.663  -19.684 -0.466  1.00 48.19 ? 162 GLU A C   1 
ATOM   1094 O O   . GLU A 1 142 ? -8.320  -20.864 -0.335  1.00 45.42 ? 162 GLU A O   1 
ATOM   1095 C CB  . GLU A 1 142 ? -11.062 -19.041 -0.718  1.00 44.07 ? 162 GLU A CB  1 
ATOM   1096 C CG  . GLU A 1 142 ? -12.416 -19.041 -0.027  1.00 43.50 ? 162 GLU A CG  1 
ATOM   1097 C CD  . GLU A 1 142 ? -13.560 -18.804 -0.989  1.00 42.66 ? 162 GLU A CD  1 
ATOM   1098 O OE1 . GLU A 1 142 ? -13.529 -17.784 -1.709  1.00 43.27 ? 162 GLU A OE1 1 
ATOM   1099 O OE2 . GLU A 1 142 ? -14.498 -19.631 -1.021  1.00 55.15 ? 162 GLU A OE2 1 
ATOM   1100 N N   . THR A 1 143 ? -7.990  -18.807 -1.206  1.00 45.57 ? 163 THR A N   1 
ATOM   1101 C CA  . THR A 1 143 ? -6.791  -19.216 -1.929  1.00 47.38 ? 163 THR A CA  1 
ATOM   1102 C C   . THR A 1 143 ? -5.637  -19.466 -0.953  1.00 50.26 ? 163 THR A C   1 
ATOM   1103 O O   . THR A 1 143 ? -4.642  -20.105 -1.301  1.00 51.45 ? 163 THR A O   1 
ATOM   1104 C CB  . THR A 1 143 ? -6.401  -18.212 -3.045  1.00 46.87 ? 163 THR A CB  1 
ATOM   1105 O OG1 . THR A 1 143 ? -5.901  -17.003 -2.466  1.00 47.97 ? 163 THR A OG1 1 
ATOM   1106 C CG2 . THR A 1 143 ? -7.611  -17.893 -3.924  1.00 40.05 ? 163 THR A CG2 1 
ATOM   1107 N N   . ALA A 1 144 ? -5.792  -18.982 0.278   1.00 50.72 ? 164 ALA A N   1 
ATOM   1108 C CA  . ALA A 1 144 ? -4.799  -19.206 1.324   1.00 48.29 ? 164 ALA A CA  1 
ATOM   1109 C C   . ALA A 1 144 ? -5.157  -20.421 2.172   1.00 47.77 ? 164 ALA A C   1 
ATOM   1110 C CB  . ALA A 1 144 ? -4.657  -17.972 2.197   1.00 45.41 ? 164 ALA A CB  1 
HETATM 1111 O O   . HOH B 2 .   ? 12.940  5.664   2.425   1.00 43.39 ? 1   HOH A O   1 
HETATM 1112 O O   . HOH B 2 .   ? 13.990  8.416   -14.173 1.00 38.61 ? 2   HOH A O   1 
HETATM 1113 O O   . HOH B 2 .   ? -12.547 4.679   10.095  1.00 27.91 ? 3   HOH A O   1 
HETATM 1114 O O   . HOH B 2 .   ? 1.823   9.474   -16.144 1.00 23.61 ? 4   HOH A O   1 
HETATM 1115 O O   . HOH B 2 .   ? 5.459   -4.827  -4.223  1.00 22.66 ? 5   HOH A O   1 
HETATM 1116 O O   . HOH B 2 .   ? -9.999  -7.977  12.041  1.00 30.91 ? 6   HOH A O   1 
HETATM 1117 O O   . HOH B 2 .   ? -0.960  -7.024  -3.854  1.00 36.84 ? 7   HOH A O   1 
HETATM 1118 O O   . HOH B 2 .   ? 5.254   -3.730  -1.730  1.00 18.48 ? 8   HOH A O   1 
HETATM 1119 O O   . HOH B 2 .   ? 0.321   -3.139  20.702  1.00 33.03 ? 9   HOH A O   1 
HETATM 1120 O O   . HOH B 2 .   ? -15.318 -3.188  6.422   1.00 35.01 ? 10  HOH A O   1 
HETATM 1121 O O   . HOH B 2 .   ? -5.355  12.295  -14.144 1.00 34.03 ? 11  HOH A O   1 
HETATM 1122 O O   . HOH B 2 .   ? -19.715 -3.289  -4.952  1.00 25.30 ? 12  HOH A O   1 
HETATM 1123 O O   . HOH B 2 .   ? 0.057   -8.972  15.483  1.00 24.85 ? 13  HOH A O   1 
HETATM 1124 O O   . HOH B 2 .   ? 2.372   14.426  -11.113 1.00 23.26 ? 14  HOH A O   1 
HETATM 1125 O O   . HOH B 2 .   ? 8.686   -4.276  15.312  1.00 26.91 ? 15  HOH A O   1 
HETATM 1126 O O   . HOH B 2 .   ? 13.948  6.729   15.704  1.00 36.01 ? 16  HOH A O   1 
HETATM 1127 O O   . HOH B 2 .   ? 5.399   6.526   -23.166 1.00 38.28 ? 17  HOH A O   1 
HETATM 1128 O O   . HOH B 2 .   ? 4.684   2.174   -12.964 1.00 30.82 ? 18  HOH A O   1 
HETATM 1129 O O   . HOH B 2 .   ? -7.029  14.701  -1.790  1.00 29.38 ? 19  HOH A O   1 
HETATM 1130 O O   . HOH B 2 .   ? 11.940  2.018   1.577   1.00 32.19 ? 20  HOH A O   1 
HETATM 1131 O O   . HOH B 2 .   ? 4.289   -4.875  19.210  1.00 37.85 ? 171 HOH A O   1 
HETATM 1132 O O   . HOH B 2 .   ? -11.566 -2.227  -7.050  1.00 33.31 ? 172 HOH A O   1 
HETATM 1133 O O   . HOH B 2 .   ? 11.273  6.598   5.617   1.00 43.50 ? 173 HOH A O   1 
HETATM 1134 O O   . HOH B 2 .   ? -0.484  8.862   -18.798 1.00 28.00 ? 174 HOH A O   1 
HETATM 1135 O O   . HOH B 2 .   ? 6.688   -3.525  -8.367  1.00 34.36 ? 175 HOH A O   1 
HETATM 1136 O O   . HOH B 2 .   ? 12.636  -8.982  6.039   1.00 28.04 ? 176 HOH A O   1 
HETATM 1137 O O   . HOH B 2 .   ? -7.182  11.325  -12.562 1.00 42.06 ? 177 HOH A O   1 
HETATM 1138 O O   . HOH B 2 .   ? 11.999  -12.693 8.334   1.00 25.31 ? 178 HOH A O   1 
HETATM 1139 O O   . HOH B 2 .   ? 11.368  -11.863 10.757  1.00 32.84 ? 179 HOH A O   1 
HETATM 1140 O O   . HOH B 2 .   ? -2.828  -12.714 8.634   1.00 33.43 ? 180 HOH A O   1 
HETATM 1141 O O   . HOH B 2 .   ? 12.223  13.544  -9.730  1.00 45.85 ? 181 HOH A O   1 
HETATM 1142 O O   . HOH B 2 .   ? -8.457  1.235   -11.589 1.00 29.80 ? 182 HOH A O   1 
HETATM 1143 O O   . HOH B 2 .   ? 5.902   2.092   18.597  1.00 35.38 ? 183 HOH A O   1 
# 
loop_
_pdbx_poly_seq_scheme.asym_id 
_pdbx_poly_seq_scheme.entity_id 
_pdbx_poly_seq_scheme.seq_id 
_pdbx_poly_seq_scheme.mon_id 
_pdbx_poly_seq_scheme.ndb_seq_num 
_pdbx_poly_seq_scheme.pdb_seq_num 
_pdbx_poly_seq_scheme.auth_seq_num 
_pdbx_poly_seq_scheme.pdb_mon_id 
_pdbx_poly_seq_scheme.auth_mon_id 
_pdbx_poly_seq_scheme.pdb_strand_id 
_pdbx_poly_seq_scheme.pdb_ins_code 
_pdbx_poly_seq_scheme.hetero 
A 1 1   SER 1   21  ?   ?   ?   A . n 
A 1 2   LEU 2   22  ?   ?   ?   A . n 
A 1 3   MET 3   23  ?   ?   ?   A . n 
A 1 4   SER 4   24  ?   ?   ?   A . n 
A 1 5   VAL 5   25  ?   ?   ?   A . n 
A 1 6   ASP 6   26  ?   ?   ?   A . n 
A 1 7   PRO 7   27  ?   ?   ?   A . n 
A 1 8   ASN 8   28  28  ASN ASN A . n 
A 1 9   TYR 9   29  29  TYR TYR A . n 
A 1 10  THR 10  30  30  THR THR A . n 
A 1 11  GLU 11  31  31  GLU GLU A . n 
A 1 12  MET 12  32  32  MET MET A . n 
A 1 13  GLU 13  33  33  GLU GLU A . n 
A 1 14  GLY 14  34  34  GLY GLY A . n 
A 1 15  LYS 15  35  35  LYS LYS A . n 
A 1 16  VAL 16  36  36  VAL VAL A . n 
A 1 17  ARG 17  37  37  ARG ARG A . n 
A 1 18  GLU 18  38  38  GLU GLU A . n 
A 1 19  ALA 19  39  39  ALA ALA A . n 
A 1 20  THR 20  40  40  THR THR A . n 
A 1 21  ASN 21  41  41  ASN ASN A . n 
A 1 22  ASN 22  42  42  ASN ASN A . n 
A 1 23  GLU 23  43  43  GLU GLU A . n 
A 1 24  PRO 24  44  44  PRO PRO A . n 
A 1 25  TRP 25  45  45  TRP TRP A . n 
A 1 26  GLY 26  46  46  GLY GLY A . n 
A 1 27  ALA 27  47  47  ALA ALA A . n 
A 1 28  SER 28  48  48  SER SER A . n 
A 1 29  SER 29  49  49  SER SER A . n 
A 1 30  THR 30  50  50  THR THR A . n 
A 1 31  LEU 31  51  51  LEU LEU A . n 
A 1 32  MET 32  52  52  MET MET A . n 
A 1 33  ASP 33  53  53  ASP ASP A . n 
A 1 34  GLN 34  54  54  GLN GLN A . n 
A 1 35  ILE 35  55  55  ILE ILE A . n 
A 1 36  SER 36  56  56  SER SER A . n 
A 1 37  GLN 37  57  57  GLN GLN A . n 
A 1 38  GLY 38  58  58  GLY GLY A . n 
A 1 39  THR 39  59  59  THR THR A . n 
A 1 40  TYR 40  60  60  TYR TYR A . n 
A 1 41  ASN 41  61  61  ASN ASN A . n 
A 1 42  PHE 42  62  62  PHE PHE A . n 
A 1 43  ARG 43  63  63  ARG ARG A . n 
A 1 44  GLU 44  64  64  GLU GLU A . n 
A 1 45  ARG 45  65  65  ARG ARG A . n 
A 1 46  GLU 46  66  66  GLU GLU A . n 
A 1 47  GLU 47  67  67  GLU GLU A . n 
A 1 48  ILE 48  68  68  ILE ILE A . n 
A 1 49  LEU 49  69  69  LEU LEU A . n 
A 1 50  SER 50  70  70  SER SER A . n 
A 1 51  MET 51  71  71  MET MET A . n 
A 1 52  ILE 52  72  72  ILE ILE A . n 
A 1 53  PHE 53  73  73  PHE PHE A . n 
A 1 54  ARG 54  74  74  ARG ARG A . n 
A 1 55  ARG 55  75  75  ARG ARG A . n 
A 1 56  PHE 56  76  76  PHE PHE A . n 
A 1 57  THR 57  77  77  THR THR A . n 
A 1 58  GLU 58  78  78  GLU GLU A . n 
A 1 59  LYS 59  79  79  LYS LYS A . n 
A 1 60  ALA 60  80  80  ALA ALA A . n 
A 1 61  GLY 61  81  81  GLY GLY A . n 
A 1 62  SER 62  82  82  SER SER A . n 
A 1 63  GLU 63  83  83  GLU GLU A . n 
A 1 64  TRP 64  84  84  TRP TRP A . n 
A 1 65  ARG 65  85  85  ARG ARG A . n 
A 1 66  GLN 66  86  86  GLN GLN A . n 
A 1 67  ILE 67  87  87  ILE ILE A . n 
A 1 68  TYR 68  88  88  TYR TYR A . n 
A 1 69  LYS 69  89  89  LYS LYS A . n 
A 1 70  ALA 70  90  90  ALA ALA A . n 
A 1 71  LEU 71  91  91  LEU LEU A . n 
A 1 72  GLN 72  92  92  GLN GLN A . n 
A 1 73  LEU 73  93  93  LEU LEU A . n 
A 1 74  LEU 74  94  94  LEU LEU A . n 
A 1 75  ASP 75  95  95  ASP ASP A . n 
A 1 76  TYR 76  96  96  TYR TYR A . n 
A 1 77  LEU 77  97  97  LEU LEU A . n 
A 1 78  ILE 78  98  98  ILE ILE A . n 
A 1 79  LYS 79  99  99  LYS LYS A . n 
A 1 80  HIS 80  100 100 HIS HIS A . n 
A 1 81  GLY 81  101 101 GLY GLY A . n 
A 1 82  SER 82  102 102 SER SER A . n 
A 1 83  GLU 83  103 103 GLU GLU A . n 
A 1 84  ARG 84  104 104 ARG ARG A . n 
A 1 85  PHE 85  105 105 PHE PHE A . n 
A 1 86  ILE 86  106 106 ILE ILE A . n 
A 1 87  ASP 87  107 107 ASP ASP A . n 
A 1 88  ASP 88  108 108 ASP ASP A . n 
A 1 89  THR 89  109 109 THR THR A . n 
A 1 90  ARG 90  110 110 ARG ARG A . n 
A 1 91  ASN 91  111 111 ASN ASN A . n 
A 1 92  SER 92  112 112 SER SER A . n 
A 1 93  ILE 93  113 113 ILE ILE A . n 
A 1 94  ASN 94  114 114 ASN ASN A . n 
A 1 95  LEU 95  115 115 LEU LEU A . n 
A 1 96  ILE 96  116 116 ILE ILE A . n 
A 1 97  ARG 97  117 117 ARG ARG A . n 
A 1 98  ILE 98  118 118 ILE ILE A . n 
A 1 99  LEU 99  119 119 LEU LEU A . n 
A 1 100 GLU 100 120 120 GLU GLU A . n 
A 1 101 THR 101 121 121 THR THR A . n 
A 1 102 PHE 102 122 122 PHE PHE A . n 
A 1 103 HIS 103 123 123 HIS HIS A . n 
A 1 104 TYR 104 124 124 TYR TYR A . n 
A 1 105 ILE 105 125 125 ILE ILE A . n 
A 1 106 ASP 106 126 126 ASP ASP A . n 
A 1 107 SER 107 127 127 SER SER A . n 
A 1 108 GLN 108 128 128 GLN GLN A . n 
A 1 109 GLY 109 129 129 GLY GLY A . n 
A 1 110 ARG 110 130 130 ARG ARG A . n 
A 1 111 ASP 111 131 131 ASP ASP A . n 
A 1 112 GLN 112 132 132 GLN GLN A . n 
A 1 113 GLY 113 133 133 GLY GLY A . n 
A 1 114 ILE 114 134 134 ILE ILE A . n 
A 1 115 ASN 115 135 135 ASN ASN A . n 
A 1 116 VAL 116 136 136 VAL VAL A . n 
A 1 117 ARG 117 137 137 ARG ARG A . n 
A 1 118 THR 118 138 138 THR THR A . n 
A 1 119 ARG 119 139 139 ARG ARG A . n 
A 1 120 VAL 120 140 140 VAL VAL A . n 
A 1 121 LYS 121 141 141 LYS LYS A . n 
A 1 122 ALA 122 142 142 ALA ALA A . n 
A 1 123 LEU 123 143 143 LEU LEU A . n 
A 1 124 ILE 124 144 144 ILE ILE A . n 
A 1 125 GLU 125 145 145 GLU GLU A . n 
A 1 126 LEU 126 146 146 LEU LEU A . n 
A 1 127 LEU 127 147 147 LEU LEU A . n 
A 1 128 SER 128 148 148 SER SER A . n 
A 1 129 ASP 129 149 149 ASP ASP A . n 
A 1 130 ASP 130 150 150 ASP ASP A . n 
A 1 131 ASN 131 151 151 ASN ASN A . n 
A 1 132 LYS 132 152 152 LYS LYS A . n 
A 1 133 ILE 133 153 153 ILE ILE A . n 
A 1 134 ARG 134 154 154 ARG ARG A . n 
A 1 135 ALA 135 155 155 ALA ALA A . n 
A 1 136 GLU 136 156 156 GLU GLU A . n 
A 1 137 ARG 137 157 157 ARG ARG A . n 
A 1 138 LYS 138 158 158 LYS LYS A . n 
A 1 139 LYS 139 159 159 LYS LYS A . n 
A 1 140 ALA 140 160 160 ALA ALA A . n 
A 1 141 ARG 141 161 161 ARG ARG A . n 
A 1 142 GLU 142 162 162 GLU GLU A . n 
A 1 143 THR 143 163 163 THR THR A . n 
A 1 144 ALA 144 164 164 ALA ALA A . n 
A 1 145 LYS 145 165 ?   ?   ?   A . n 
A 1 146 LYS 146 166 ?   ?   ?   A . n 
A 1 147 TYR 147 167 ?   ?   ?   A . n 
A 1 148 LYS 148 168 ?   ?   ?   A . n 
A 1 149 GLY 149 169 ?   ?   ?   A . n 
A 1 150 VAL 150 170 ?   ?   ?   A . n 
# 
loop_
_pdbx_nonpoly_scheme.asym_id 
_pdbx_nonpoly_scheme.entity_id 
_pdbx_nonpoly_scheme.mon_id 
_pdbx_nonpoly_scheme.ndb_seq_num 
_pdbx_nonpoly_scheme.pdb_seq_num 
_pdbx_nonpoly_scheme.auth_seq_num 
_pdbx_nonpoly_scheme.pdb_mon_id 
_pdbx_nonpoly_scheme.auth_mon_id 
_pdbx_nonpoly_scheme.pdb_strand_id 
_pdbx_nonpoly_scheme.pdb_ins_code 
B 2 HOH 1  1   1  HOH HOH A . 
B 2 HOH 2  2   2  HOH HOH A . 
B 2 HOH 3  3   3  HOH HOH A . 
B 2 HOH 4  4   4  HOH HOH A . 
B 2 HOH 5  5   5  HOH HOH A . 
B 2 HOH 6  6   6  HOH HOH A . 
B 2 HOH 7  7   7  HOH HOH A . 
B 2 HOH 8  8   8  HOH HOH A . 
B 2 HOH 9  9   9  HOH HOH A . 
B 2 HOH 10 10  10 HOH HOH A . 
B 2 HOH 11 11  11 HOH HOH A . 
B 2 HOH 12 12  12 HOH HOH A . 
B 2 HOH 13 13  13 HOH HOH A . 
B 2 HOH 14 14  14 HOH HOH A . 
B 2 HOH 15 15  15 HOH HOH A . 
B 2 HOH 16 16  16 HOH HOH A . 
B 2 HOH 17 17  17 HOH HOH A . 
B 2 HOH 18 18  18 HOH HOH A . 
B 2 HOH 19 19  19 HOH HOH A . 
B 2 HOH 20 20  20 HOH HOH A . 
B 2 HOH 21 171 21 HOH HOH A . 
B 2 HOH 22 172 22 HOH HOH A . 
B 2 HOH 23 173 23 HOH HOH A . 
B 2 HOH 24 174 24 HOH HOH A . 
B 2 HOH 25 175 25 HOH HOH A . 
B 2 HOH 26 176 26 HOH HOH A . 
B 2 HOH 27 177 27 HOH HOH A . 
B 2 HOH 28 178 29 HOH HOH A . 
B 2 HOH 29 179 30 HOH HOH A . 
B 2 HOH 30 180 31 HOH HOH A . 
B 2 HOH 31 181 32 HOH HOH A . 
B 2 HOH 32 182 33 HOH HOH A . 
B 2 HOH 33 183 34 HOH HOH A . 
# 
_pdbx_struct_assembly.id                   1 
_pdbx_struct_assembly.details              author_and_software_defined_assembly 
_pdbx_struct_assembly.method_details       PISA 
_pdbx_struct_assembly.oligomeric_details   monomeric 
_pdbx_struct_assembly.oligomeric_count     1 
# 
_pdbx_struct_assembly_gen.assembly_id       1 
_pdbx_struct_assembly_gen.oper_expression   1 
_pdbx_struct_assembly_gen.asym_id_list      A,B 
# 
_pdbx_struct_oper_list.id                   1 
_pdbx_struct_oper_list.type                 'identity operation' 
_pdbx_struct_oper_list.name                 1_555 
_pdbx_struct_oper_list.symmetry_operation   x,y,z 
_pdbx_struct_oper_list.matrix[1][1]         1.0000000000 
_pdbx_struct_oper_list.matrix[1][2]         0.0000000000 
_pdbx_struct_oper_list.matrix[1][3]         0.0000000000 
_pdbx_struct_oper_list.vector[1]            0.0000000000 
_pdbx_struct_oper_list.matrix[2][1]         0.0000000000 
_pdbx_struct_oper_list.matrix[2][2]         1.0000000000 
_pdbx_struct_oper_list.matrix[2][3]         0.0000000000 
_pdbx_struct_oper_list.vector[2]            0.0000000000 
_pdbx_struct_oper_list.matrix[3][1]         0.0000000000 
_pdbx_struct_oper_list.matrix[3][2]         0.0000000000 
_pdbx_struct_oper_list.matrix[3][3]         1.0000000000 
_pdbx_struct_oper_list.vector[3]            0.0000000000 
# 
loop_
_pdbx_audit_revision_history.ordinal 
_pdbx_audit_revision_history.data_content_type 
_pdbx_audit_revision_history.major_revision 
_pdbx_audit_revision_history.minor_revision 
_pdbx_audit_revision_history.revision_date 
1 'Structure model' 1 0 2011-07-20 
2 'Structure model' 1 1 2011-12-21 
3 'Structure model' 1 2 2023-11-01 
# 
_pdbx_audit_revision_details.ordinal             1 
_pdbx_audit_revision_details.revision_ordinal    1 
_pdbx_audit_revision_details.data_content_type   'Structure model' 
_pdbx_audit_revision_details.provider            repository 
_pdbx_audit_revision_details.type                'Initial release' 
_pdbx_audit_revision_details.description         ? 
_pdbx_audit_revision_details.details             ? 
# 
loop_
_pdbx_audit_revision_group.ordinal 
_pdbx_audit_revision_group.revision_ordinal 
_pdbx_audit_revision_group.data_content_type 
_pdbx_audit_revision_group.group 
1 2 'Structure model' 'Database references'    
2 3 'Structure model' 'Data collection'        
3 3 'Structure model' 'Database references'    
4 3 'Structure model' 'Refinement description' 
# 
loop_
_pdbx_audit_revision_category.ordinal 
_pdbx_audit_revision_category.revision_ordinal 
_pdbx_audit_revision_category.data_content_type 
_pdbx_audit_revision_category.category 
1 3 'Structure model' chem_comp_atom                
2 3 'Structure model' chem_comp_bond                
3 3 'Structure model' database_2                    
4 3 'Structure model' pdbx_initial_refinement_model 
5 3 'Structure model' struct_ref_seq_dif            
# 
loop_
_pdbx_audit_revision_item.ordinal 
_pdbx_audit_revision_item.revision_ordinal 
_pdbx_audit_revision_item.data_content_type 
_pdbx_audit_revision_item.item 
1 3 'Structure model' '_database_2.pdbx_DOI'                
2 3 'Structure model' '_database_2.pdbx_database_accession' 
3 3 'Structure model' '_struct_ref_seq_dif.details'         
# 
loop_
_software.pdbx_ordinal 
_software.name 
_software.version 
_software.date 
_software.type 
_software.contact_author 
_software.contact_author_email 
_software.classification 
_software.location 
_software.language 
_software.citation_id 
1 REFMAC      5.5.0102 ?               program 'Garib N. Murshudov' garib@ysbl.york.ac.uk    refinement        
http://www.ccp4.ac.uk/dist/html/refmac5.html Fortran_77 ? 
2 PDB_EXTRACT 3.10     'June 10, 2010' package PDB                  deposit@deposit.rcsb.org 'data extraction' 
http://sw-tools.pdb.org/apps/PDB_EXTRACT/    C++        ? 
3 MAR345dtb   .        ?               ?       ?                    ?                        'data collection' ? ?          ? 
4 HKL-2000    .        ?               ?       ?                    ?                        'data reduction'  ? ?          ? 
5 HKL-2000    .        ?               ?       ?                    ?                        'data scaling'    ? ?          ? 
6 MOLREP      .        ?               ?       ?                    ?                        phasing           ? ?          ? 
# 
_pdbx_validate_torsion.id              1 
_pdbx_validate_torsion.PDB_model_num   1 
_pdbx_validate_torsion.auth_comp_id    ASN 
_pdbx_validate_torsion.auth_asym_id    A 
_pdbx_validate_torsion.auth_seq_id     41 
_pdbx_validate_torsion.PDB_ins_code    ? 
_pdbx_validate_torsion.label_alt_id    ? 
_pdbx_validate_torsion.phi             -66.27 
_pdbx_validate_torsion.psi             -177.50 
# 
loop_
_pdbx_unobs_or_zero_occ_atoms.id 
_pdbx_unobs_or_zero_occ_atoms.PDB_model_num 
_pdbx_unobs_or_zero_occ_atoms.polymer_flag 
_pdbx_unobs_or_zero_occ_atoms.occupancy_flag 
_pdbx_unobs_or_zero_occ_atoms.auth_asym_id 
_pdbx_unobs_or_zero_occ_atoms.auth_comp_id 
_pdbx_unobs_or_zero_occ_atoms.auth_seq_id 
_pdbx_unobs_or_zero_occ_atoms.PDB_ins_code 
_pdbx_unobs_or_zero_occ_atoms.auth_atom_id 
_pdbx_unobs_or_zero_occ_atoms.label_alt_id 
_pdbx_unobs_or_zero_occ_atoms.label_asym_id 
_pdbx_unobs_or_zero_occ_atoms.label_comp_id 
_pdbx_unobs_or_zero_occ_atoms.label_seq_id 
_pdbx_unobs_or_zero_occ_atoms.label_atom_id 
1  1 Y 1 A ARG 63  ? CG  ? A ARG 43  CG  
2  1 Y 1 A ARG 63  ? CD  ? A ARG 43  CD  
3  1 Y 1 A ARG 63  ? NE  ? A ARG 43  NE  
4  1 Y 1 A ARG 63  ? CZ  ? A ARG 43  CZ  
5  1 Y 1 A ARG 63  ? NH1 ? A ARG 43  NH1 
6  1 Y 1 A ARG 63  ? NH2 ? A ARG 43  NH2 
7  1 Y 1 A GLU 78  ? CG  ? A GLU 58  CG  
8  1 Y 1 A GLU 78  ? CD  ? A GLU 58  CD  
9  1 Y 1 A GLU 78  ? OE1 ? A GLU 58  OE1 
10 1 Y 1 A GLU 78  ? OE2 ? A GLU 58  OE2 
11 1 Y 1 A LYS 79  ? CG  ? A LYS 59  CG  
12 1 Y 1 A LYS 79  ? CD  ? A LYS 59  CD  
13 1 Y 1 A LYS 79  ? CE  ? A LYS 59  CE  
14 1 Y 1 A LYS 79  ? NZ  ? A LYS 59  NZ  
15 1 Y 1 A GLU 83  ? CG  ? A GLU 63  CG  
16 1 Y 1 A GLU 83  ? CD  ? A GLU 63  CD  
17 1 Y 1 A GLU 83  ? OE1 ? A GLU 63  OE1 
18 1 Y 1 A GLU 83  ? OE2 ? A GLU 63  OE2 
19 1 Y 1 A LYS 158 ? CG  ? A LYS 138 CG  
20 1 Y 1 A LYS 158 ? CD  ? A LYS 138 CD  
21 1 Y 1 A LYS 158 ? CE  ? A LYS 138 CE  
22 1 Y 1 A LYS 158 ? NZ  ? A LYS 138 NZ  
23 1 Y 1 A LYS 159 ? CG  ? A LYS 139 CG  
24 1 Y 1 A LYS 159 ? CD  ? A LYS 139 CD  
25 1 Y 1 A LYS 159 ? CE  ? A LYS 139 CE  
26 1 Y 1 A LYS 159 ? NZ  ? A LYS 139 NZ  
27 1 Y 1 A ALA 164 ? O   ? A ALA 144 O   
# 
loop_
_pdbx_unobs_or_zero_occ_residues.id 
_pdbx_unobs_or_zero_occ_residues.PDB_model_num 
_pdbx_unobs_or_zero_occ_residues.polymer_flag 
_pdbx_unobs_or_zero_occ_residues.occupancy_flag 
_pdbx_unobs_or_zero_occ_residues.auth_asym_id 
_pdbx_unobs_or_zero_occ_residues.auth_comp_id 
_pdbx_unobs_or_zero_occ_residues.auth_seq_id 
_pdbx_unobs_or_zero_occ_residues.PDB_ins_code 
_pdbx_unobs_or_zero_occ_residues.label_asym_id 
_pdbx_unobs_or_zero_occ_residues.label_comp_id 
_pdbx_unobs_or_zero_occ_residues.label_seq_id 
1  1 Y 1 A SER 21  ? A SER 1   
2  1 Y 1 A LEU 22  ? A LEU 2   
3  1 Y 1 A MET 23  ? A MET 3   
4  1 Y 1 A SER 24  ? A SER 4   
5  1 Y 1 A VAL 25  ? A VAL 5   
6  1 Y 1 A ASP 26  ? A ASP 6   
7  1 Y 1 A PRO 27  ? A PRO 7   
8  1 Y 1 A LYS 165 ? A LYS 145 
9  1 Y 1 A LYS 166 ? A LYS 146 
10 1 Y 1 A TYR 167 ? A TYR 147 
11 1 Y 1 A LYS 168 ? A LYS 148 
12 1 Y 1 A GLY 169 ? A GLY 149 
13 1 Y 1 A VAL 170 ? A VAL 150 
# 
loop_
_chem_comp_atom.comp_id 
_chem_comp_atom.atom_id 
_chem_comp_atom.type_symbol 
_chem_comp_atom.pdbx_aromatic_flag 
_chem_comp_atom.pdbx_stereo_config 
_chem_comp_atom.pdbx_ordinal 
ALA N    N N N 1   
ALA CA   C N S 2   
ALA C    C N N 3   
ALA O    O N N 4   
ALA CB   C N N 5   
ALA OXT  O N N 6   
ALA H    H N N 7   
ALA H2   H N N 8   
ALA HA   H N N 9   
ALA HB1  H N N 10  
ALA HB2  H N N 11  
ALA HB3  H N N 12  
ALA HXT  H N N 13  
ARG N    N N N 14  
ARG CA   C N S 15  
ARG C    C N N 16  
ARG O    O N N 17  
ARG CB   C N N 18  
ARG CG   C N N 19  
ARG CD   C N N 20  
ARG NE   N N N 21  
ARG CZ   C N N 22  
ARG NH1  N N N 23  
ARG NH2  N N N 24  
ARG OXT  O N N 25  
ARG H    H N N 26  
ARG H2   H N N 27  
ARG HA   H N N 28  
ARG HB2  H N N 29  
ARG HB3  H N N 30  
ARG HG2  H N N 31  
ARG HG3  H N N 32  
ARG HD2  H N N 33  
ARG HD3  H N N 34  
ARG HE   H N N 35  
ARG HH11 H N N 36  
ARG HH12 H N N 37  
ARG HH21 H N N 38  
ARG HH22 H N N 39  
ARG HXT  H N N 40  
ASN N    N N N 41  
ASN CA   C N S 42  
ASN C    C N N 43  
ASN O    O N N 44  
ASN CB   C N N 45  
ASN CG   C N N 46  
ASN OD1  O N N 47  
ASN ND2  N N N 48  
ASN OXT  O N N 49  
ASN H    H N N 50  
ASN H2   H N N 51  
ASN HA   H N N 52  
ASN HB2  H N N 53  
ASN HB3  H N N 54  
ASN HD21 H N N 55  
ASN HD22 H N N 56  
ASN HXT  H N N 57  
ASP N    N N N 58  
ASP CA   C N S 59  
ASP C    C N N 60  
ASP O    O N N 61  
ASP CB   C N N 62  
ASP CG   C N N 63  
ASP OD1  O N N 64  
ASP OD2  O N N 65  
ASP OXT  O N N 66  
ASP H    H N N 67  
ASP H2   H N N 68  
ASP HA   H N N 69  
ASP HB2  H N N 70  
ASP HB3  H N N 71  
ASP HD2  H N N 72  
ASP HXT  H N N 73  
GLN N    N N N 74  
GLN CA   C N S 75  
GLN C    C N N 76  
GLN O    O N N 77  
GLN CB   C N N 78  
GLN CG   C N N 79  
GLN CD   C N N 80  
GLN OE1  O N N 81  
GLN NE2  N N N 82  
GLN OXT  O N N 83  
GLN H    H N N 84  
GLN H2   H N N 85  
GLN HA   H N N 86  
GLN HB2  H N N 87  
GLN HB3  H N N 88  
GLN HG2  H N N 89  
GLN HG3  H N N 90  
GLN HE21 H N N 91  
GLN HE22 H N N 92  
GLN HXT  H N N 93  
GLU N    N N N 94  
GLU CA   C N S 95  
GLU C    C N N 96  
GLU O    O N N 97  
GLU CB   C N N 98  
GLU CG   C N N 99  
GLU CD   C N N 100 
GLU OE1  O N N 101 
GLU OE2  O N N 102 
GLU OXT  O N N 103 
GLU H    H N N 104 
GLU H2   H N N 105 
GLU HA   H N N 106 
GLU HB2  H N N 107 
GLU HB3  H N N 108 
GLU HG2  H N N 109 
GLU HG3  H N N 110 
GLU HE2  H N N 111 
GLU HXT  H N N 112 
GLY N    N N N 113 
GLY CA   C N N 114 
GLY C    C N N 115 
GLY O    O N N 116 
GLY OXT  O N N 117 
GLY H    H N N 118 
GLY H2   H N N 119 
GLY HA2  H N N 120 
GLY HA3  H N N 121 
GLY HXT  H N N 122 
HIS N    N N N 123 
HIS CA   C N S 124 
HIS C    C N N 125 
HIS O    O N N 126 
HIS CB   C N N 127 
HIS CG   C Y N 128 
HIS ND1  N Y N 129 
HIS CD2  C Y N 130 
HIS CE1  C Y N 131 
HIS NE2  N Y N 132 
HIS OXT  O N N 133 
HIS H    H N N 134 
HIS H2   H N N 135 
HIS HA   H N N 136 
HIS HB2  H N N 137 
HIS HB3  H N N 138 
HIS HD1  H N N 139 
HIS HD2  H N N 140 
HIS HE1  H N N 141 
HIS HE2  H N N 142 
HIS HXT  H N N 143 
HOH O    O N N 144 
HOH H1   H N N 145 
HOH H2   H N N 146 
ILE N    N N N 147 
ILE CA   C N S 148 
ILE C    C N N 149 
ILE O    O N N 150 
ILE CB   C N S 151 
ILE CG1  C N N 152 
ILE CG2  C N N 153 
ILE CD1  C N N 154 
ILE OXT  O N N 155 
ILE H    H N N 156 
ILE H2   H N N 157 
ILE HA   H N N 158 
ILE HB   H N N 159 
ILE HG12 H N N 160 
ILE HG13 H N N 161 
ILE HG21 H N N 162 
ILE HG22 H N N 163 
ILE HG23 H N N 164 
ILE HD11 H N N 165 
ILE HD12 H N N 166 
ILE HD13 H N N 167 
ILE HXT  H N N 168 
LEU N    N N N 169 
LEU CA   C N S 170 
LEU C    C N N 171 
LEU O    O N N 172 
LEU CB   C N N 173 
LEU CG   C N N 174 
LEU CD1  C N N 175 
LEU CD2  C N N 176 
LEU OXT  O N N 177 
LEU H    H N N 178 
LEU H2   H N N 179 
LEU HA   H N N 180 
LEU HB2  H N N 181 
LEU HB3  H N N 182 
LEU HG   H N N 183 
LEU HD11 H N N 184 
LEU HD12 H N N 185 
LEU HD13 H N N 186 
LEU HD21 H N N 187 
LEU HD22 H N N 188 
LEU HD23 H N N 189 
LEU HXT  H N N 190 
LYS N    N N N 191 
LYS CA   C N S 192 
LYS C    C N N 193 
LYS O    O N N 194 
LYS CB   C N N 195 
LYS CG   C N N 196 
LYS CD   C N N 197 
LYS CE   C N N 198 
LYS NZ   N N N 199 
LYS OXT  O N N 200 
LYS H    H N N 201 
LYS H2   H N N 202 
LYS HA   H N N 203 
LYS HB2  H N N 204 
LYS HB3  H N N 205 
LYS HG2  H N N 206 
LYS HG3  H N N 207 
LYS HD2  H N N 208 
LYS HD3  H N N 209 
LYS HE2  H N N 210 
LYS HE3  H N N 211 
LYS HZ1  H N N 212 
LYS HZ2  H N N 213 
LYS HZ3  H N N 214 
LYS HXT  H N N 215 
MET N    N N N 216 
MET CA   C N S 217 
MET C    C N N 218 
MET O    O N N 219 
MET CB   C N N 220 
MET CG   C N N 221 
MET SD   S N N 222 
MET CE   C N N 223 
MET OXT  O N N 224 
MET H    H N N 225 
MET H2   H N N 226 
MET HA   H N N 227 
MET HB2  H N N 228 
MET HB3  H N N 229 
MET HG2  H N N 230 
MET HG3  H N N 231 
MET HE1  H N N 232 
MET HE2  H N N 233 
MET HE3  H N N 234 
MET HXT  H N N 235 
PHE N    N N N 236 
PHE CA   C N S 237 
PHE C    C N N 238 
PHE O    O N N 239 
PHE CB   C N N 240 
PHE CG   C Y N 241 
PHE CD1  C Y N 242 
PHE CD2  C Y N 243 
PHE CE1  C Y N 244 
PHE CE2  C Y N 245 
PHE CZ   C Y N 246 
PHE OXT  O N N 247 
PHE H    H N N 248 
PHE H2   H N N 249 
PHE HA   H N N 250 
PHE HB2  H N N 251 
PHE HB3  H N N 252 
PHE HD1  H N N 253 
PHE HD2  H N N 254 
PHE HE1  H N N 255 
PHE HE2  H N N 256 
PHE HZ   H N N 257 
PHE HXT  H N N 258 
PRO N    N N N 259 
PRO CA   C N S 260 
PRO C    C N N 261 
PRO O    O N N 262 
PRO CB   C N N 263 
PRO CG   C N N 264 
PRO CD   C N N 265 
PRO OXT  O N N 266 
PRO H    H N N 267 
PRO HA   H N N 268 
PRO HB2  H N N 269 
PRO HB3  H N N 270 
PRO HG2  H N N 271 
PRO HG3  H N N 272 
PRO HD2  H N N 273 
PRO HD3  H N N 274 
PRO HXT  H N N 275 
SER N    N N N 276 
SER CA   C N S 277 
SER C    C N N 278 
SER O    O N N 279 
SER CB   C N N 280 
SER OG   O N N 281 
SER OXT  O N N 282 
SER H    H N N 283 
SER H2   H N N 284 
SER HA   H N N 285 
SER HB2  H N N 286 
SER HB3  H N N 287 
SER HG   H N N 288 
SER HXT  H N N 289 
THR N    N N N 290 
THR CA   C N S 291 
THR C    C N N 292 
THR O    O N N 293 
THR CB   C N R 294 
THR OG1  O N N 295 
THR CG2  C N N 296 
THR OXT  O N N 297 
THR H    H N N 298 
THR H2   H N N 299 
THR HA   H N N 300 
THR HB   H N N 301 
THR HG1  H N N 302 
THR HG21 H N N 303 
THR HG22 H N N 304 
THR HG23 H N N 305 
THR HXT  H N N 306 
TRP N    N N N 307 
TRP CA   C N S 308 
TRP C    C N N 309 
TRP O    O N N 310 
TRP CB   C N N 311 
TRP CG   C Y N 312 
TRP CD1  C Y N 313 
TRP CD2  C Y N 314 
TRP NE1  N Y N 315 
TRP CE2  C Y N 316 
TRP CE3  C Y N 317 
TRP CZ2  C Y N 318 
TRP CZ3  C Y N 319 
TRP CH2  C Y N 320 
TRP OXT  O N N 321 
TRP H    H N N 322 
TRP H2   H N N 323 
TRP HA   H N N 324 
TRP HB2  H N N 325 
TRP HB3  H N N 326 
TRP HD1  H N N 327 
TRP HE1  H N N 328 
TRP HE3  H N N 329 
TRP HZ2  H N N 330 
TRP HZ3  H N N 331 
TRP HH2  H N N 332 
TRP HXT  H N N 333 
TYR N    N N N 334 
TYR CA   C N S 335 
TYR C    C N N 336 
TYR O    O N N 337 
TYR CB   C N N 338 
TYR CG   C Y N 339 
TYR CD1  C Y N 340 
TYR CD2  C Y N 341 
TYR CE1  C Y N 342 
TYR CE2  C Y N 343 
TYR CZ   C Y N 344 
TYR OH   O N N 345 
TYR OXT  O N N 346 
TYR H    H N N 347 
TYR H2   H N N 348 
TYR HA   H N N 349 
TYR HB2  H N N 350 
TYR HB3  H N N 351 
TYR HD1  H N N 352 
TYR HD2  H N N 353 
TYR HE1  H N N 354 
TYR HE2  H N N 355 
TYR HH   H N N 356 
TYR HXT  H N N 357 
VAL N    N N N 358 
VAL CA   C N S 359 
VAL C    C N N 360 
VAL O    O N N 361 
VAL CB   C N N 362 
VAL CG1  C N N 363 
VAL CG2  C N N 364 
VAL OXT  O N N 365 
VAL H    H N N 366 
VAL H2   H N N 367 
VAL HA   H N N 368 
VAL HB   H N N 369 
VAL HG11 H N N 370 
VAL HG12 H N N 371 
VAL HG13 H N N 372 
VAL HG21 H N N 373 
VAL HG22 H N N 374 
VAL HG23 H N N 375 
VAL HXT  H N N 376 
# 
loop_
_chem_comp_bond.comp_id 
_chem_comp_bond.atom_id_1 
_chem_comp_bond.atom_id_2 
_chem_comp_bond.value_order 
_chem_comp_bond.pdbx_aromatic_flag 
_chem_comp_bond.pdbx_stereo_config 
_chem_comp_bond.pdbx_ordinal 
ALA N   CA   sing N N 1   
ALA N   H    sing N N 2   
ALA N   H2   sing N N 3   
ALA CA  C    sing N N 4   
ALA CA  CB   sing N N 5   
ALA CA  HA   sing N N 6   
ALA C   O    doub N N 7   
ALA C   OXT  sing N N 8   
ALA CB  HB1  sing N N 9   
ALA CB  HB2  sing N N 10  
ALA CB  HB3  sing N N 11  
ALA OXT HXT  sing N N 12  
ARG N   CA   sing N N 13  
ARG N   H    sing N N 14  
ARG N   H2   sing N N 15  
ARG CA  C    sing N N 16  
ARG CA  CB   sing N N 17  
ARG CA  HA   sing N N 18  
ARG C   O    doub N N 19  
ARG C   OXT  sing N N 20  
ARG CB  CG   sing N N 21  
ARG CB  HB2  sing N N 22  
ARG CB  HB3  sing N N 23  
ARG CG  CD   sing N N 24  
ARG CG  HG2  sing N N 25  
ARG CG  HG3  sing N N 26  
ARG CD  NE   sing N N 27  
ARG CD  HD2  sing N N 28  
ARG CD  HD3  sing N N 29  
ARG NE  CZ   sing N N 30  
ARG NE  HE   sing N N 31  
ARG CZ  NH1  sing N N 32  
ARG CZ  NH2  doub N N 33  
ARG NH1 HH11 sing N N 34  
ARG NH1 HH12 sing N N 35  
ARG NH2 HH21 sing N N 36  
ARG NH2 HH22 sing N N 37  
ARG OXT HXT  sing N N 38  
ASN N   CA   sing N N 39  
ASN N   H    sing N N 40  
ASN N   H2   sing N N 41  
ASN CA  C    sing N N 42  
ASN CA  CB   sing N N 43  
ASN CA  HA   sing N N 44  
ASN C   O    doub N N 45  
ASN C   OXT  sing N N 46  
ASN CB  CG   sing N N 47  
ASN CB  HB2  sing N N 48  
ASN CB  HB3  sing N N 49  
ASN CG  OD1  doub N N 50  
ASN CG  ND2  sing N N 51  
ASN ND2 HD21 sing N N 52  
ASN ND2 HD22 sing N N 53  
ASN OXT HXT  sing N N 54  
ASP N   CA   sing N N 55  
ASP N   H    sing N N 56  
ASP N   H2   sing N N 57  
ASP CA  C    sing N N 58  
ASP CA  CB   sing N N 59  
ASP CA  HA   sing N N 60  
ASP C   O    doub N N 61  
ASP C   OXT  sing N N 62  
ASP CB  CG   sing N N 63  
ASP CB  HB2  sing N N 64  
ASP CB  HB3  sing N N 65  
ASP CG  OD1  doub N N 66  
ASP CG  OD2  sing N N 67  
ASP OD2 HD2  sing N N 68  
ASP OXT HXT  sing N N 69  
GLN N   CA   sing N N 70  
GLN N   H    sing N N 71  
GLN N   H2   sing N N 72  
GLN CA  C    sing N N 73  
GLN CA  CB   sing N N 74  
GLN CA  HA   sing N N 75  
GLN C   O    doub N N 76  
GLN C   OXT  sing N N 77  
GLN CB  CG   sing N N 78  
GLN CB  HB2  sing N N 79  
GLN CB  HB3  sing N N 80  
GLN CG  CD   sing N N 81  
GLN CG  HG2  sing N N 82  
GLN CG  HG3  sing N N 83  
GLN CD  OE1  doub N N 84  
GLN CD  NE2  sing N N 85  
GLN NE2 HE21 sing N N 86  
GLN NE2 HE22 sing N N 87  
GLN OXT HXT  sing N N 88  
GLU N   CA   sing N N 89  
GLU N   H    sing N N 90  
GLU N   H2   sing N N 91  
GLU CA  C    sing N N 92  
GLU CA  CB   sing N N 93  
GLU CA  HA   sing N N 94  
GLU C   O    doub N N 95  
GLU C   OXT  sing N N 96  
GLU CB  CG   sing N N 97  
GLU CB  HB2  sing N N 98  
GLU CB  HB3  sing N N 99  
GLU CG  CD   sing N N 100 
GLU CG  HG2  sing N N 101 
GLU CG  HG3  sing N N 102 
GLU CD  OE1  doub N N 103 
GLU CD  OE2  sing N N 104 
GLU OE2 HE2  sing N N 105 
GLU OXT HXT  sing N N 106 
GLY N   CA   sing N N 107 
GLY N   H    sing N N 108 
GLY N   H2   sing N N 109 
GLY CA  C    sing N N 110 
GLY CA  HA2  sing N N 111 
GLY CA  HA3  sing N N 112 
GLY C   O    doub N N 113 
GLY C   OXT  sing N N 114 
GLY OXT HXT  sing N N 115 
HIS N   CA   sing N N 116 
HIS N   H    sing N N 117 
HIS N   H2   sing N N 118 
HIS CA  C    sing N N 119 
HIS CA  CB   sing N N 120 
HIS CA  HA   sing N N 121 
HIS C   O    doub N N 122 
HIS C   OXT  sing N N 123 
HIS CB  CG   sing N N 124 
HIS CB  HB2  sing N N 125 
HIS CB  HB3  sing N N 126 
HIS CG  ND1  sing Y N 127 
HIS CG  CD2  doub Y N 128 
HIS ND1 CE1  doub Y N 129 
HIS ND1 HD1  sing N N 130 
HIS CD2 NE2  sing Y N 131 
HIS CD2 HD2  sing N N 132 
HIS CE1 NE2  sing Y N 133 
HIS CE1 HE1  sing N N 134 
HIS NE2 HE2  sing N N 135 
HIS OXT HXT  sing N N 136 
HOH O   H1   sing N N 137 
HOH O   H2   sing N N 138 
ILE N   CA   sing N N 139 
ILE N   H    sing N N 140 
ILE N   H2   sing N N 141 
ILE CA  C    sing N N 142 
ILE CA  CB   sing N N 143 
ILE CA  HA   sing N N 144 
ILE C   O    doub N N 145 
ILE C   OXT  sing N N 146 
ILE CB  CG1  sing N N 147 
ILE CB  CG2  sing N N 148 
ILE CB  HB   sing N N 149 
ILE CG1 CD1  sing N N 150 
ILE CG1 HG12 sing N N 151 
ILE CG1 HG13 sing N N 152 
ILE CG2 HG21 sing N N 153 
ILE CG2 HG22 sing N N 154 
ILE CG2 HG23 sing N N 155 
ILE CD1 HD11 sing N N 156 
ILE CD1 HD12 sing N N 157 
ILE CD1 HD13 sing N N 158 
ILE OXT HXT  sing N N 159 
LEU N   CA   sing N N 160 
LEU N   H    sing N N 161 
LEU N   H2   sing N N 162 
LEU CA  C    sing N N 163 
LEU CA  CB   sing N N 164 
LEU CA  HA   sing N N 165 
LEU C   O    doub N N 166 
LEU C   OXT  sing N N 167 
LEU CB  CG   sing N N 168 
LEU CB  HB2  sing N N 169 
LEU CB  HB3  sing N N 170 
LEU CG  CD1  sing N N 171 
LEU CG  CD2  sing N N 172 
LEU CG  HG   sing N N 173 
LEU CD1 HD11 sing N N 174 
LEU CD1 HD12 sing N N 175 
LEU CD1 HD13 sing N N 176 
LEU CD2 HD21 sing N N 177 
LEU CD2 HD22 sing N N 178 
LEU CD2 HD23 sing N N 179 
LEU OXT HXT  sing N N 180 
LYS N   CA   sing N N 181 
LYS N   H    sing N N 182 
LYS N   H2   sing N N 183 
LYS CA  C    sing N N 184 
LYS CA  CB   sing N N 185 
LYS CA  HA   sing N N 186 
LYS C   O    doub N N 187 
LYS C   OXT  sing N N 188 
LYS CB  CG   sing N N 189 
LYS CB  HB2  sing N N 190 
LYS CB  HB3  sing N N 191 
LYS CG  CD   sing N N 192 
LYS CG  HG2  sing N N 193 
LYS CG  HG3  sing N N 194 
LYS CD  CE   sing N N 195 
LYS CD  HD2  sing N N 196 
LYS CD  HD3  sing N N 197 
LYS CE  NZ   sing N N 198 
LYS CE  HE2  sing N N 199 
LYS CE  HE3  sing N N 200 
LYS NZ  HZ1  sing N N 201 
LYS NZ  HZ2  sing N N 202 
LYS NZ  HZ3  sing N N 203 
LYS OXT HXT  sing N N 204 
MET N   CA   sing N N 205 
MET N   H    sing N N 206 
MET N   H2   sing N N 207 
MET CA  C    sing N N 208 
MET CA  CB   sing N N 209 
MET CA  HA   sing N N 210 
MET C   O    doub N N 211 
MET C   OXT  sing N N 212 
MET CB  CG   sing N N 213 
MET CB  HB2  sing N N 214 
MET CB  HB3  sing N N 215 
MET CG  SD   sing N N 216 
MET CG  HG2  sing N N 217 
MET CG  HG3  sing N N 218 
MET SD  CE   sing N N 219 
MET CE  HE1  sing N N 220 
MET CE  HE2  sing N N 221 
MET CE  HE3  sing N N 222 
MET OXT HXT  sing N N 223 
PHE N   CA   sing N N 224 
PHE N   H    sing N N 225 
PHE N   H2   sing N N 226 
PHE CA  C    sing N N 227 
PHE CA  CB   sing N N 228 
PHE CA  HA   sing N N 229 
PHE C   O    doub N N 230 
PHE C   OXT  sing N N 231 
PHE CB  CG   sing N N 232 
PHE CB  HB2  sing N N 233 
PHE CB  HB3  sing N N 234 
PHE CG  CD1  doub Y N 235 
PHE CG  CD2  sing Y N 236 
PHE CD1 CE1  sing Y N 237 
PHE CD1 HD1  sing N N 238 
PHE CD2 CE2  doub Y N 239 
PHE CD2 HD2  sing N N 240 
PHE CE1 CZ   doub Y N 241 
PHE CE1 HE1  sing N N 242 
PHE CE2 CZ   sing Y N 243 
PHE CE2 HE2  sing N N 244 
PHE CZ  HZ   sing N N 245 
PHE OXT HXT  sing N N 246 
PRO N   CA   sing N N 247 
PRO N   CD   sing N N 248 
PRO N   H    sing N N 249 
PRO CA  C    sing N N 250 
PRO CA  CB   sing N N 251 
PRO CA  HA   sing N N 252 
PRO C   O    doub N N 253 
PRO C   OXT  sing N N 254 
PRO CB  CG   sing N N 255 
PRO CB  HB2  sing N N 256 
PRO CB  HB3  sing N N 257 
PRO CG  CD   sing N N 258 
PRO CG  HG2  sing N N 259 
PRO CG  HG3  sing N N 260 
PRO CD  HD2  sing N N 261 
PRO CD  HD3  sing N N 262 
PRO OXT HXT  sing N N 263 
SER N   CA   sing N N 264 
SER N   H    sing N N 265 
SER N   H2   sing N N 266 
SER CA  C    sing N N 267 
SER CA  CB   sing N N 268 
SER CA  HA   sing N N 269 
SER C   O    doub N N 270 
SER C   OXT  sing N N 271 
SER CB  OG   sing N N 272 
SER CB  HB2  sing N N 273 
SER CB  HB3  sing N N 274 
SER OG  HG   sing N N 275 
SER OXT HXT  sing N N 276 
THR N   CA   sing N N 277 
THR N   H    sing N N 278 
THR N   H2   sing N N 279 
THR CA  C    sing N N 280 
THR CA  CB   sing N N 281 
THR CA  HA   sing N N 282 
THR C   O    doub N N 283 
THR C   OXT  sing N N 284 
THR CB  OG1  sing N N 285 
THR CB  CG2  sing N N 286 
THR CB  HB   sing N N 287 
THR OG1 HG1  sing N N 288 
THR CG2 HG21 sing N N 289 
THR CG2 HG22 sing N N 290 
THR CG2 HG23 sing N N 291 
THR OXT HXT  sing N N 292 
TRP N   CA   sing N N 293 
TRP N   H    sing N N 294 
TRP N   H2   sing N N 295 
TRP CA  C    sing N N 296 
TRP CA  CB   sing N N 297 
TRP CA  HA   sing N N 298 
TRP C   O    doub N N 299 
TRP C   OXT  sing N N 300 
TRP CB  CG   sing N N 301 
TRP CB  HB2  sing N N 302 
TRP CB  HB3  sing N N 303 
TRP CG  CD1  doub Y N 304 
TRP CG  CD2  sing Y N 305 
TRP CD1 NE1  sing Y N 306 
TRP CD1 HD1  sing N N 307 
TRP CD2 CE2  doub Y N 308 
TRP CD2 CE3  sing Y N 309 
TRP NE1 CE2  sing Y N 310 
TRP NE1 HE1  sing N N 311 
TRP CE2 CZ2  sing Y N 312 
TRP CE3 CZ3  doub Y N 313 
TRP CE3 HE3  sing N N 314 
TRP CZ2 CH2  doub Y N 315 
TRP CZ2 HZ2  sing N N 316 
TRP CZ3 CH2  sing Y N 317 
TRP CZ3 HZ3  sing N N 318 
TRP CH2 HH2  sing N N 319 
TRP OXT HXT  sing N N 320 
TYR N   CA   sing N N 321 
TYR N   H    sing N N 322 
TYR N   H2   sing N N 323 
TYR CA  C    sing N N 324 
TYR CA  CB   sing N N 325 
TYR CA  HA   sing N N 326 
TYR C   O    doub N N 327 
TYR C   OXT  sing N N 328 
TYR CB  CG   sing N N 329 
TYR CB  HB2  sing N N 330 
TYR CB  HB3  sing N N 331 
TYR CG  CD1  doub Y N 332 
TYR CG  CD2  sing Y N 333 
TYR CD1 CE1  sing Y N 334 
TYR CD1 HD1  sing N N 335 
TYR CD2 CE2  doub Y N 336 
TYR CD2 HD2  sing N N 337 
TYR CE1 CZ   doub Y N 338 
TYR CE1 HE1  sing N N 339 
TYR CE2 CZ   sing Y N 340 
TYR CE2 HE2  sing N N 341 
TYR CZ  OH   sing N N 342 
TYR OH  HH   sing N N 343 
TYR OXT HXT  sing N N 344 
VAL N   CA   sing N N 345 
VAL N   H    sing N N 346 
VAL N   H2   sing N N 347 
VAL CA  C    sing N N 348 
VAL CA  CB   sing N N 349 
VAL CA  HA   sing N N 350 
VAL C   O    doub N N 351 
VAL C   OXT  sing N N 352 
VAL CB  CG1  sing N N 353 
VAL CB  CG2  sing N N 354 
VAL CB  HB   sing N N 355 
VAL CG1 HG11 sing N N 356 
VAL CG1 HG12 sing N N 357 
VAL CG1 HG13 sing N N 358 
VAL CG2 HG21 sing N N 359 
VAL CG2 HG22 sing N N 360 
VAL CG2 HG23 sing N N 361 
VAL OXT HXT  sing N N 362 
# 
_pdbx_entity_nonpoly.entity_id   2 
_pdbx_entity_nonpoly.name        water 
_pdbx_entity_nonpoly.comp_id     HOH 
# 
_pdbx_initial_refinement_model.id               1 
_pdbx_initial_refinement_model.entity_id_list   ? 
_pdbx_initial_refinement_model.type             'experimental model' 
_pdbx_initial_refinement_model.source_name      PDB 
_pdbx_initial_refinement_model.accession_code   1XGW 
_pdbx_initial_refinement_model.details          'PDB ENTRY 1XGW' 
# 
